data_7LVV
#
_entry.id   7LVV
#
_cell.length_a   1.00
_cell.length_b   1.00
_cell.length_c   1.00
_cell.angle_alpha   90.00
_cell.angle_beta   90.00
_cell.angle_gamma   90.00
#
_symmetry.space_group_name_H-M   'P 1'
#
loop_
_entity.id
_entity.type
_entity.pdbx_description
1 polymer 'Site-specific DNA-methyltransferase (adenine-specific)'
2 polymer 'DNA (28-MER)'
3 polymer 'DNA (27-MER)'
4 non-polymer S-ADENOSYLMETHIONINE
5 non-polymer 'CALCIUM ION'
#
loop_
_entity_poly.entity_id
_entity_poly.type
_entity_poly.pdbx_seq_one_letter_code
_entity_poly.pdbx_strand_id
1 'polypeptide(L)'
;MSLQLVKKFQKRLEDIVAYGGTRNESSVRAAFQQLLSDWAEGSGLRLITEVTQKAVAGNNVRPDGTLKDSLQQSRGYWES
KDEADTLDDEIQKKLAKGYPRDNIIFEDSRLAVLMQNGEEVQRVDMGDAGALAGLLKLFFEFEPPQVLEFRKAVDHFKDE
MPHLLKILREAADAAEQKADYRGERDHFVEIAKEAINPDFSPRDAREMLIQHILTGDLFTSVFDNAQYHEDNNIAQQLQQ
LAATFYKGPVKRDIAERTKRYYGAIQAAAAQIADHHEKQRFLKALYENFYRAYNPAGAERLGIFYTPGEIVRFMIEATDT
LLEKHFQKELADKGVEILDPATGTGTFITELIDFLPKAKLEQKYREELHCNELALLPYYIANLNIEATYAQKMGRYEEFR
NIVLVDTLDNTGFGVHGQQSGLFGSVTAENLERAKRQNARPVRVIIGNPPYRANQANENDNNKNREYKEIDRRIKATYVA
ASTAQKTKLYDMYSRFLRWATDRLKEDGIVAFVSNSSFIDSRTFDGFRKEVVKDFDHIYILDMKGNANTSGERRKREGGN
VFNDQIKVGVAVYFLVRSAAGKRKSKDTKIWYHAVPDFWRAREKLEWLKTTKFEDIEFDHIRPDAKHNWLGQVDEENDWN
EFLPVADKDTKQAKGLGQERAIFKLYSLGVVTNRDEWVYSRAEDELADKVRYFIGRYNEIIKLPLGDLMSRNWEGDIKMT
RATIADAQSRKSYSLEKNSIVPSLYRPFDVLKMYFSKNLNEMQYQMPSIFPKGVGENVVIALSGSPAAKPFQVLATDILP
SLDLLEKTQCLPFYRYTMNGERLNNITDYALKAFQTHYADTSISREDIFHYVYAVLHHPAYREKYALNLRQEFPRIPFYP
EFGRWAAWGRELMALHIGFESVAPYPLKRTDEPPKNDTPEALALAKKARLKVQRDAAKQPTGAVELDGLTTLAGIPAAAW
AYKLGNRSALEWVLERHKETTPKDATIREKFNTYRFADHKERVIDLLARVTTVSVETVRIVGEMPAETM
;
A,B,C,D
2 'polydeoxyribonucleotide'
;(DC)(DA)(DG)(DC)(DC)(DC)(DA)(DT)(DG)(DG)(DA)(DC)(DC)(DC)(DA)(DG)(DA)(DA)(DC)(DC)
(DA)(DC)(DC)(DC)(DA)(DC)(DC)(DC)(DG)
;
E,G
3 'polydeoxyribonucleotide'
;(DG)(DG)(DG)(DT)(DG)(DG)(DG)(DT)(DG)(DG)(DT)(DT)(DC)(DT)(DG)(DG)(DG)(DT)(DC)(DC)
(DA)(DT)(DG)(DG)(DG)(DC)(DT)(DG)(DC)
;
F,H
#
# COMPACT_ATOMS: atom_id res chain seq x y z
N SER A 2 -4.81 -11.27 30.08
CA SER A 2 -5.47 -11.03 31.39
C SER A 2 -4.57 -11.46 32.56
N LEU A 3 -4.85 -10.98 33.78
CA LEU A 3 -4.02 -11.32 34.97
C LEU A 3 -4.02 -12.84 35.15
N GLN A 4 -5.06 -13.52 34.67
CA GLN A 4 -5.12 -15.00 34.74
C GLN A 4 -3.89 -15.57 34.02
N LEU A 5 -3.62 -15.08 32.81
CA LEU A 5 -2.47 -15.57 32.01
C LEU A 5 -1.16 -15.28 32.76
N VAL A 6 -1.06 -14.11 33.39
CA VAL A 6 0.16 -13.73 34.16
C VAL A 6 0.41 -14.78 35.26
N LYS A 7 -0.63 -15.15 36.00
CA LYS A 7 -0.50 -16.18 37.06
C LYS A 7 -0.06 -17.51 36.43
N LYS A 8 -0.62 -17.86 35.27
CA LYS A 8 -0.24 -19.13 34.57
C LYS A 8 1.25 -19.09 34.26
N PHE A 9 1.77 -17.95 33.77
CA PHE A 9 3.21 -17.82 33.46
C PHE A 9 4.04 -18.05 34.72
N GLN A 10 3.62 -17.46 35.84
CA GLN A 10 4.39 -17.60 37.11
C GLN A 10 4.42 -19.07 37.52
N LYS A 11 3.36 -19.83 37.21
CA LYS A 11 3.32 -21.28 37.54
C LYS A 11 4.22 -22.07 36.59
N ARG A 12 4.44 -21.55 35.37
CA ARG A 12 5.33 -22.23 34.40
C ARG A 12 6.79 -21.87 34.72
N LEU A 13 7.02 -20.67 35.25
CA LEU A 13 8.39 -20.22 35.59
C LEU A 13 8.97 -21.16 36.67
N GLU A 14 8.22 -21.39 37.75
CA GLU A 14 8.69 -22.30 38.82
C GLU A 14 8.76 -23.74 38.28
N ASP A 15 7.83 -24.12 37.40
CA ASP A 15 7.81 -25.52 36.87
C ASP A 15 9.12 -25.81 36.14
N ILE A 16 9.65 -24.83 35.42
CA ILE A 16 10.91 -25.03 34.63
C ILE A 16 12.09 -25.20 35.60
N VAL A 17 12.09 -24.48 36.72
CA VAL A 17 13.23 -24.55 37.68
C VAL A 17 12.96 -25.61 38.74
N ALA A 18 11.88 -26.40 38.58
CA ALA A 18 11.57 -27.48 39.55
C ALA A 18 11.64 -28.84 38.85
N TYR A 19 11.01 -28.97 37.69
CA TYR A 19 11.06 -30.26 36.93
C TYR A 19 12.44 -30.38 36.29
N GLY A 20 12.84 -29.39 35.51
CA GLY A 20 14.15 -29.42 34.86
C GLY A 20 15.26 -28.93 35.78
N GLY A 21 14.90 -28.11 36.79
CA GLY A 21 15.93 -27.52 37.66
C GLY A 21 16.91 -26.71 36.84
N THR A 22 16.45 -26.08 35.76
CA THR A 22 17.45 -25.42 34.86
C THR A 22 17.46 -23.91 35.08
N ARG A 23 18.66 -23.32 35.14
CA ARG A 23 18.80 -21.85 35.34
C ARG A 23 19.43 -21.23 34.08
N ASN A 24 19.50 -22.00 32.98
CA ASN A 24 20.08 -21.51 31.71
C ASN A 24 19.03 -20.67 30.97
N GLU A 25 19.45 -19.63 30.25
CA GLU A 25 18.51 -18.80 29.45
C GLU A 25 17.76 -19.71 28.47
N SER A 26 18.44 -20.70 27.89
CA SER A 26 17.83 -21.69 26.98
C SER A 26 16.67 -22.42 27.63
N SER A 27 16.40 -22.13 28.96
CA SER A 27 15.31 -22.90 29.57
C SER A 27 14.53 -22.04 30.54
N VAL A 28 15.10 -21.00 31.13
CA VAL A 28 14.30 -20.11 32.02
C VAL A 28 13.40 -19.18 31.19
N ARG A 29 13.46 -19.09 29.91
CA ARG A 29 12.63 -18.10 29.19
C ARG A 29 11.37 -18.76 28.62
N ALA A 30 11.35 -20.09 28.45
CA ALA A 30 10.22 -20.78 27.80
C ALA A 30 8.87 -20.31 28.37
N ALA A 31 8.83 -19.97 29.65
CA ALA A 31 7.57 -19.53 30.30
C ALA A 31 7.06 -18.25 29.64
N PHE A 32 7.90 -17.22 29.56
CA PHE A 32 7.50 -15.92 28.96
C PHE A 32 7.14 -16.12 27.48
N GLN A 33 7.88 -16.97 26.78
CA GLN A 33 7.56 -17.27 25.35
C GLN A 33 6.09 -17.65 25.24
N GLN A 34 5.63 -18.61 26.05
CA GLN A 34 4.22 -19.07 26.01
C GLN A 34 3.27 -17.93 26.43
N LEU A 35 3.67 -17.12 27.42
CA LEU A 35 2.78 -16.05 27.93
C LEU A 35 2.46 -15.04 26.82
N LEU A 36 3.48 -14.43 26.21
CA LEU A 36 3.25 -13.38 25.19
C LEU A 36 2.45 -14.07 24.09
N SER A 37 2.82 -15.31 23.74
CA SER A 37 2.13 -16.04 22.66
C SER A 37 0.63 -16.13 22.94
N ASP A 38 0.24 -16.37 24.19
CA ASP A 38 -1.22 -16.56 24.39
C ASP A 38 -1.92 -15.20 24.44
N TRP A 39 -1.24 -14.17 24.95
CA TRP A 39 -1.84 -12.81 24.94
C TRP A 39 -1.98 -12.33 23.50
N ALA A 40 -0.93 -12.53 22.71
CA ALA A 40 -0.91 -12.05 21.32
C ALA A 40 -2.08 -12.63 20.55
N GLU A 41 -2.32 -13.93 20.65
CA GLU A 41 -3.40 -14.54 19.83
C GLU A 41 -4.72 -13.81 20.11
N GLY A 42 -4.87 -13.23 21.31
CA GLY A 42 -6.08 -12.43 21.61
C GLY A 42 -6.09 -11.12 20.85
N SER A 43 -4.97 -10.38 20.85
CA SER A 43 -4.97 -9.04 20.22
C SER A 43 -5.16 -9.14 18.69
N GLY A 44 -4.46 -10.08 18.04
CA GLY A 44 -4.55 -10.24 16.58
C GLY A 44 -3.16 -10.33 15.96
N LEU A 45 -2.12 -10.40 16.79
CA LEU A 45 -0.72 -10.52 16.30
C LEU A 45 -0.23 -11.93 16.70
N ARG A 46 1.05 -12.28 16.51
CA ARG A 46 1.58 -13.59 16.98
C ARG A 46 3.08 -13.47 17.23
N LEU A 47 3.63 -14.17 18.22
CA LEU A 47 5.07 -14.00 18.57
C LEU A 47 5.88 -15.02 17.81
N ILE A 48 6.81 -14.56 16.99
CA ILE A 48 7.65 -15.48 16.18
C ILE A 48 9.09 -15.39 16.67
N THR A 49 9.67 -16.51 17.06
CA THR A 49 11.00 -16.51 17.72
C THR A 49 12.19 -16.35 16.78
N GLU A 50 13.32 -15.92 17.33
CA GLU A 50 14.59 -15.71 16.56
C GLU A 50 14.39 -15.22 15.12
N VAL A 51 13.60 -14.16 14.92
CA VAL A 51 13.50 -13.58 13.55
C VAL A 51 14.80 -12.81 13.30
N THR A 52 15.70 -13.25 12.46
CA THR A 52 16.92 -12.43 12.26
C THR A 52 16.53 -11.08 11.65
N GLN A 53 16.81 -10.00 12.37
CA GLN A 53 16.47 -8.63 11.90
C GLN A 53 17.78 -7.91 11.60
N LYS A 54 17.75 -6.75 10.95
CA LYS A 54 18.99 -5.97 10.71
C LYS A 54 19.07 -4.84 11.74
N ALA A 55 20.29 -4.41 12.09
CA ALA A 55 20.45 -3.35 13.11
C ALA A 55 20.71 -2.00 12.42
N VAL A 56 21.01 -0.97 13.21
CA VAL A 56 21.36 0.37 12.62
C VAL A 56 22.68 0.22 11.88
N ALA A 57 23.64 -0.49 12.48
CA ALA A 57 24.93 -0.75 11.81
C ALA A 57 24.72 -1.71 10.64
N GLY A 58 23.71 -2.58 10.77
CA GLY A 58 23.45 -3.60 9.74
C GLY A 58 23.66 -4.98 10.34
N ASN A 59 24.52 -5.09 11.34
CA ASN A 59 24.87 -6.43 11.92
C ASN A 59 23.58 -7.19 12.23
N ASN A 60 23.45 -8.38 11.66
CA ASN A 60 22.22 -9.18 11.88
C ASN A 60 22.02 -9.40 13.37
N VAL A 61 20.96 -8.83 13.94
CA VAL A 61 20.66 -9.07 15.38
C VAL A 61 19.55 -10.11 15.44
N ARG A 62 19.18 -10.57 16.63
CA ARG A 62 18.14 -11.63 16.75
C ARG A 62 17.34 -11.42 18.03
N PRO A 63 16.42 -10.44 18.13
CA PRO A 63 15.55 -10.33 19.31
C PRO A 63 14.88 -11.69 19.51
N ASP A 64 14.80 -12.16 20.76
CA ASP A 64 14.32 -13.54 20.95
C ASP A 64 12.91 -13.66 20.39
N GLY A 65 12.12 -12.60 20.39
CA GLY A 65 10.79 -12.71 19.76
C GLY A 65 10.42 -11.45 19.01
N THR A 66 9.31 -11.43 18.29
CA THR A 66 8.81 -10.30 17.47
C THR A 66 7.29 -10.41 17.37
N LEU A 67 6.57 -9.29 17.53
CA LEU A 67 5.08 -9.31 17.50
C LEU A 67 4.60 -9.18 16.06
N LYS A 68 4.87 -10.12 15.18
CA LYS A 68 4.52 -10.00 13.75
C LYS A 68 3.01 -9.83 13.50
N ASP A 69 2.60 -9.08 12.50
CA ASP A 69 1.16 -8.79 12.15
C ASP A 69 0.65 -9.74 11.08
N SER A 70 -0.41 -9.38 10.35
CA SER A 70 -0.92 -10.22 9.22
C SER A 70 -0.24 -9.81 7.91
N LEU A 71 0.41 -8.65 7.92
CA LEU A 71 1.19 -8.17 6.75
C LEU A 71 2.65 -8.31 7.17
N GLN A 72 2.92 -9.26 8.05
CA GLN A 72 4.30 -9.54 8.47
C GLN A 72 5.05 -8.26 8.86
N GLN A 73 4.41 -7.34 9.56
CA GLN A 73 5.15 -6.15 10.07
C GLN A 73 5.28 -6.30 11.59
N SER A 74 6.38 -5.84 12.21
CA SER A 74 6.61 -6.05 13.66
C SER A 74 5.91 -4.99 14.50
N ARG A 75 5.04 -5.32 15.49
CA ARG A 75 4.48 -4.23 16.30
C ARG A 75 5.34 -4.09 17.55
N GLY A 76 6.31 -4.99 17.77
CA GLY A 76 7.13 -4.99 18.99
C GLY A 76 8.16 -6.09 19.07
N TYR A 77 8.95 -6.13 20.15
CA TYR A 77 10.05 -7.12 20.30
C TYR A 77 10.19 -7.58 21.75
N TRP A 78 10.93 -8.66 22.00
CA TRP A 78 11.11 -9.23 23.36
C TRP A 78 12.54 -9.76 23.45
N GLU A 79 13.27 -9.45 24.52
CA GLU A 79 14.62 -10.02 24.67
C GLU A 79 14.70 -10.64 26.05
N SER A 80 14.45 -11.94 26.15
CA SER A 80 14.62 -12.60 27.45
C SER A 80 16.09 -12.85 27.74
N LYS A 81 16.56 -12.41 28.90
CA LYS A 81 17.94 -12.69 29.33
C LYS A 81 17.86 -13.69 30.48
N ASP A 82 18.97 -13.95 31.18
CA ASP A 82 18.94 -14.98 32.27
C ASP A 82 18.55 -14.31 33.58
N GLU A 83 17.95 -15.07 34.51
CA GLU A 83 17.54 -14.54 35.83
C GLU A 83 18.71 -13.86 36.55
N ALA A 84 19.91 -14.43 36.45
CA ALA A 84 21.07 -13.92 37.24
C ALA A 84 21.59 -12.57 36.74
N ASP A 85 21.97 -12.45 35.46
CA ASP A 85 22.62 -11.21 34.96
C ASP A 85 21.78 -9.97 35.23
N THR A 86 22.42 -8.86 35.66
CA THR A 86 21.71 -7.58 35.84
C THR A 86 21.11 -7.16 34.51
N LEU A 87 19.98 -6.49 34.52
CA LEU A 87 19.31 -6.21 33.24
C LEU A 87 19.76 -4.85 32.81
N ASP A 88 19.80 -3.89 33.74
CA ASP A 88 20.08 -2.50 33.27
C ASP A 88 21.47 -2.36 32.64
N ASP A 89 22.47 -3.14 33.07
CA ASP A 89 23.76 -3.06 32.37
C ASP A 89 23.61 -3.66 30.98
N GLU A 90 23.21 -4.93 30.88
CA GLU A 90 23.11 -5.61 29.57
C GLU A 90 22.04 -4.96 28.69
N ILE A 91 21.08 -4.23 29.24
CA ILE A 91 20.12 -3.53 28.33
C ILE A 91 21.01 -2.56 27.57
N GLN A 92 21.88 -1.83 28.26
CA GLN A 92 22.70 -0.80 27.55
C GLN A 92 23.83 -1.41 26.73
N LYS A 93 24.22 -2.67 26.98
CA LYS A 93 25.24 -3.32 26.10
C LYS A 93 24.57 -3.93 24.88
N LYS A 94 23.46 -4.64 25.05
CA LYS A 94 22.76 -5.17 23.87
C LYS A 94 22.35 -4.02 22.96
N LEU A 95 21.81 -2.95 23.54
CA LEU A 95 21.29 -1.84 22.70
C LEU A 95 22.40 -1.27 21.83
N ALA A 96 23.63 -1.25 22.34
CA ALA A 96 24.76 -0.68 21.58
C ALA A 96 24.96 -1.40 20.23
N LYS A 97 24.76 -2.72 20.19
CA LYS A 97 24.96 -3.51 18.94
C LYS A 97 23.86 -3.16 17.96
N GLY A 98 22.78 -2.52 18.44
CA GLY A 98 21.72 -2.03 17.55
C GLY A 98 20.39 -2.64 17.87
N TYR A 99 20.21 -3.20 19.01
CA TYR A 99 18.95 -3.92 19.28
C TYR A 99 17.75 -2.97 19.10
N PRO A 100 16.55 -3.37 18.74
CA PRO A 100 15.45 -2.40 18.61
C PRO A 100 15.07 -1.64 19.89
N ARG A 101 14.46 -0.46 19.75
CA ARG A 101 14.12 0.38 20.92
C ARG A 101 12.68 0.89 20.81
N ASP A 102 11.97 0.54 19.73
CA ASP A 102 10.61 1.07 19.50
C ASP A 102 9.63 0.52 20.55
N ASN A 103 9.70 -0.78 20.83
CA ASN A 103 8.74 -1.42 21.77
C ASN A 103 9.36 -2.73 22.25
N ILE A 104 10.51 -2.67 22.91
CA ILE A 104 11.20 -3.94 23.31
C ILE A 104 10.93 -4.25 24.79
N ILE A 105 10.52 -5.48 25.08
CA ILE A 105 10.33 -5.88 26.50
C ILE A 105 11.61 -6.59 26.96
N PHE A 106 12.54 -5.87 27.60
CA PHE A 106 13.74 -6.55 28.15
C PHE A 106 13.33 -7.36 29.38
N GLU A 107 13.36 -8.70 29.28
CA GLU A 107 12.93 -9.55 30.41
C GLU A 107 14.14 -10.32 30.96
N ASP A 108 14.12 -10.72 32.23
CA ASP A 108 15.22 -11.55 32.79
C ASP A 108 14.65 -12.55 33.81
N SER A 109 13.49 -13.15 33.53
CA SER A 109 12.94 -14.20 34.43
C SER A 109 12.89 -13.72 35.89
N ARG A 110 12.79 -12.41 36.11
CA ARG A 110 12.77 -11.85 37.50
C ARG A 110 12.28 -10.39 37.43
N LEU A 111 12.50 -9.75 36.28
CA LEU A 111 12.12 -8.32 36.13
C LEU A 111 11.82 -8.05 34.65
N ALA A 112 10.69 -7.41 34.36
CA ALA A 112 10.35 -7.09 32.94
C ALA A 112 10.28 -5.56 32.79
N VAL A 113 11.13 -5.01 31.91
CA VAL A 113 11.12 -3.53 31.67
C VAL A 113 10.64 -3.26 30.25
N LEU A 114 9.92 -2.16 30.03
CA LEU A 114 9.52 -1.78 28.66
C LEU A 114 10.24 -0.49 28.30
N MET A 115 11.18 -0.51 27.34
CA MET A 115 11.84 0.73 26.86
C MET A 115 11.13 1.14 25.58
N GLN A 116 10.08 1.95 25.64
CA GLN A 116 9.26 2.30 24.45
C GLN A 116 9.70 3.66 23.93
N ASN A 117 10.26 3.72 22.73
CA ASN A 117 10.78 4.98 22.11
C ASN A 117 12.09 5.39 22.82
N GLY A 118 12.92 4.41 23.17
CA GLY A 118 14.14 4.71 23.93
C GLY A 118 13.75 5.25 25.28
N GLU A 119 12.64 4.77 25.85
CA GLU A 119 12.18 5.41 27.11
C GLU A 119 11.63 4.35 28.05
N GLU A 120 12.27 4.16 29.21
CA GLU A 120 11.73 3.21 30.22
C GLU A 120 10.39 3.74 30.72
N VAL A 121 9.30 3.01 30.43
CA VAL A 121 7.95 3.44 30.92
C VAL A 121 7.56 2.58 32.14
N GLN A 122 7.77 1.27 32.07
CA GLN A 122 7.30 0.39 33.19
C GLN A 122 8.36 -0.65 33.55
N ARG A 123 9.02 -0.48 34.70
CA ARG A 123 10.06 -1.43 35.18
C ARG A 123 9.40 -2.38 36.19
N VAL A 124 8.28 -2.98 35.85
CA VAL A 124 7.53 -3.82 36.83
C VAL A 124 8.39 -5.00 37.26
N ASP A 125 8.78 -5.07 38.54
CA ASP A 125 9.49 -6.29 38.99
C ASP A 125 8.50 -7.44 38.83
N MET A 126 8.93 -8.55 38.23
CA MET A 126 7.98 -9.66 37.94
C MET A 126 7.52 -10.38 39.20
N GLY A 127 6.62 -11.36 39.04
CA GLY A 127 6.02 -12.00 40.23
C GLY A 127 4.94 -11.08 40.75
N ASP A 128 4.22 -10.42 39.84
CA ASP A 128 3.22 -9.41 40.27
C ASP A 128 1.78 -9.84 39.96
N ALA A 129 0.88 -9.67 40.94
CA ALA A 129 -0.56 -9.98 40.78
C ALA A 129 -1.32 -8.69 40.46
N GLY A 130 -0.92 -7.99 39.39
CA GLY A 130 -1.63 -6.77 38.92
C GLY A 130 -0.89 -6.00 37.83
N ALA A 131 0.22 -5.34 38.17
CA ALA A 131 0.90 -4.47 37.18
C ALA A 131 1.64 -5.25 36.10
N LEU A 132 1.90 -6.56 36.29
CA LEU A 132 2.51 -7.35 35.18
C LEU A 132 1.46 -7.46 34.08
N ALA A 133 0.20 -7.70 34.47
CA ALA A 133 -0.89 -7.70 33.47
C ALA A 133 -0.95 -6.30 32.86
N GLY A 134 -0.84 -5.25 33.70
CA GLY A 134 -0.79 -3.89 33.11
C GLY A 134 0.28 -3.78 32.02
N LEU A 135 1.51 -4.21 32.30
CA LEU A 135 2.64 -4.16 31.33
C LEU A 135 2.22 -4.83 30.03
N LEU A 136 1.77 -6.08 30.13
CA LEU A 136 1.49 -6.77 28.84
C LEU A 136 0.35 -6.07 28.10
N LYS A 137 -0.68 -5.60 28.81
CA LYS A 137 -1.75 -4.82 28.14
C LYS A 137 -1.11 -3.67 27.34
N LEU A 138 -0.34 -2.81 28.00
CA LEU A 138 0.28 -1.63 27.31
C LEU A 138 1.09 -2.07 26.08
N PHE A 139 1.92 -3.12 26.25
CA PHE A 139 2.75 -3.62 25.13
C PHE A 139 1.87 -4.03 23.95
N PHE A 140 0.87 -4.89 24.18
CA PHE A 140 0.01 -5.41 23.09
C PHE A 140 -0.99 -4.35 22.61
N GLU A 141 -0.99 -3.16 23.23
CA GLU A 141 -1.89 -2.06 22.78
C GLU A 141 -1.07 -0.82 22.38
N PHE A 142 0.24 -0.96 22.16
CA PHE A 142 1.06 0.19 21.66
C PHE A 142 0.61 0.62 20.25
N GLU A 143 0.71 1.92 19.94
CA GLU A 143 0.31 2.45 18.60
C GLU A 143 1.47 2.33 17.59
N PRO A 144 1.43 1.55 16.48
CA PRO A 144 2.59 1.39 15.61
C PRO A 144 2.92 2.75 15.01
N PRO A 145 4.18 3.18 14.73
CA PRO A 145 4.40 4.47 14.10
C PRO A 145 3.57 4.63 12.82
N GLN A 146 3.04 3.53 12.29
CA GLN A 146 2.30 3.59 11.02
C GLN A 146 0.85 4.03 11.22
N VAL A 147 0.27 3.79 12.39
CA VAL A 147 -1.17 4.11 12.58
C VAL A 147 -1.30 5.63 12.67
N LEU A 148 -0.28 6.29 13.21
CA LEU A 148 -0.37 7.76 13.40
C LEU A 148 -0.19 8.45 12.05
N GLU A 149 0.33 7.74 11.06
CA GLU A 149 0.40 8.34 9.70
C GLU A 149 -0.94 8.08 9.01
N PHE A 150 -1.58 6.93 9.24
CA PHE A 150 -2.91 6.75 8.61
C PHE A 150 -3.82 7.83 9.15
N ARG A 151 -3.58 8.25 10.38
CA ARG A 151 -4.41 9.35 10.96
C ARG A 151 -4.08 10.66 10.23
N LYS A 152 -2.79 10.96 10.04
CA LYS A 152 -2.36 12.21 9.36
C LYS A 152 -2.95 12.27 7.95
N ALA A 153 -2.89 11.16 7.20
CA ALA A 153 -3.39 11.14 5.80
C ALA A 153 -4.91 11.29 5.77
N VAL A 154 -5.61 10.79 6.80
CA VAL A 154 -7.09 10.93 6.87
C VAL A 154 -7.42 12.44 6.91
N ASP A 155 -6.71 13.20 7.74
CA ASP A 155 -6.97 14.66 7.87
C ASP A 155 -6.61 15.39 6.56
N HIS A 156 -5.49 15.08 5.98
CA HIS A 156 -5.23 15.77 4.70
C HIS A 156 -6.41 15.54 3.76
N PHE A 157 -6.87 14.30 3.60
CA PHE A 157 -7.94 14.03 2.61
C PHE A 157 -9.19 14.76 3.08
N LYS A 158 -9.35 14.87 4.39
CA LYS A 158 -10.53 15.62 4.88
C LYS A 158 -10.43 17.07 4.43
N ASP A 159 -9.31 17.48 3.86
CA ASP A 159 -9.22 18.92 3.53
C ASP A 159 -8.84 19.16 2.07
N GLU A 160 -8.43 18.12 1.36
CA GLU A 160 -8.19 18.29 -0.08
C GLU A 160 -9.25 17.48 -0.79
N MET A 161 -10.46 17.48 -0.22
CA MET A 161 -11.61 16.78 -0.85
C MET A 161 -12.29 17.69 -1.87
N PRO A 162 -12.58 19.00 -1.64
CA PRO A 162 -13.15 19.85 -2.69
C PRO A 162 -12.30 19.84 -3.97
N HIS A 163 -10.98 19.99 -3.84
CA HIS A 163 -10.08 20.01 -5.02
C HIS A 163 -10.23 18.69 -5.79
N LEU A 164 -10.28 17.56 -5.08
CA LEU A 164 -10.43 16.23 -5.73
C LEU A 164 -11.84 16.12 -6.32
N LEU A 165 -12.85 16.64 -5.62
CA LEU A 165 -14.26 16.53 -6.09
C LEU A 165 -14.44 17.38 -7.35
N LYS A 166 -13.73 18.50 -7.46
CA LYS A 166 -13.82 19.37 -8.66
C LYS A 166 -13.51 18.53 -9.90
N ILE A 167 -12.47 17.69 -9.85
CA ILE A 167 -12.11 16.81 -10.99
C ILE A 167 -13.33 15.96 -11.37
N LEU A 168 -13.93 15.27 -10.40
CA LEU A 168 -15.11 14.39 -10.67
C LEU A 168 -16.28 15.23 -11.20
N ARG A 169 -16.49 16.43 -10.64
CA ARG A 169 -17.58 17.32 -11.11
C ARG A 169 -17.36 17.64 -12.59
N GLU A 170 -16.18 18.16 -12.95
CA GLU A 170 -15.86 18.49 -14.36
C GLU A 170 -16.18 17.30 -15.26
N ALA A 171 -15.76 16.09 -14.85
CA ALA A 171 -16.00 14.87 -15.66
C ALA A 171 -17.49 14.72 -15.98
N ALA A 172 -18.35 14.75 -14.96
CA ALA A 172 -19.80 14.50 -15.19
C ALA A 172 -20.44 15.57 -16.08
N ASP A 173 -19.95 16.82 -16.04
CA ASP A 173 -20.50 17.86 -16.95
C ASP A 173 -20.11 17.52 -18.37
N ALA A 174 -18.84 17.20 -18.59
CA ALA A 174 -18.36 16.94 -19.96
C ALA A 174 -18.88 15.60 -20.45
N ALA A 175 -19.58 14.87 -19.61
CA ALA A 175 -20.12 13.61 -20.14
C ALA A 175 -21.50 13.90 -20.67
N GLU A 176 -22.07 15.04 -20.30
CA GLU A 176 -23.48 15.32 -20.69
C GLU A 176 -23.51 15.74 -22.14
N GLN A 177 -22.36 15.66 -22.78
CA GLN A 177 -22.30 15.99 -24.21
C GLN A 177 -22.69 14.73 -24.96
N LYS A 178 -22.72 13.59 -24.27
CA LYS A 178 -23.00 12.32 -24.96
C LYS A 178 -24.51 12.06 -25.02
N ALA A 179 -24.95 11.12 -25.84
CA ALA A 179 -26.40 10.85 -25.96
C ALA A 179 -26.60 9.49 -25.33
N ASP A 180 -25.52 8.85 -24.96
CA ASP A 180 -25.70 7.59 -24.20
C ASP A 180 -25.79 7.97 -22.72
N TYR A 181 -24.97 8.91 -22.26
CA TYR A 181 -25.12 9.37 -20.87
C TYR A 181 -26.48 9.99 -20.76
N ARG A 182 -26.77 11.00 -21.57
CA ARG A 182 -28.05 11.75 -21.46
C ARG A 182 -29.27 10.85 -21.55
N GLY A 183 -29.13 9.68 -22.13
CA GLY A 183 -30.32 8.84 -22.29
C GLY A 183 -30.46 7.94 -21.11
N GLU A 184 -29.33 7.51 -20.58
CA GLU A 184 -29.42 6.55 -19.48
C GLU A 184 -29.63 7.29 -18.16
N ARG A 185 -29.20 8.55 -18.05
CA ARG A 185 -29.36 9.34 -16.80
C ARG A 185 -30.77 9.86 -16.76
N ASP A 186 -31.57 9.60 -17.77
CA ASP A 186 -32.98 10.04 -17.66
C ASP A 186 -33.80 8.80 -17.41
N HIS A 187 -33.17 7.65 -17.48
CA HIS A 187 -33.94 6.44 -17.08
C HIS A 187 -33.57 6.18 -15.64
N PHE A 188 -32.35 6.53 -15.22
CA PHE A 188 -32.09 6.38 -13.78
C PHE A 188 -33.14 7.22 -13.10
N VAL A 189 -33.33 8.46 -13.53
CA VAL A 189 -34.28 9.35 -12.82
C VAL A 189 -35.63 8.68 -12.74
N GLU A 190 -36.07 8.05 -13.81
CA GLU A 190 -37.43 7.51 -13.74
C GLU A 190 -37.47 6.38 -12.74
N ILE A 191 -36.48 5.49 -12.73
CA ILE A 191 -36.62 4.36 -11.76
C ILE A 191 -36.52 4.90 -10.36
N ALA A 192 -35.84 6.03 -10.15
CA ALA A 192 -35.66 6.57 -8.79
C ALA A 192 -36.71 7.63 -8.49
N LYS A 193 -37.81 7.66 -9.22
CA LYS A 193 -38.92 8.57 -8.86
C LYS A 193 -40.03 7.68 -8.37
N GLU A 194 -39.70 6.46 -7.91
CA GLU A 194 -40.69 5.61 -7.20
C GLU A 194 -40.00 4.86 -6.06
N ALA A 195 -38.67 4.95 -5.96
CA ALA A 195 -37.93 4.16 -4.95
C ALA A 195 -37.48 5.03 -3.78
N ILE A 196 -36.46 5.86 -3.97
CA ILE A 196 -35.88 6.62 -2.82
C ILE A 196 -36.40 8.06 -2.76
N ASN A 197 -36.32 8.82 -3.86
CA ASN A 197 -36.70 10.26 -3.79
C ASN A 197 -37.78 10.55 -4.84
N PRO A 198 -39.05 10.80 -4.43
CA PRO A 198 -40.12 11.13 -5.38
C PRO A 198 -39.86 12.43 -6.14
N ASP A 199 -38.80 13.16 -5.77
CA ASP A 199 -38.43 14.41 -6.50
C ASP A 199 -37.01 14.24 -7.04
N PHE A 200 -36.65 13.02 -7.45
CA PHE A 200 -35.29 12.75 -7.99
C PHE A 200 -35.00 13.68 -9.16
N SER A 201 -34.03 14.58 -9.00
CA SER A 201 -33.70 15.55 -10.07
C SER A 201 -32.54 15.00 -10.91
N PRO A 202 -32.35 15.43 -12.17
CA PRO A 202 -31.19 15.00 -12.96
C PRO A 202 -29.88 15.29 -12.21
N ARG A 203 -29.91 16.26 -11.32
CA ARG A 203 -28.70 16.67 -10.56
C ARG A 203 -28.51 15.75 -9.37
N ASP A 204 -29.56 15.09 -8.92
CA ASP A 204 -29.45 14.02 -7.88
C ASP A 204 -28.83 12.79 -8.53
N ALA A 205 -29.21 12.45 -9.77
CA ALA A 205 -28.61 11.31 -10.48
C ALA A 205 -27.12 11.57 -10.70
N ARG A 206 -26.76 12.82 -11.01
CA ARG A 206 -25.33 13.18 -11.19
C ARG A 206 -24.58 12.98 -9.86
N GLU A 207 -25.21 13.36 -8.75
CA GLU A 207 -24.58 13.20 -7.41
C GLU A 207 -24.31 11.71 -7.15
N MET A 208 -25.32 10.86 -7.36
CA MET A 208 -25.16 9.40 -7.16
C MET A 208 -23.99 8.90 -8.00
N LEU A 209 -23.95 9.26 -9.29
CA LEU A 209 -22.83 8.86 -10.18
C LEU A 209 -21.50 9.22 -9.54
N ILE A 210 -21.35 10.48 -9.10
CA ILE A 210 -20.07 10.94 -8.47
C ILE A 210 -19.70 10.03 -7.30
N GLN A 211 -20.64 9.82 -6.36
CA GLN A 211 -20.38 8.98 -5.16
C GLN A 211 -19.93 7.58 -5.59
N HIS A 212 -20.70 6.94 -6.48
CA HIS A 212 -20.39 5.57 -6.96
C HIS A 212 -18.92 5.50 -7.41
N ILE A 213 -18.52 6.36 -8.35
CA ILE A 213 -17.13 6.34 -8.89
C ILE A 213 -16.14 6.65 -7.75
N LEU A 214 -16.33 7.77 -7.04
CA LEU A 214 -15.38 8.18 -5.97
C LEU A 214 -15.12 7.03 -5.00
N THR A 215 -16.18 6.37 -4.50
CA THR A 215 -15.98 5.31 -3.48
C THR A 215 -15.47 4.02 -4.14
N GLY A 216 -15.75 3.84 -5.43
CA GLY A 216 -15.23 2.66 -6.14
C GLY A 216 -13.71 2.61 -6.12
N ASP A 217 -13.06 3.75 -6.38
CA ASP A 217 -11.58 3.81 -6.42
C ASP A 217 -11.00 3.57 -5.01
N LEU A 218 -11.72 4.02 -3.97
CA LEU A 218 -11.21 3.89 -2.58
C LEU A 218 -11.47 2.47 -2.06
N PHE A 219 -12.57 1.84 -2.49
CA PHE A 219 -12.92 0.50 -1.99
C PHE A 219 -11.93 -0.54 -2.54
N THR A 220 -11.40 -0.32 -3.74
CA THR A 220 -10.49 -1.32 -4.36
C THR A 220 -9.05 -1.12 -3.89
N SER A 221 -8.72 0.05 -3.33
CA SER A 221 -7.32 0.33 -2.93
C SER A 221 -7.21 0.38 -1.41
N VAL A 222 -7.75 1.43 -0.79
CA VAL A 222 -7.68 1.60 0.69
C VAL A 222 -8.21 0.33 1.37
N PHE A 223 -9.32 -0.23 0.85
CA PHE A 223 -9.95 -1.38 1.52
C PHE A 223 -9.81 -2.68 0.74
N ASP A 224 -9.24 -2.63 -0.45
CA ASP A 224 -8.92 -3.84 -1.26
C ASP A 224 -10.13 -4.60 -1.80
N ASN A 225 -11.35 -4.22 -1.41
CA ASN A 225 -12.57 -4.97 -1.85
C ASN A 225 -13.14 -4.36 -3.14
N ALA A 226 -12.70 -4.84 -4.29
CA ALA A 226 -13.26 -4.37 -5.59
C ALA A 226 -14.49 -5.19 -5.92
N GLN A 227 -14.53 -6.45 -5.46
CA GLN A 227 -15.65 -7.36 -5.79
C GLN A 227 -16.96 -6.88 -5.15
N TYR A 228 -16.88 -6.03 -4.12
CA TYR A 228 -18.13 -5.47 -3.53
C TYR A 228 -18.98 -4.85 -4.65
N HIS A 229 -18.40 -3.97 -5.46
CA HIS A 229 -19.18 -3.26 -6.51
C HIS A 229 -19.70 -4.24 -7.58
N GLU A 230 -19.01 -5.37 -7.78
CA GLU A 230 -19.41 -6.36 -8.81
C GLU A 230 -20.51 -7.27 -8.26
N ASP A 231 -20.80 -7.20 -6.95
CA ASP A 231 -21.81 -8.09 -6.33
C ASP A 231 -23.04 -7.27 -5.90
N ASN A 232 -22.80 -6.07 -5.36
CA ASN A 232 -23.89 -5.22 -4.80
C ASN A 232 -24.90 -4.83 -5.87
N ASN A 233 -26.16 -5.16 -5.62
CA ASN A 233 -27.22 -4.88 -6.61
C ASN A 233 -27.19 -3.41 -6.97
N ILE A 234 -27.12 -2.52 -5.99
CA ILE A 234 -27.20 -1.06 -6.29
C ILE A 234 -26.01 -0.73 -7.19
N ALA A 235 -24.80 -1.17 -6.92
CA ALA A 235 -23.69 -0.75 -7.81
C ALA A 235 -24.00 -1.11 -9.23
N GLN A 236 -24.44 -2.31 -9.47
CA GLN A 236 -24.63 -2.75 -10.86
C GLN A 236 -25.65 -1.86 -11.54
N GLN A 237 -26.71 -1.46 -10.85
CA GLN A 237 -27.73 -0.69 -11.58
C GLN A 237 -27.11 0.64 -11.96
N LEU A 238 -26.11 1.06 -11.21
CA LEU A 238 -25.50 2.39 -11.48
C LEU A 238 -24.32 2.30 -12.46
N GLN A 239 -23.66 1.15 -12.64
CA GLN A 239 -22.48 1.15 -13.54
C GLN A 239 -23.10 1.15 -14.90
N GLN A 240 -24.29 0.61 -14.97
CA GLN A 240 -24.96 0.72 -16.26
C GLN A 240 -24.86 2.19 -16.65
N LEU A 241 -24.97 3.10 -15.68
CA LEU A 241 -24.98 4.53 -16.05
C LEU A 241 -23.56 5.06 -16.03
N ALA A 242 -22.63 4.43 -15.32
CA ALA A 242 -21.30 5.05 -15.24
C ALA A 242 -20.41 4.59 -16.40
N ALA A 243 -20.52 3.33 -16.81
CA ALA A 243 -19.63 2.82 -17.88
C ALA A 243 -20.23 3.32 -19.16
N THR A 244 -20.75 4.52 -19.08
CA THR A 244 -21.25 5.13 -20.33
C THR A 244 -20.26 6.24 -20.60
N PHE A 245 -19.54 6.66 -19.54
CA PHE A 245 -18.56 7.77 -19.66
C PHE A 245 -17.23 7.34 -19.03
N TYR A 246 -17.27 6.62 -17.91
CA TYR A 246 -16.03 6.11 -17.27
C TYR A 246 -15.55 4.90 -18.07
N LYS A 247 -14.98 5.12 -19.26
CA LYS A 247 -14.59 3.99 -20.14
C LYS A 247 -13.27 4.29 -20.85
N GLY A 248 -12.41 3.29 -20.99
CA GLY A 248 -11.13 3.45 -21.74
C GLY A 248 -10.40 4.74 -21.45
N PRO A 249 -10.15 5.59 -22.47
CA PRO A 249 -9.37 6.83 -22.29
C PRO A 249 -9.91 7.70 -21.16
N VAL A 250 -11.20 8.06 -21.20
CA VAL A 250 -11.80 8.94 -20.17
C VAL A 250 -11.55 8.34 -18.79
N LYS A 251 -11.89 7.06 -18.59
CA LYS A 251 -11.65 6.37 -17.29
C LYS A 251 -10.21 6.61 -16.84
N ARG A 252 -9.24 6.27 -17.70
CA ARG A 252 -7.80 6.42 -17.35
C ARG A 252 -7.50 7.88 -16.98
N ASP A 253 -7.91 8.83 -17.82
CA ASP A 253 -7.62 10.27 -17.57
C ASP A 253 -8.08 10.67 -16.17
N ILE A 254 -9.38 10.49 -15.87
CA ILE A 254 -9.92 10.90 -14.55
C ILE A 254 -9.12 10.22 -13.44
N ALA A 255 -8.91 8.90 -13.54
CA ALA A 255 -8.18 8.15 -12.48
C ALA A 255 -6.78 8.73 -12.26
N GLU A 256 -6.06 9.10 -13.34
CA GLU A 256 -4.66 9.59 -13.20
C GLU A 256 -4.65 11.04 -12.71
N ARG A 257 -5.75 11.77 -12.91
CA ARG A 257 -5.84 13.19 -12.45
C ARG A 257 -6.22 13.20 -10.96
N THR A 258 -6.86 12.14 -10.47
CA THR A 258 -7.30 12.08 -9.06
C THR A 258 -6.23 11.40 -8.20
N LYS A 259 -5.08 11.07 -8.79
CA LYS A 259 -4.02 10.32 -8.05
C LYS A 259 -3.30 11.21 -7.05
N ARG A 260 -3.10 12.50 -7.34
CA ARG A 260 -2.30 13.37 -6.44
C ARG A 260 -3.11 13.65 -5.16
N TYR A 261 -4.26 12.99 -5.01
CA TYR A 261 -5.09 13.14 -3.80
C TYR A 261 -5.27 11.78 -3.14
N TYR A 262 -5.54 10.75 -3.91
CA TYR A 262 -5.79 9.40 -3.38
C TYR A 262 -4.48 8.74 -3.00
N GLY A 263 -3.36 9.13 -3.59
CA GLY A 263 -2.06 8.46 -3.38
C GLY A 263 -1.67 8.24 -1.92
N ALA A 264 -1.41 9.30 -1.16
CA ALA A 264 -0.91 9.16 0.23
C ALA A 264 -1.83 8.28 1.08
N ILE A 265 -3.15 8.43 0.94
CA ILE A 265 -4.09 7.68 1.83
C ILE A 265 -3.95 6.18 1.60
N GLN A 266 -3.61 5.86 0.35
CA GLN A 266 -3.45 4.45 -0.09
C GLN A 266 -2.00 4.07 0.13
N ALA A 267 -1.22 4.96 0.71
CA ALA A 267 0.17 4.57 1.02
C ALA A 267 0.38 4.54 2.51
N ALA A 268 -0.69 4.63 3.27
CA ALA A 268 -0.60 4.51 4.73
C ALA A 268 -1.73 3.58 5.12
N ALA A 269 -2.68 3.39 4.22
CA ALA A 269 -3.81 2.51 4.51
C ALA A 269 -3.40 1.12 4.10
N ALA A 270 -2.25 1.04 3.44
CA ALA A 270 -1.77 -0.31 3.10
C ALA A 270 -0.84 -0.80 4.21
N GLN A 271 -0.37 0.07 5.08
CA GLN A 271 0.59 -0.38 6.10
C GLN A 271 -0.13 -0.64 7.40
N ILE A 272 -1.44 -0.41 7.47
CA ILE A 272 -2.23 -0.77 8.67
C ILE A 272 -3.02 -2.01 8.23
N ALA A 273 -3.40 -2.91 9.11
CA ALA A 273 -4.07 -4.14 8.64
C ALA A 273 -5.17 -4.53 9.62
N ASP A 274 -5.79 -3.52 10.25
CA ASP A 274 -6.95 -3.77 11.14
C ASP A 274 -8.10 -2.92 10.60
N HIS A 275 -9.26 -3.53 10.30
CA HIS A 275 -10.36 -2.75 9.66
C HIS A 275 -10.88 -1.68 10.63
N HIS A 276 -10.81 -1.93 11.94
CA HIS A 276 -11.35 -0.97 12.94
C HIS A 276 -10.61 0.37 12.84
N GLU A 277 -9.32 0.35 12.49
CA GLU A 277 -8.55 1.61 12.29
C GLU A 277 -8.97 2.24 10.96
N LYS A 278 -9.17 1.41 9.92
CA LYS A 278 -9.56 1.92 8.57
C LYS A 278 -10.99 2.45 8.59
N GLN A 279 -11.78 2.09 9.61
CA GLN A 279 -13.19 2.57 9.72
C GLN A 279 -13.20 4.08 9.99
N ARG A 280 -12.12 4.62 10.55
CA ARG A 280 -12.02 6.08 10.79
C ARG A 280 -12.13 6.83 9.46
N PHE A 281 -11.53 6.30 8.39
CA PHE A 281 -11.66 6.94 7.06
C PHE A 281 -13.09 6.75 6.53
N LEU A 282 -13.65 5.54 6.63
CA LEU A 282 -15.06 5.31 6.20
C LEU A 282 -15.93 6.43 6.79
N LYS A 283 -15.82 6.68 8.10
CA LYS A 283 -16.60 7.77 8.75
C LYS A 283 -16.24 9.12 8.10
N ALA A 284 -14.95 9.48 8.08
CA ALA A 284 -14.51 10.78 7.51
C ALA A 284 -15.14 11.00 6.14
N LEU A 285 -14.93 10.07 5.19
CA LEU A 285 -15.49 10.21 3.82
C LEU A 285 -17.00 10.43 3.90
N TYR A 286 -17.70 9.59 4.66
CA TYR A 286 -19.19 9.69 4.79
C TYR A 286 -19.60 11.14 5.07
N GLU A 287 -19.00 11.79 6.07
CA GLU A 287 -19.45 13.17 6.41
C GLU A 287 -18.84 14.20 5.44
N ASN A 288 -17.50 14.28 5.39
CA ASN A 288 -16.81 15.32 4.57
C ASN A 288 -17.37 15.44 3.14
N PHE A 289 -17.68 14.32 2.48
CA PHE A 289 -18.16 14.39 1.07
C PHE A 289 -19.28 15.42 0.95
N TYR A 290 -20.33 15.28 1.77
CA TYR A 290 -21.51 16.19 1.65
C TYR A 290 -21.09 17.63 1.94
N ARG A 291 -20.31 17.85 2.99
CA ARG A 291 -19.90 19.23 3.36
C ARG A 291 -19.04 19.85 2.24
N ALA A 292 -18.45 19.02 1.38
CA ALA A 292 -17.58 19.52 0.28
C ALA A 292 -18.31 19.43 -1.06
N TYR A 293 -19.56 18.98 -1.08
CA TYR A 293 -20.31 18.81 -2.36
C TYR A 293 -21.75 19.26 -2.21
N ASN A 294 -22.58 18.47 -1.51
CA ASN A 294 -24.03 18.80 -1.39
C ASN A 294 -24.41 18.94 0.09
N PRO A 295 -24.28 20.14 0.70
CA PRO A 295 -24.70 20.36 2.09
C PRO A 295 -26.24 20.34 2.22
N ALA A 296 -26.97 20.56 1.12
CA ALA A 296 -28.45 20.47 1.15
C ALA A 296 -28.86 19.06 1.56
N GLY A 297 -28.20 18.04 0.98
CA GLY A 297 -28.47 16.65 1.40
C GLY A 297 -28.07 16.45 2.84
N ALA A 298 -26.88 16.94 3.23
CA ALA A 298 -26.39 16.80 4.61
C ALA A 298 -27.39 17.37 5.62
N GLU A 299 -28.28 18.26 5.17
CA GLU A 299 -29.23 18.91 6.10
C GLU A 299 -30.41 17.97 6.40
N ARG A 300 -31.25 17.68 5.41
CA ARG A 300 -32.46 16.85 5.65
C ARG A 300 -32.07 15.45 6.12
N LEU A 301 -31.06 14.83 5.50
CA LEU A 301 -30.62 13.47 5.91
C LEU A 301 -29.95 13.55 7.28
N GLY A 302 -29.41 14.72 7.64
CA GLY A 302 -28.76 14.89 8.95
C GLY A 302 -27.55 13.97 9.07
N ILE A 303 -26.79 13.81 7.98
CA ILE A 303 -25.63 12.88 8.00
C ILE A 303 -24.68 13.25 9.16
N PHE A 304 -24.44 12.30 10.07
CA PHE A 304 -23.53 12.52 11.22
C PHE A 304 -23.10 11.14 11.70
N TYR A 305 -21.97 11.06 12.42
CA TYR A 305 -21.55 9.76 13.00
C TYR A 305 -21.81 9.77 14.50
N THR A 306 -22.25 8.62 15.05
CA THR A 306 -22.53 8.53 16.51
C THR A 306 -21.29 7.91 17.19
N PRO A 307 -20.63 8.62 18.12
CA PRO A 307 -19.48 8.07 18.84
C PRO A 307 -19.72 6.64 19.37
N GLY A 308 -18.72 5.76 19.21
CA GLY A 308 -18.87 4.34 19.61
C GLY A 308 -19.35 4.15 21.04
N GLU A 309 -18.96 5.03 21.97
CA GLU A 309 -19.31 4.85 23.41
C GLU A 309 -20.85 4.80 23.55
N ILE A 310 -21.55 5.75 22.95
CA ILE A 310 -23.04 5.78 23.00
C ILE A 310 -23.58 4.47 22.42
N VAL A 311 -23.14 4.12 21.22
CA VAL A 311 -23.62 2.87 20.54
C VAL A 311 -23.42 1.67 21.48
N ARG A 312 -22.19 1.43 21.92
CA ARG A 312 -21.93 0.27 22.78
C ARG A 312 -22.83 0.38 24.02
N PHE A 313 -22.96 1.54 24.63
CA PHE A 313 -23.87 1.59 25.79
C PHE A 313 -25.25 1.18 25.32
N MET A 314 -25.73 1.71 24.21
CA MET A 314 -27.13 1.46 23.79
C MET A 314 -27.37 -0.02 23.47
N ILE A 315 -26.35 -0.82 23.17
CA ILE A 315 -26.42 -2.29 22.89
C ILE A 315 -26.44 -3.08 24.20
N GLU A 316 -25.49 -2.83 25.11
CA GLU A 316 -25.43 -3.64 26.35
C GLU A 316 -26.66 -3.35 27.23
N ALA A 317 -27.20 -2.12 27.12
CA ALA A 317 -28.37 -1.72 27.94
C ALA A 317 -29.63 -2.44 27.44
N THR A 318 -29.78 -2.57 26.12
CA THR A 318 -30.95 -3.29 25.56
C THR A 318 -30.85 -4.78 25.91
N ASP A 319 -29.63 -5.33 25.91
CA ASP A 319 -29.43 -6.75 26.31
C ASP A 319 -29.82 -6.90 27.79
N THR A 320 -29.48 -5.92 28.62
CA THR A 320 -29.77 -6.00 30.08
C THR A 320 -31.21 -5.55 30.37
N LEU A 321 -32.03 -5.35 29.34
CA LEU A 321 -33.46 -5.00 29.54
C LEU A 321 -34.29 -6.11 28.88
N LEU A 322 -33.64 -6.93 28.05
CA LEU A 322 -34.37 -7.99 27.29
C LEU A 322 -34.83 -9.10 28.24
N GLU A 323 -34.06 -9.36 29.29
CA GLU A 323 -34.41 -10.41 30.27
C GLU A 323 -35.20 -9.78 31.41
N LYS A 324 -35.11 -8.45 31.56
CA LYS A 324 -35.77 -7.76 32.70
C LYS A 324 -37.28 -7.76 32.54
N HIS A 325 -37.79 -7.18 31.44
CA HIS A 325 -39.27 -7.03 31.29
C HIS A 325 -39.82 -8.14 30.39
N PHE A 326 -39.06 -8.56 29.38
CA PHE A 326 -39.48 -9.70 28.52
C PHE A 326 -38.83 -10.96 29.06
N GLN A 327 -38.04 -11.69 28.28
CA GLN A 327 -37.26 -12.85 28.81
C GLN A 327 -36.42 -13.45 27.70
N LYS A 328 -35.23 -12.91 27.45
CA LYS A 328 -34.41 -13.38 26.32
C LYS A 328 -32.99 -12.82 26.48
N GLU A 329 -32.16 -12.90 25.44
CA GLU A 329 -30.78 -12.33 25.46
C GLU A 329 -30.51 -11.97 24.00
N LEU A 330 -29.70 -10.93 23.72
CA LEU A 330 -29.62 -10.45 22.33
C LEU A 330 -29.33 -11.64 21.42
N ALA A 331 -28.50 -12.57 21.87
CA ALA A 331 -28.11 -13.70 21.00
C ALA A 331 -29.11 -14.82 21.20
N ASP A 332 -30.40 -14.53 21.10
CA ASP A 332 -31.40 -15.64 21.21
C ASP A 332 -32.04 -15.86 19.84
N LYS A 333 -33.25 -16.35 19.80
CA LYS A 333 -33.78 -16.61 18.45
C LYS A 333 -35.12 -15.92 18.37
N GLY A 334 -35.20 -14.87 17.59
CA GLY A 334 -36.46 -14.14 17.58
C GLY A 334 -36.20 -12.71 17.94
N VAL A 335 -34.99 -12.43 18.37
CA VAL A 335 -34.67 -11.02 18.64
C VAL A 335 -34.30 -10.40 17.31
N GLU A 336 -35.28 -10.03 16.50
CA GLU A 336 -35.00 -9.48 15.17
C GLU A 336 -34.65 -8.02 15.36
N ILE A 337 -33.40 -7.63 15.15
CA ILE A 337 -32.98 -6.25 15.46
C ILE A 337 -32.95 -5.37 14.22
N LEU A 338 -33.96 -4.55 13.95
CA LEU A 338 -33.92 -3.58 12.84
C LEU A 338 -33.09 -2.40 13.27
N ASP A 339 -32.70 -1.55 12.36
CA ASP A 339 -31.99 -0.30 12.69
C ASP A 339 -32.24 0.62 11.51
N PRO A 340 -33.29 1.45 11.52
CA PRO A 340 -33.49 2.37 10.44
C PRO A 340 -32.32 3.35 10.50
N ALA A 341 -32.09 4.14 9.46
CA ALA A 341 -31.02 5.16 9.56
C ALA A 341 -29.70 4.52 9.94
N THR A 342 -29.13 3.70 9.08
CA THR A 342 -27.90 2.99 9.48
C THR A 342 -26.64 3.80 9.22
N GLY A 343 -26.63 4.69 8.26
CA GLY A 343 -25.44 5.54 8.10
C GLY A 343 -24.17 4.73 8.00
N THR A 344 -23.17 5.00 8.79
CA THR A 344 -21.90 4.28 8.58
C THR A 344 -22.04 2.83 9.03
N GLY A 345 -23.15 2.45 9.65
CA GLY A 345 -23.34 1.03 10.03
C GLY A 345 -22.79 0.74 11.41
N THR A 346 -22.46 1.75 12.21
CA THR A 346 -21.82 1.49 13.52
C THR A 346 -22.80 0.82 14.46
N PHE A 347 -24.05 0.64 14.08
CA PHE A 347 -25.03 0.09 15.03
C PHE A 347 -25.14 -1.40 14.81
N ILE A 348 -24.63 -1.90 13.69
CA ILE A 348 -24.69 -3.34 13.39
C ILE A 348 -23.27 -3.90 13.40
N THR A 349 -22.25 -3.11 13.15
CA THR A 349 -20.84 -3.58 13.29
C THR A 349 -20.54 -3.86 14.77
N GLU A 350 -20.97 -2.98 15.68
CA GLU A 350 -20.71 -3.17 17.12
C GLU A 350 -21.59 -4.31 17.65
N LEU A 351 -22.75 -4.55 17.03
CA LEU A 351 -23.60 -5.70 17.45
C LEU A 351 -22.88 -7.00 17.10
N ILE A 352 -22.31 -7.09 15.89
CA ILE A 352 -21.52 -8.29 15.50
C ILE A 352 -20.47 -8.57 16.58
N ASP A 353 -19.76 -7.53 17.02
CA ASP A 353 -18.69 -7.68 18.03
C ASP A 353 -19.27 -8.08 19.39
N PHE A 354 -20.49 -7.61 19.70
CA PHE A 354 -21.16 -7.99 20.98
C PHE A 354 -21.55 -9.47 20.93
N LEU A 355 -22.22 -9.91 19.86
CA LEU A 355 -22.72 -11.31 19.75
C LEU A 355 -21.56 -12.32 19.91
N PRO A 356 -21.78 -13.48 20.57
CA PRO A 356 -20.75 -14.52 20.72
C PRO A 356 -20.37 -15.16 19.37
N LYS A 357 -19.21 -15.83 19.32
CA LYS A 357 -18.73 -16.40 18.04
C LYS A 357 -19.30 -17.80 17.81
N ALA A 358 -20.54 -18.08 18.25
CA ALA A 358 -21.15 -19.38 17.92
C ALA A 358 -22.50 -19.14 17.27
N LYS A 359 -23.33 -18.33 17.91
CA LYS A 359 -24.68 -18.13 17.37
C LYS A 359 -24.60 -16.98 16.37
N LEU A 360 -23.44 -16.34 16.26
CA LEU A 360 -23.33 -15.15 15.37
C LEU A 360 -23.86 -15.52 13.99
N GLU A 361 -23.49 -16.68 13.47
CA GLU A 361 -23.92 -17.11 12.13
C GLU A 361 -25.40 -16.89 11.94
N GLN A 362 -26.26 -17.49 12.78
CA GLN A 362 -27.73 -17.38 12.61
C GLN A 362 -28.15 -15.90 12.70
N LYS A 363 -27.55 -15.11 13.59
CA LYS A 363 -27.98 -13.70 13.78
C LYS A 363 -27.56 -12.87 12.57
N TYR A 364 -26.30 -12.97 12.16
CA TYR A 364 -25.81 -12.24 10.96
C TYR A 364 -26.69 -12.60 9.76
N ARG A 365 -27.04 -13.87 9.61
CA ARG A 365 -27.79 -14.33 8.41
C ARG A 365 -29.20 -13.72 8.32
N GLU A 366 -30.03 -13.86 9.36
CA GLU A 366 -31.44 -13.41 9.19
C GLU A 366 -32.02 -12.65 10.39
N GLU A 367 -31.20 -12.15 11.32
CA GLU A 367 -31.83 -11.38 12.44
C GLU A 367 -31.34 -9.92 12.42
N LEU A 368 -30.14 -9.68 11.88
CA LEU A 368 -29.63 -8.30 11.78
C LEU A 368 -30.17 -7.67 10.49
N HIS A 369 -30.93 -6.57 10.60
CA HIS A 369 -31.45 -5.88 9.38
C HIS A 369 -30.97 -4.43 9.35
N CYS A 370 -30.93 -3.83 8.16
CA CYS A 370 -30.42 -2.43 8.02
C CYS A 370 -31.31 -1.67 7.03
N ASN A 371 -31.30 -0.32 7.12
CA ASN A 371 -32.12 0.52 6.20
C ASN A 371 -31.36 1.82 5.91
N GLU A 372 -31.33 2.24 4.64
CA GLU A 372 -30.56 3.46 4.25
C GLU A 372 -31.30 4.21 3.13
N LEU A 373 -31.01 5.51 2.95
CA LEU A 373 -31.62 6.29 1.85
C LEU A 373 -30.54 6.76 0.87
N ALA A 374 -29.41 7.24 1.40
CA ALA A 374 -28.35 7.79 0.52
C ALA A 374 -27.45 6.67 -0.01
N LEU A 375 -26.65 6.97 -1.02
CA LEU A 375 -25.79 5.95 -1.67
C LEU A 375 -24.50 5.75 -0.87
N LEU A 376 -23.74 6.82 -0.67
CA LEU A 376 -22.44 6.72 0.06
C LEU A 376 -22.62 5.99 1.40
N PRO A 377 -23.49 6.40 2.35
CA PRO A 377 -23.72 5.63 3.58
C PRO A 377 -24.04 4.15 3.31
N TYR A 378 -25.01 3.87 2.43
CA TYR A 378 -25.41 2.48 2.12
C TYR A 378 -24.18 1.64 1.76
N TYR A 379 -23.39 2.10 0.78
CA TYR A 379 -22.19 1.35 0.33
C TYR A 379 -21.25 1.16 1.52
N ILE A 380 -20.92 2.25 2.21
CA ILE A 380 -19.99 2.20 3.36
C ILE A 380 -20.50 1.18 4.40
N ALA A 381 -21.77 1.27 4.78
CA ALA A 381 -22.34 0.37 5.81
C ALA A 381 -22.18 -1.08 5.35
N ASN A 382 -22.65 -1.42 4.16
CA ASN A 382 -22.59 -2.83 3.66
C ASN A 382 -21.15 -3.33 3.74
N LEU A 383 -20.21 -2.62 3.11
CA LEU A 383 -18.78 -3.03 3.12
C LEU A 383 -18.32 -3.22 4.58
N ASN A 384 -18.57 -2.23 5.44
CA ASN A 384 -18.15 -2.30 6.87
C ASN A 384 -18.66 -3.59 7.50
N ILE A 385 -19.96 -3.87 7.40
CA ILE A 385 -20.56 -5.07 8.04
C ILE A 385 -19.85 -6.34 7.56
N GLU A 386 -19.66 -6.48 6.24
CA GLU A 386 -19.05 -7.72 5.68
C GLU A 386 -17.58 -7.84 6.14
N ALA A 387 -16.87 -6.71 6.23
CA ALA A 387 -15.46 -6.72 6.66
C ALA A 387 -15.38 -7.04 8.16
N THR A 388 -16.35 -6.56 8.95
CA THR A 388 -16.40 -6.88 10.40
C THR A 388 -16.70 -8.37 10.56
N TYR A 389 -17.53 -8.94 9.68
CA TYR A 389 -17.82 -10.40 9.70
C TYR A 389 -16.53 -11.17 9.41
N ALA A 390 -15.74 -10.68 8.43
CA ALA A 390 -14.45 -11.34 8.10
C ALA A 390 -13.52 -11.26 9.31
N GLN A 391 -13.52 -10.14 10.03
CA GLN A 391 -12.62 -9.96 11.20
C GLN A 391 -13.11 -10.79 12.39
N LYS A 392 -14.40 -11.11 12.44
CA LYS A 392 -14.98 -11.83 13.61
C LYS A 392 -15.13 -13.32 13.29
N MET A 393 -16.09 -13.68 12.44
CA MET A 393 -16.36 -15.11 12.14
C MET A 393 -15.22 -15.69 11.28
N GLY A 394 -15.24 -15.41 9.97
CA GLY A 394 -14.21 -16.02 9.11
C GLY A 394 -14.32 -15.64 7.64
N ARG A 395 -15.10 -16.37 6.85
CA ARG A 395 -15.12 -16.12 5.38
C ARG A 395 -16.16 -15.09 4.97
N TYR A 396 -15.75 -14.07 4.22
CA TYR A 396 -16.66 -12.99 3.79
C TYR A 396 -17.95 -13.61 3.25
N GLU A 397 -19.09 -13.17 3.76
CA GLU A 397 -20.40 -13.62 3.26
C GLU A 397 -21.27 -12.40 3.07
N GLU A 398 -21.66 -12.10 1.84
CA GLU A 398 -22.45 -10.89 1.51
C GLU A 398 -23.58 -10.65 2.52
N PHE A 399 -23.63 -9.50 3.20
CA PHE A 399 -24.77 -9.25 4.11
C PHE A 399 -25.95 -9.01 3.20
N ARG A 400 -26.97 -9.82 3.34
CA ARG A 400 -28.12 -9.70 2.42
C ARG A 400 -29.35 -9.21 3.18
N ASN A 401 -29.20 -8.22 4.06
CA ASN A 401 -30.37 -7.64 4.76
C ASN A 401 -30.29 -6.12 4.75
N ILE A 402 -29.35 -5.47 4.07
CA ILE A 402 -29.37 -3.98 3.99
C ILE A 402 -30.32 -3.54 2.88
N VAL A 403 -30.92 -2.35 2.92
CA VAL A 403 -31.77 -1.93 1.77
C VAL A 403 -31.63 -0.43 1.51
N LEU A 404 -32.06 0.02 0.32
CA LEU A 404 -32.11 1.46 0.00
C LEU A 404 -33.56 1.85 -0.07
N VAL A 405 -34.20 2.09 1.07
CA VAL A 405 -35.62 2.54 1.07
C VAL A 405 -35.77 3.71 2.02
N ASP A 406 -36.77 4.54 1.80
CA ASP A 406 -37.04 5.66 2.73
C ASP A 406 -37.85 5.04 3.86
N THR A 407 -37.22 4.77 5.00
CA THR A 407 -37.90 4.01 6.08
C THR A 407 -39.27 4.59 6.34
N LEU A 408 -39.38 5.90 6.37
CA LEU A 408 -40.67 6.47 6.78
C LEU A 408 -41.70 6.25 5.68
N ASP A 409 -41.25 5.86 4.50
CA ASP A 409 -42.21 5.70 3.38
C ASP A 409 -42.41 4.22 3.11
N ASN A 410 -41.51 3.35 3.57
CA ASN A 410 -41.72 1.89 3.43
C ASN A 410 -42.84 1.49 4.37
N THR A 411 -44.09 1.57 3.91
CA THR A 411 -45.26 1.17 4.72
C THR A 411 -46.08 0.14 3.95
N LEU A 422 -44.24 -0.68 -3.79
CA LEU A 422 -43.25 -0.33 -4.84
C LEU A 422 -42.16 0.56 -4.23
N PHE A 423 -41.71 0.23 -3.02
CA PHE A 423 -40.65 1.04 -2.35
C PHE A 423 -39.33 0.26 -2.39
N GLY A 424 -38.26 0.90 -2.88
CA GLY A 424 -36.96 0.22 -3.03
C GLY A 424 -36.91 -0.45 -4.39
N SER A 425 -37.67 0.09 -5.35
CA SER A 425 -37.76 -0.49 -6.71
C SER A 425 -36.51 -0.22 -7.53
N VAL A 426 -35.52 0.48 -6.97
CA VAL A 426 -34.25 0.71 -7.71
C VAL A 426 -33.72 -0.65 -8.19
N THR A 427 -33.63 -1.63 -7.28
CA THR A 427 -33.25 -3.01 -7.70
C THR A 427 -34.33 -3.97 -7.20
N ALA A 428 -34.75 -4.93 -8.04
CA ALA A 428 -35.74 -5.93 -7.61
C ALA A 428 -35.21 -6.64 -6.36
N GLU A 429 -33.88 -6.81 -6.26
CA GLU A 429 -33.26 -7.43 -5.05
C GLU A 429 -33.62 -6.62 -3.82
N ASN A 430 -33.35 -5.30 -3.81
CA ASN A 430 -33.61 -4.49 -2.59
C ASN A 430 -35.12 -4.40 -2.35
N LEU A 431 -35.93 -4.43 -3.41
CA LEU A 431 -37.40 -4.42 -3.23
C LEU A 431 -37.82 -5.65 -2.40
N GLU A 432 -37.44 -6.85 -2.84
CA GLU A 432 -37.85 -8.09 -2.12
C GLU A 432 -37.10 -8.20 -0.79
N ARG A 433 -35.92 -7.57 -0.69
CA ARG A 433 -35.16 -7.58 0.58
C ARG A 433 -35.94 -6.77 1.61
N ALA A 434 -36.56 -5.66 1.18
CA ALA A 434 -37.36 -4.81 2.09
C ALA A 434 -38.76 -5.42 2.28
N LYS A 435 -39.15 -6.36 1.41
CA LYS A 435 -40.45 -7.06 1.59
C LYS A 435 -40.28 -8.12 2.66
N ARG A 436 -39.15 -8.85 2.64
CA ARG A 436 -38.87 -9.86 3.69
C ARG A 436 -38.68 -9.13 5.01
N GLN A 437 -37.99 -7.99 4.98
CA GLN A 437 -37.81 -7.17 6.22
C GLN A 437 -39.19 -6.81 6.77
N ASN A 438 -40.07 -6.27 5.93
CA ASN A 438 -41.42 -5.88 6.38
C ASN A 438 -42.14 -7.09 6.98
N ALA A 439 -41.99 -8.27 6.36
CA ALA A 439 -42.71 -9.46 6.85
C ALA A 439 -42.15 -9.98 8.19
N ARG A 440 -40.92 -9.61 8.58
CA ARG A 440 -40.30 -10.17 9.83
C ARG A 440 -40.96 -9.70 11.15
N PRO A 441 -41.06 -10.50 12.26
CA PRO A 441 -41.58 -9.98 13.54
C PRO A 441 -40.43 -9.26 14.25
N VAL A 442 -40.20 -7.99 13.92
CA VAL A 442 -39.02 -7.25 14.48
C VAL A 442 -39.12 -7.11 16.00
N ARG A 443 -38.04 -7.17 16.81
CA ARG A 443 -38.20 -6.97 18.29
C ARG A 443 -37.36 -5.82 18.85
N VAL A 444 -36.15 -5.60 18.40
CA VAL A 444 -35.51 -4.34 18.89
C VAL A 444 -35.42 -3.29 17.77
N ILE A 445 -35.73 -2.03 18.07
CA ILE A 445 -35.58 -0.92 17.07
C ILE A 445 -34.54 0.06 17.61
N ILE A 446 -33.24 -0.23 17.38
CA ILE A 446 -32.14 0.64 17.87
C ILE A 446 -31.82 1.67 16.77
N GLY A 447 -31.09 2.75 17.09
CA GLY A 447 -30.69 3.66 15.99
C GLY A 447 -30.54 5.12 16.36
N ASN A 448 -30.13 5.95 15.38
CA ASN A 448 -29.95 7.40 15.59
C ASN A 448 -30.68 8.17 14.48
N PRO A 449 -31.89 8.72 14.76
CA PRO A 449 -32.67 9.43 13.73
C PRO A 449 -32.13 10.84 13.43
N PRO A 450 -32.47 11.48 12.29
CA PRO A 450 -32.08 12.86 12.03
C PRO A 450 -32.83 13.83 12.95
N TYR A 451 -32.20 14.88 13.42
CA TYR A 451 -33.03 15.71 14.28
C TYR A 451 -33.43 16.96 13.51
N ARG A 452 -33.33 16.98 12.19
CA ARG A 452 -33.59 18.26 11.48
C ARG A 452 -35.02 18.68 11.66
N ALA A 453 -35.29 19.98 11.63
CA ALA A 453 -36.73 20.31 11.70
C ALA A 453 -37.09 21.40 10.67
N ASN A 454 -36.43 22.55 10.73
CA ASN A 454 -36.79 23.70 9.86
C ASN A 454 -35.55 24.20 9.10
N GLN A 455 -35.68 24.94 7.99
CA GLN A 455 -34.54 25.41 7.13
C GLN A 455 -33.73 26.57 7.72
N ALA A 456 -32.62 26.97 7.18
CA ALA A 456 -31.96 28.14 7.76
C ALA A 456 -32.88 29.36 7.61
N ASN A 457 -32.87 29.95 6.42
CA ASN A 457 -33.75 31.10 6.16
C ASN A 457 -34.60 30.67 4.98
N GLU A 458 -35.74 31.29 4.75
CA GLU A 458 -36.61 30.79 3.67
C GLU A 458 -36.00 30.99 2.30
N ASN A 459 -34.86 31.63 2.18
CA ASN A 459 -34.28 31.72 0.82
C ASN A 459 -33.48 30.44 0.59
N ASP A 460 -33.39 29.59 1.59
CA ASP A 460 -32.68 28.30 1.40
C ASP A 460 -33.50 27.30 0.59
N ASN A 461 -34.81 27.14 0.83
CA ASN A 461 -35.58 26.22 -0.06
C ASN A 461 -35.22 24.77 0.27
N ASN A 462 -35.42 24.37 1.54
CA ASN A 462 -35.02 23.01 1.97
C ASN A 462 -35.92 22.57 3.11
N LYS A 463 -37.08 21.98 2.81
CA LYS A 463 -37.98 21.47 3.87
C LYS A 463 -37.86 19.95 3.94
N ASN A 464 -37.86 19.38 5.14
CA ASN A 464 -37.82 17.90 5.28
C ASN A 464 -39.04 17.33 4.56
N ARG A 465 -38.82 16.38 3.63
CA ARG A 465 -39.93 15.79 2.83
C ARG A 465 -41.12 15.48 3.73
N GLU A 466 -42.29 16.01 3.42
CA GLU A 466 -43.51 15.68 4.20
C GLU A 466 -43.83 14.20 3.99
N TYR A 467 -43.63 13.37 5.02
CA TYR A 467 -43.97 11.93 4.93
C TYR A 467 -45.48 11.78 5.14
N LYS A 468 -46.26 11.73 4.06
CA LYS A 468 -47.74 11.69 4.17
C LYS A 468 -48.20 10.58 5.13
N GLU A 469 -47.88 9.33 4.83
CA GLU A 469 -48.35 8.18 5.68
C GLU A 469 -47.91 8.39 7.13
N ILE A 470 -46.61 8.52 7.36
CA ILE A 470 -46.09 8.68 8.75
C ILE A 470 -46.69 9.94 9.39
N ASP A 471 -46.62 11.14 8.81
CA ASP A 471 -47.15 12.33 9.57
C ASP A 471 -48.64 12.19 9.86
N ARG A 472 -49.37 11.39 9.08
CA ARG A 472 -50.81 11.17 9.37
C ARG A 472 -50.94 10.55 10.78
N ARG A 473 -50.26 9.47 11.11
CA ARG A 473 -50.40 8.99 12.51
C ARG A 473 -49.80 10.00 13.51
N ILE A 474 -48.70 10.70 13.18
CA ILE A 474 -48.25 11.74 14.16
C ILE A 474 -49.44 12.66 14.48
N LYS A 475 -50.14 13.13 13.44
CA LYS A 475 -51.30 14.04 13.63
C LYS A 475 -52.37 13.36 14.51
N ALA A 476 -52.49 12.04 14.42
CA ALA A 476 -53.53 11.31 15.18
C ALA A 476 -53.03 10.91 16.57
N THR A 477 -51.73 11.08 16.84
CA THR A 477 -51.18 10.62 18.14
C THR A 477 -50.45 11.76 18.85
N TYR A 478 -49.19 12.01 18.50
CA TYR A 478 -48.38 13.04 19.22
C TYR A 478 -49.00 14.42 19.06
N VAL A 479 -49.25 14.84 17.82
CA VAL A 479 -49.83 16.20 17.56
C VAL A 479 -51.22 16.29 18.19
N ALA A 480 -52.03 15.23 18.08
CA ALA A 480 -53.42 15.25 18.62
C ALA A 480 -53.42 15.73 20.08
N ALA A 481 -52.66 15.05 20.94
CA ALA A 481 -52.67 15.39 22.39
C ALA A 481 -52.04 16.77 22.61
N SER A 482 -50.98 17.08 21.87
CA SER A 482 -50.28 18.38 22.07
C SER A 482 -51.17 19.54 21.65
N THR A 483 -51.56 20.39 22.61
CA THR A 483 -52.38 21.59 22.28
C THR A 483 -51.45 22.78 22.04
N ALA A 484 -50.17 22.52 21.80
CA ALA A 484 -49.18 23.61 21.59
C ALA A 484 -49.60 24.48 20.41
N GLN A 485 -49.64 25.80 20.62
CA GLN A 485 -50.02 26.73 19.53
C GLN A 485 -49.12 26.48 18.32
N LYS A 486 -47.83 26.18 18.55
CA LYS A 486 -46.91 25.90 17.43
C LYS A 486 -46.69 24.40 17.36
N THR A 487 -46.52 23.84 16.14
CA THR A 487 -46.40 22.36 16.25
C THR A 487 -45.05 21.91 15.69
N LYS A 488 -44.13 21.52 16.57
CA LYS A 488 -42.78 21.06 16.14
C LYS A 488 -42.65 19.57 16.45
N LEU A 489 -43.77 18.82 16.43
CA LEU A 489 -43.74 17.35 16.68
C LEU A 489 -43.55 16.65 15.33
N TYR A 490 -43.38 17.41 14.25
CA TYR A 490 -43.12 16.81 12.91
C TYR A 490 -41.61 16.72 12.69
N ASP A 491 -40.83 16.78 13.78
CA ASP A 491 -39.36 16.63 13.67
C ASP A 491 -39.05 15.24 13.13
N MET A 492 -37.98 15.10 12.34
CA MET A 492 -37.60 13.79 11.77
C MET A 492 -37.38 12.77 12.89
N TYR A 493 -36.87 13.20 14.04
CA TYR A 493 -36.67 12.28 15.20
C TYR A 493 -38.03 11.72 15.66
N SER A 494 -39.05 12.59 15.78
CA SER A 494 -40.38 12.15 16.26
C SER A 494 -41.07 11.33 15.16
N ARG A 495 -40.78 11.61 13.89
CA ARG A 495 -41.35 10.81 12.77
C ARG A 495 -40.77 9.40 12.85
N PHE A 496 -39.46 9.28 13.09
CA PHE A 496 -38.81 7.96 13.20
C PHE A 496 -39.38 7.23 14.43
N LEU A 497 -39.64 7.97 15.52
CA LEU A 497 -40.23 7.37 16.73
C LEU A 497 -41.59 6.76 16.38
N ARG A 498 -42.43 7.52 15.66
CA ARG A 498 -43.77 7.00 15.26
C ARG A 498 -43.59 5.71 14.45
N TRP A 499 -42.72 5.72 13.44
CA TRP A 499 -42.47 4.50 12.62
C TRP A 499 -42.00 3.36 13.52
N ALA A 500 -41.09 3.63 14.45
CA ALA A 500 -40.54 2.58 15.34
C ALA A 500 -41.64 1.96 16.21
N THR A 501 -42.49 2.80 16.83
CA THR A 501 -43.56 2.29 17.72
C THR A 501 -44.51 1.40 16.91
N ASP A 502 -44.73 1.75 15.64
CA ASP A 502 -45.69 0.99 14.79
C ASP A 502 -45.00 -0.23 14.17
N ARG A 503 -43.72 -0.27 14.12
CA ARG A 503 -43.14 -1.48 13.56
C ARG A 503 -43.22 -2.43 14.72
N LEU A 504 -42.77 -1.97 15.90
CA LEU A 504 -42.76 -2.83 17.12
C LEU A 504 -44.14 -3.45 17.33
N LYS A 505 -44.20 -4.78 17.37
CA LYS A 505 -45.49 -5.47 17.65
C LYS A 505 -45.69 -5.47 19.17
N GLU A 506 -45.12 -6.46 19.86
CA GLU A 506 -45.23 -6.54 21.34
C GLU A 506 -43.86 -6.93 21.91
N ASP A 507 -43.66 -6.78 23.22
CA ASP A 507 -42.41 -7.20 23.88
C ASP A 507 -41.18 -6.68 23.13
N GLY A 508 -41.03 -5.35 23.04
CA GLY A 508 -39.89 -4.78 22.28
C GLY A 508 -39.23 -3.63 23.00
N ILE A 509 -38.03 -3.22 22.56
CA ILE A 509 -37.28 -2.15 23.27
C ILE A 509 -36.80 -1.06 22.29
N VAL A 510 -37.68 -0.13 21.91
CA VAL A 510 -37.21 1.01 21.10
C VAL A 510 -36.13 1.78 21.86
N ALA A 511 -34.95 1.92 21.31
CA ALA A 511 -33.77 2.61 21.87
C ALA A 511 -33.25 3.61 20.83
N PHE A 512 -33.63 4.88 20.98
CA PHE A 512 -33.13 5.92 20.05
C PHE A 512 -32.34 6.97 20.84
N VAL A 513 -31.46 7.71 20.17
CA VAL A 513 -30.74 8.83 20.83
C VAL A 513 -31.13 10.09 20.03
N SER A 514 -31.74 11.09 20.68
CA SER A 514 -32.23 12.23 19.88
C SER A 514 -32.25 13.55 20.64
N ASN A 515 -32.86 14.58 20.04
CA ASN A 515 -32.98 15.91 20.69
C ASN A 515 -33.70 15.73 22.03
N SER A 516 -33.19 16.35 23.09
CA SER A 516 -33.78 16.20 24.46
C SER A 516 -34.92 17.19 24.66
N SER A 517 -35.68 17.51 23.61
CA SER A 517 -36.85 18.42 23.75
C SER A 517 -38.06 17.61 24.18
N PHE A 518 -38.10 16.32 23.83
CA PHE A 518 -39.24 15.44 24.20
C PHE A 518 -39.43 15.41 25.72
N ILE A 519 -38.34 15.51 26.49
CA ILE A 519 -38.44 15.43 27.98
C ILE A 519 -39.24 16.62 28.53
N ASP A 520 -38.95 17.84 28.06
CA ASP A 520 -39.63 19.05 28.61
C ASP A 520 -39.75 20.14 27.54
N SER A 521 -40.90 20.22 26.86
CA SER A 521 -41.15 21.31 25.87
C SER A 521 -42.67 21.54 25.80
N ARG A 522 -43.11 22.80 25.74
CA ARG A 522 -44.57 23.08 25.58
C ARG A 522 -45.04 22.26 24.37
N THR A 523 -44.27 22.27 23.29
CA THR A 523 -44.60 21.46 22.08
C THR A 523 -44.73 19.98 22.42
N PHE A 524 -43.79 19.40 23.18
CA PHE A 524 -43.81 17.93 23.41
C PHE A 524 -44.57 17.54 24.68
N ASP A 525 -45.44 18.42 25.19
CA ASP A 525 -46.26 18.08 26.39
C ASP A 525 -47.14 16.86 26.08
N GLY A 526 -47.69 16.80 24.87
CA GLY A 526 -48.60 15.70 24.51
C GLY A 526 -47.87 14.48 23.99
N PHE A 527 -46.66 14.68 23.46
CA PHE A 527 -45.84 13.50 23.04
C PHE A 527 -45.68 12.58 24.25
N ARG A 528 -45.23 13.14 25.37
CA ARG A 528 -45.05 12.35 26.62
C ARG A 528 -46.37 11.65 26.96
N LYS A 529 -47.47 12.42 27.05
CA LYS A 529 -48.80 11.86 27.40
C LYS A 529 -49.07 10.59 26.58
N GLU A 530 -48.88 10.64 25.26
CA GLU A 530 -49.20 9.48 24.41
C GLU A 530 -48.14 8.38 24.54
N VAL A 531 -46.86 8.76 24.71
CA VAL A 531 -45.77 7.74 24.73
C VAL A 531 -45.89 6.83 25.95
N VAL A 532 -46.43 7.32 27.07
CA VAL A 532 -46.53 6.50 28.32
C VAL A 532 -47.65 5.47 28.15
N LYS A 533 -48.57 5.70 27.20
CA LYS A 533 -49.68 4.74 26.96
C LYS A 533 -49.16 3.59 26.09
N ASP A 534 -48.19 3.86 25.20
CA ASP A 534 -47.72 2.80 24.27
C ASP A 534 -46.56 2.02 24.87
N PHE A 535 -46.17 2.29 26.12
CA PHE A 535 -44.97 1.63 26.72
C PHE A 535 -45.24 1.27 28.18
N ASP A 536 -44.43 0.38 28.75
CA ASP A 536 -44.62 -0.09 30.15
C ASP A 536 -43.52 0.50 31.04
N HIS A 537 -42.34 0.75 30.47
CA HIS A 537 -41.20 1.31 31.24
C HIS A 537 -40.46 2.34 30.38
N ILE A 538 -40.10 3.49 30.95
CA ILE A 538 -39.33 4.53 30.18
C ILE A 538 -38.04 4.81 30.94
N TYR A 539 -36.89 4.74 30.27
CA TYR A 539 -35.58 4.94 30.94
C TYR A 539 -34.80 6.05 30.22
N ILE A 540 -34.98 7.31 30.66
CA ILE A 540 -34.31 8.45 29.97
C ILE A 540 -32.94 8.69 30.57
N LEU A 541 -31.96 9.09 29.74
CA LEU A 541 -30.60 9.40 30.24
C LEU A 541 -30.15 10.71 29.59
N ASP A 542 -30.52 11.85 30.19
CA ASP A 542 -30.20 13.17 29.57
C ASP A 542 -28.68 13.40 29.61
N MET A 543 -28.11 13.58 28.41
CA MET A 543 -26.66 13.78 28.30
C MET A 543 -26.46 15.28 28.06
N LYS A 544 -27.52 16.08 28.20
CA LYS A 544 -27.46 17.56 28.05
C LYS A 544 -26.65 17.97 26.80
N GLY A 545 -25.76 18.94 26.95
CA GLY A 545 -24.95 19.42 25.81
C GLY A 545 -25.74 20.32 24.88
N ASN A 546 -26.66 21.12 25.43
CA ASN A 546 -27.42 22.08 24.59
C ASN A 546 -26.59 23.36 24.42
N ALA A 547 -26.62 23.96 23.22
CA ALA A 547 -25.78 25.14 22.97
C ALA A 547 -26.58 26.28 22.32
N ASN A 548 -27.89 26.12 22.08
CA ASN A 548 -28.65 27.26 21.55
C ASN A 548 -29.16 27.99 22.79
N THR A 549 -28.30 28.18 23.78
CA THR A 549 -28.71 28.85 25.03
C THR A 549 -27.58 29.80 25.41
N SER A 550 -27.81 30.76 26.29
CA SER A 550 -26.73 31.71 26.56
C SER A 550 -26.63 32.05 28.03
N GLY A 551 -25.43 32.40 28.49
CA GLY A 551 -25.24 32.83 29.89
C GLY A 551 -24.97 31.67 30.82
N GLU A 552 -25.65 31.63 31.97
CA GLU A 552 -25.42 30.56 32.97
C GLU A 552 -25.80 29.20 32.36
N ARG A 553 -26.71 29.19 31.34
CA ARG A 553 -27.28 27.88 30.94
C ARG A 553 -26.26 27.13 30.07
N ARG A 554 -25.59 27.89 29.23
CA ARG A 554 -24.62 27.32 28.31
C ARG A 554 -23.49 26.71 29.14
N LYS A 555 -23.25 27.22 30.36
CA LYS A 555 -22.18 26.65 31.23
C LYS A 555 -22.61 25.26 31.72
N ARG A 556 -23.79 25.18 32.33
CA ARG A 556 -24.32 23.92 32.88
C ARG A 556 -24.29 22.83 31.80
N GLU A 557 -24.84 23.14 30.62
CA GLU A 557 -24.92 22.15 29.53
C GLU A 557 -23.51 21.63 29.20
N GLY A 558 -22.52 22.52 29.09
CA GLY A 558 -21.13 22.09 28.89
C GLY A 558 -20.85 21.56 27.50
N GLY A 559 -20.01 20.51 27.39
CA GLY A 559 -19.60 20.00 26.07
C GLY A 559 -20.66 19.14 25.40
N ASN A 560 -20.47 18.81 24.12
CA ASN A 560 -21.49 18.03 23.37
C ASN A 560 -21.05 16.58 23.17
N VAL A 561 -21.90 15.63 23.58
CA VAL A 561 -21.59 14.17 23.49
C VAL A 561 -21.39 13.79 22.02
N PHE A 562 -21.66 14.71 21.10
CA PHE A 562 -21.38 14.42 19.67
C PHE A 562 -20.08 15.15 19.27
N ASN A 563 -19.03 15.01 20.08
CA ASN A 563 -17.71 15.65 19.78
C ASN A 563 -17.89 17.13 19.42
N ASP A 564 -18.69 17.87 20.19
CA ASP A 564 -18.96 19.31 19.92
C ASP A 564 -19.15 19.57 18.43
N GLN A 565 -20.08 18.84 17.79
CA GLN A 565 -20.34 19.03 16.35
C GLN A 565 -21.77 19.54 16.17
N ILE A 566 -22.62 19.37 17.18
CA ILE A 566 -24.05 19.81 17.10
C ILE A 566 -24.33 20.79 18.25
N LYS A 567 -25.49 21.45 18.22
CA LYS A 567 -25.84 22.42 19.30
C LYS A 567 -27.16 22.02 19.96
N VAL A 568 -27.83 20.98 19.46
CA VAL A 568 -29.10 20.51 20.10
C VAL A 568 -28.81 19.60 21.28
N GLY A 569 -29.77 19.40 22.17
CA GLY A 569 -29.50 18.60 23.38
C GLY A 569 -29.61 17.13 23.08
N VAL A 570 -28.92 16.25 23.78
CA VAL A 570 -28.95 14.82 23.37
C VAL A 570 -29.38 13.98 24.56
N ALA A 571 -30.18 12.93 24.37
CA ALA A 571 -30.71 12.10 25.47
C ALA A 571 -30.89 10.69 25.00
N VAL A 572 -30.34 9.71 25.70
CA VAL A 572 -30.41 8.28 25.26
C VAL A 572 -31.59 7.68 25.98
N TYR A 573 -32.66 7.32 25.30
CA TYR A 573 -33.89 6.84 25.97
C TYR A 573 -34.20 5.41 25.58
N PHE A 574 -34.78 4.61 26.47
CA PHE A 574 -35.04 3.19 26.16
C PHE A 574 -36.46 2.90 26.56
N LEU A 575 -37.39 2.90 25.63
CA LEU A 575 -38.80 2.74 26.02
C LEU A 575 -39.22 1.27 25.89
N VAL A 576 -39.26 0.48 26.96
CA VAL A 576 -39.58 -0.95 26.82
C VAL A 576 -41.08 -1.08 26.82
N ARG A 577 -41.60 -2.13 26.17
CA ARG A 577 -43.07 -2.38 26.13
C ARG A 577 -43.30 -3.84 26.57
N SER A 578 -43.47 -4.07 27.87
CA SER A 578 -43.77 -5.44 28.37
C SER A 578 -45.21 -5.81 27.98
N ALA A 579 -45.42 -6.29 26.76
CA ALA A 579 -46.79 -6.64 26.29
C ALA A 579 -46.74 -7.97 25.52
N ASP A 587 -49.78 1.04 35.13
CA ASP A 587 -49.27 2.35 34.68
C ASP A 587 -47.75 2.28 34.45
N THR A 588 -47.19 3.16 33.62
CA THR A 588 -45.75 3.14 33.28
C THR A 588 -44.91 3.56 34.47
N LYS A 589 -43.59 3.65 34.26
CA LYS A 589 -42.65 4.05 35.34
C LYS A 589 -41.56 4.89 34.67
N ILE A 590 -41.65 6.22 34.77
CA ILE A 590 -40.66 7.08 34.06
C ILE A 590 -39.41 7.17 34.93
N TRP A 591 -38.32 6.54 34.49
CA TRP A 591 -37.04 6.56 35.24
C TRP A 591 -36.13 7.59 34.59
N TYR A 592 -35.36 8.36 35.37
CA TYR A 592 -34.57 9.46 34.74
C TYR A 592 -33.23 9.67 35.44
N HIS A 593 -32.18 9.90 34.66
CA HIS A 593 -30.87 10.22 35.27
C HIS A 593 -30.19 11.32 34.43
N ALA A 594 -30.28 12.58 34.90
CA ALA A 594 -29.57 13.68 34.19
C ALA A 594 -28.07 13.53 34.45
N VAL A 595 -27.24 13.65 33.41
CA VAL A 595 -25.76 13.58 33.58
C VAL A 595 -25.32 14.76 34.45
N PRO A 596 -24.37 14.60 35.40
CA PRO A 596 -23.85 15.72 36.19
C PRO A 596 -23.55 16.95 35.31
N ASP A 597 -24.00 18.12 35.74
CA ASP A 597 -23.84 19.35 34.92
C ASP A 597 -22.38 19.84 34.92
N PHE A 598 -22.10 20.89 34.13
CA PHE A 598 -20.73 21.45 34.03
C PHE A 598 -19.73 20.37 33.62
N TRP A 599 -20.16 19.33 32.90
CA TRP A 599 -19.18 18.35 32.41
C TRP A 599 -18.82 18.70 30.98
N ARG A 600 -17.60 18.39 30.54
CA ARG A 600 -17.16 18.66 29.16
C ARG A 600 -17.60 17.49 28.31
N ALA A 601 -17.28 17.45 27.02
CA ALA A 601 -17.81 16.33 26.24
C ALA A 601 -17.08 15.05 26.58
N ARG A 602 -15.75 15.08 26.64
CA ARG A 602 -14.97 13.83 26.85
C ARG A 602 -15.32 13.21 28.19
N GLU A 603 -15.71 13.99 29.19
CA GLU A 603 -16.12 13.31 30.42
C GLU A 603 -17.44 12.60 30.15
N LYS A 604 -18.38 13.21 29.44
CA LYS A 604 -19.71 12.59 29.28
C LYS A 604 -19.57 11.28 28.54
N LEU A 605 -18.69 11.22 27.56
CA LEU A 605 -18.53 10.00 26.74
C LEU A 605 -17.54 9.08 27.43
N GLU A 606 -17.25 9.28 28.70
CA GLU A 606 -16.39 8.31 29.42
C GLU A 606 -17.30 7.66 30.43
N TRP A 607 -18.12 8.46 31.11
CA TRP A 607 -19.14 7.88 32.00
C TRP A 607 -20.05 6.98 31.16
N LEU A 608 -20.00 7.02 29.83
CA LEU A 608 -20.94 6.21 29.01
C LEU A 608 -20.20 4.97 28.54
N LYS A 609 -18.92 4.84 28.87
CA LYS A 609 -18.19 3.60 28.52
C LYS A 609 -17.96 2.88 29.83
N THR A 610 -17.48 3.59 30.83
CA THR A 610 -17.24 3.00 32.16
C THR A 610 -18.47 3.05 33.05
N THR A 611 -19.62 2.55 32.59
CA THR A 611 -20.83 2.47 33.42
C THR A 611 -21.76 1.42 32.85
N LYS A 612 -22.39 0.62 33.71
CA LYS A 612 -23.34 -0.40 33.23
C LYS A 612 -24.75 0.11 33.46
N PHE A 613 -25.69 -0.18 32.56
CA PHE A 613 -27.05 0.41 32.65
C PHE A 613 -27.67 0.05 33.97
N GLU A 614 -27.49 -1.18 34.37
CA GLU A 614 -28.16 -1.62 35.61
C GLU A 614 -27.52 -0.98 36.84
N ASP A 615 -26.43 -0.22 36.67
CA ASP A 615 -25.72 0.34 37.84
C ASP A 615 -25.97 1.84 37.94
N ILE A 616 -26.69 2.42 36.98
CA ILE A 616 -27.06 3.85 37.12
C ILE A 616 -28.24 3.90 38.10
N GLU A 617 -28.51 5.05 38.70
CA GLU A 617 -29.60 5.17 39.70
C GLU A 617 -30.68 6.10 39.17
N PHE A 618 -31.68 5.52 38.52
CA PHE A 618 -32.75 6.31 37.89
C PHE A 618 -33.73 6.75 38.96
N ASP A 619 -34.26 7.97 38.87
CA ASP A 619 -35.16 8.54 39.89
C ASP A 619 -36.59 8.59 39.38
N HIS A 620 -37.49 7.83 39.98
CA HIS A 620 -38.90 7.77 39.49
C HIS A 620 -39.48 9.16 39.35
N ILE A 621 -39.95 9.54 38.15
CA ILE A 621 -40.60 10.85 37.90
C ILE A 621 -42.07 10.51 37.87
N ARG A 622 -42.91 11.25 38.56
CA ARG A 622 -44.35 10.91 38.43
C ARG A 622 -45.04 12.03 37.66
N PRO A 623 -45.51 11.87 36.39
CA PRO A 623 -46.06 13.01 35.61
C PRO A 623 -47.14 13.86 36.29
N ASP A 624 -47.14 15.17 36.03
CA ASP A 624 -48.11 16.09 36.66
C ASP A 624 -49.39 16.16 35.81
N ALA A 625 -50.37 16.97 36.25
CA ALA A 625 -51.65 17.09 35.51
C ALA A 625 -51.42 17.58 34.07
N LYS A 626 -50.48 18.51 33.87
CA LYS A 626 -50.19 19.06 32.51
C LYS A 626 -49.25 18.10 31.78
N HIS A 627 -49.07 16.90 32.32
CA HIS A 627 -48.16 15.89 31.72
C HIS A 627 -46.74 16.47 31.56
N ASN A 628 -46.30 17.24 32.56
CA ASN A 628 -44.92 17.78 32.53
C ASN A 628 -44.03 16.82 33.32
N TRP A 629 -42.93 16.37 32.72
CA TRP A 629 -42.03 15.40 33.40
C TRP A 629 -41.07 16.18 34.30
N LEU A 630 -40.23 17.03 33.72
CA LEU A 630 -39.30 17.87 34.53
C LEU A 630 -40.01 19.16 34.92
N GLY A 631 -39.30 20.10 35.55
CA GLY A 631 -39.88 21.40 35.93
C GLY A 631 -41.21 21.26 36.66
N GLN A 632 -41.25 20.38 37.66
CA GLN A 632 -42.52 20.14 38.41
C GLN A 632 -42.79 21.34 39.32
N VAL A 633 -43.87 22.09 39.03
CA VAL A 633 -44.19 23.32 39.83
C VAL A 633 -44.47 22.93 41.28
N ASP A 634 -44.02 23.75 42.22
CA ASP A 634 -44.34 23.49 43.66
C ASP A 634 -45.74 24.06 43.93
N GLU A 635 -46.48 23.47 44.87
CA GLU A 635 -47.87 23.92 45.11
C GLU A 635 -47.97 24.52 46.53
N GLU A 636 -46.99 24.23 47.38
CA GLU A 636 -46.97 24.81 48.76
C GLU A 636 -46.90 26.34 48.69
N ASN A 637 -46.52 26.90 47.53
CA ASN A 637 -46.36 28.37 47.43
C ASN A 637 -47.73 29.04 47.27
N ASP A 638 -47.84 30.32 47.64
CA ASP A 638 -49.11 31.06 47.43
C ASP A 638 -49.08 31.62 45.99
N TRP A 639 -49.05 30.72 45.00
CA TRP A 639 -48.91 31.19 43.59
C TRP A 639 -50.22 31.83 43.09
N ASN A 640 -51.35 31.15 43.27
CA ASN A 640 -52.63 31.68 42.70
C ASN A 640 -52.96 33.05 43.27
N GLU A 641 -52.86 34.09 42.45
CA GLU A 641 -53.16 35.47 42.89
C GLU A 641 -53.95 36.21 41.80
N PHE A 642 -53.41 37.33 41.32
CA PHE A 642 -54.13 38.15 40.30
C PHE A 642 -53.44 38.02 38.95
N LEU A 643 -54.04 37.27 38.03
CA LEU A 643 -53.45 37.09 36.67
C LEU A 643 -53.19 38.46 36.01
N PRO A 644 -52.08 38.74 35.25
CA PRO A 644 -51.95 40.04 34.61
C PRO A 644 -52.78 39.88 33.33
N VAL A 645 -52.56 38.83 32.54
CA VAL A 645 -53.41 38.53 31.36
C VAL A 645 -53.75 37.05 31.46
N ALA A 646 -54.95 36.65 31.03
CA ALA A 646 -55.33 35.23 31.06
C ALA A 646 -55.52 34.73 29.63
N ASP A 647 -55.63 33.42 29.45
CA ASP A 647 -55.87 32.86 28.10
C ASP A 647 -57.14 33.51 27.54
N LYS A 648 -58.10 33.85 28.41
CA LYS A 648 -59.39 34.37 27.87
C LYS A 648 -59.47 35.89 28.02
N ASP A 649 -58.45 36.53 28.61
CA ASP A 649 -58.45 38.02 28.66
C ASP A 649 -58.14 38.53 27.26
N THR A 650 -57.19 37.90 26.56
CA THR A 650 -56.90 38.29 25.16
C THR A 650 -58.05 37.80 24.27
N LYS A 651 -58.76 36.76 24.69
CA LYS A 651 -59.75 36.19 23.74
C LYS A 651 -61.15 36.47 24.22
N GLN A 652 -61.26 37.37 25.19
CA GLN A 652 -62.63 37.74 25.62
C GLN A 652 -63.37 38.32 24.42
N ALA A 653 -64.65 37.94 24.24
CA ALA A 653 -65.47 38.45 23.11
C ALA A 653 -65.95 39.86 23.44
N LYS A 654 -65.09 40.70 24.03
CA LYS A 654 -65.45 42.09 24.41
C LYS A 654 -66.73 42.08 25.26
N GLY A 655 -66.86 41.10 26.16
CA GLY A 655 -68.04 41.03 27.05
C GLY A 655 -67.62 41.19 28.50
N LEU A 656 -67.68 42.41 29.04
CA LEU A 656 -67.22 42.68 30.42
C LEU A 656 -67.88 41.69 31.38
N GLY A 657 -67.10 40.80 31.99
CA GLY A 657 -67.65 39.76 32.88
C GLY A 657 -66.68 38.61 33.03
N GLN A 658 -66.34 37.94 31.92
CA GLN A 658 -65.32 36.88 31.99
C GLN A 658 -63.98 37.55 32.31
N GLU A 659 -63.91 38.88 32.19
CA GLU A 659 -62.67 39.60 32.56
C GLU A 659 -62.16 38.97 33.84
N ARG A 660 -60.97 38.42 33.83
CA ARG A 660 -60.54 37.67 35.03
C ARG A 660 -59.13 38.04 35.46
N ALA A 661 -58.47 38.98 34.80
CA ALA A 661 -57.06 39.30 35.11
C ALA A 661 -56.90 40.82 35.24
N ILE A 662 -55.66 41.30 35.31
CA ILE A 662 -55.43 42.78 35.38
C ILE A 662 -55.60 43.36 33.97
N PHE A 663 -54.65 43.07 33.07
CA PHE A 663 -54.70 43.60 31.69
C PHE A 663 -55.52 42.66 30.81
N LYS A 664 -56.14 43.19 29.76
CA LYS A 664 -57.02 42.36 28.89
C LYS A 664 -56.26 41.94 27.63
N LEU A 665 -56.25 42.79 26.59
CA LEU A 665 -55.59 42.42 25.32
C LEU A 665 -54.10 42.75 25.38
N TYR A 666 -53.25 41.73 25.52
CA TYR A 666 -51.78 41.97 25.52
C TYR A 666 -51.24 41.69 24.11
N SER A 667 -49.99 42.11 23.84
CA SER A 667 -49.41 41.93 22.49
C SER A 667 -48.07 41.19 22.57
N LEU A 668 -47.42 40.95 21.44
CA LEU A 668 -46.10 40.28 21.44
C LEU A 668 -45.12 41.11 20.60
N GLY A 669 -43.82 40.95 20.81
CA GLY A 669 -42.81 41.74 20.08
C GLY A 669 -42.91 41.57 18.57
N VAL A 670 -42.77 42.66 17.82
CA VAL A 670 -42.93 42.61 16.34
C VAL A 670 -41.97 41.61 15.70
N VAL A 671 -42.47 40.71 14.84
CA VAL A 671 -41.57 39.81 14.08
C VAL A 671 -41.56 40.29 12.62
N THR A 672 -40.43 40.18 11.93
CA THR A 672 -40.34 40.72 10.55
C THR A 672 -39.94 39.64 9.57
N ASN A 673 -38.95 38.80 9.93
CA ASN A 673 -38.45 37.71 9.07
C ASN A 673 -37.38 38.26 8.09
N ARG A 674 -37.26 39.60 7.99
CA ARG A 674 -36.22 40.23 7.12
C ARG A 674 -35.57 41.38 7.91
N ASP A 675 -34.88 41.07 9.00
CA ASP A 675 -34.23 42.10 9.86
C ASP A 675 -33.06 42.76 9.12
N GLU A 676 -32.58 42.11 8.05
CA GLU A 676 -31.48 42.71 7.24
C GLU A 676 -32.00 43.90 6.44
N TRP A 677 -33.31 43.93 6.19
CA TRP A 677 -33.94 45.01 5.38
C TRP A 677 -35.00 45.72 6.23
N VAL A 678 -34.83 45.73 7.56
CA VAL A 678 -35.87 46.36 8.44
C VAL A 678 -35.24 46.90 9.74
N TYR A 679 -34.03 46.49 10.10
CA TYR A 679 -33.50 46.98 11.39
C TYR A 679 -32.21 47.77 11.17
N SER A 680 -32.33 49.09 11.06
CA SER A 680 -31.13 49.94 10.80
C SER A 680 -31.02 51.08 11.80
N ARG A 681 -29.96 51.88 11.68
CA ARG A 681 -29.66 53.00 12.62
C ARG A 681 -30.13 54.33 12.01
N ALA A 682 -29.70 54.64 10.79
CA ALA A 682 -30.07 55.92 10.14
C ALA A 682 -31.43 55.77 9.45
N GLU A 683 -32.12 56.89 9.22
CA GLU A 683 -33.46 56.87 8.58
C GLU A 683 -33.34 56.39 7.13
N ASP A 684 -32.46 57.02 6.35
CA ASP A 684 -32.35 56.69 4.91
C ASP A 684 -31.55 55.39 4.71
N GLU A 685 -30.74 55.01 5.71
CA GLU A 685 -30.01 53.71 5.63
C GLU A 685 -31.02 52.59 5.40
N LEU A 686 -32.08 52.57 6.22
CA LEU A 686 -33.15 51.55 6.06
C LEU A 686 -33.85 51.78 4.72
N ALA A 687 -34.31 53.01 4.48
CA ALA A 687 -35.06 53.29 3.23
C ALA A 687 -34.31 52.74 2.02
N ASP A 688 -32.96 52.73 2.06
CA ASP A 688 -32.14 52.25 0.92
C ASP A 688 -32.20 50.71 0.84
N LYS A 689 -32.03 50.02 1.97
CA LYS A 689 -32.14 48.54 1.97
C LYS A 689 -33.55 48.15 1.50
N VAL A 690 -34.58 48.83 2.01
CA VAL A 690 -35.99 48.55 1.62
C VAL A 690 -36.20 48.97 0.16
N ARG A 691 -35.55 50.04 -0.30
CA ARG A 691 -35.80 50.53 -1.69
C ARG A 691 -35.42 49.44 -2.69
N TYR A 692 -34.19 48.93 -2.60
CA TYR A 692 -33.75 47.84 -3.50
C TYR A 692 -34.76 46.70 -3.44
N PHE A 693 -35.26 46.41 -2.24
CA PHE A 693 -36.25 45.33 -2.07
C PHE A 693 -37.52 45.72 -2.80
N ILE A 694 -38.15 46.83 -2.46
CA ILE A 694 -39.47 47.16 -3.04
C ILE A 694 -39.33 47.07 -4.54
N GLY A 695 -38.12 47.11 -5.03
CA GLY A 695 -37.83 47.07 -6.47
C GLY A 695 -37.59 45.66 -6.99
N ARG A 696 -36.81 44.86 -6.25
CA ARG A 696 -36.48 43.50 -6.74
C ARG A 696 -37.68 42.59 -6.51
N TYR A 697 -38.52 42.91 -5.52
CA TYR A 697 -39.77 42.12 -5.35
C TYR A 697 -40.60 42.41 -6.60
N ASN A 698 -40.66 43.67 -7.03
CA ASN A 698 -41.46 44.07 -8.23
C ASN A 698 -40.85 43.44 -9.49
N GLU A 699 -39.54 43.18 -9.50
CA GLU A 699 -38.93 42.45 -10.66
C GLU A 699 -39.41 41.00 -10.56
N ILE A 700 -39.25 40.40 -9.37
CA ILE A 700 -39.72 39.00 -9.14
C ILE A 700 -41.21 38.95 -9.49
N ILE A 701 -41.90 40.09 -9.47
CA ILE A 701 -43.37 40.07 -9.72
C ILE A 701 -43.58 39.85 -11.21
N LYS A 702 -42.89 40.63 -12.06
CA LYS A 702 -43.05 40.51 -13.54
C LYS A 702 -42.59 39.12 -14.01
N LEU A 703 -41.78 38.45 -13.10
CA LEU A 703 -41.28 37.07 -13.40
C LEU A 703 -42.47 36.13 -13.55
N PRO A 704 -42.42 35.14 -14.49
CA PRO A 704 -43.54 34.23 -14.77
C PRO A 704 -44.31 33.61 -13.61
N LEU A 705 -45.56 33.22 -13.84
CA LEU A 705 -46.40 32.58 -12.79
C LEU A 705 -45.68 31.34 -12.25
N GLY A 706 -44.99 30.58 -13.11
CA GLY A 706 -44.22 29.40 -12.66
C GLY A 706 -43.13 29.79 -11.68
N ASP A 707 -42.42 30.90 -11.95
CA ASP A 707 -41.35 31.38 -11.02
C ASP A 707 -41.96 31.71 -9.66
N LEU A 708 -43.20 32.22 -9.66
CA LEU A 708 -43.87 32.59 -8.39
C LEU A 708 -44.38 31.34 -7.68
N MET A 709 -44.80 30.33 -8.44
CA MET A 709 -45.37 29.09 -7.84
C MET A 709 -44.26 28.24 -7.22
N SER A 710 -43.22 27.91 -7.99
CA SER A 710 -42.17 26.98 -7.48
C SER A 710 -40.90 27.74 -7.07
N ARG A 711 -41.02 29.03 -6.69
CA ARG A 711 -39.86 29.83 -6.22
C ARG A 711 -38.67 29.70 -7.19
N ASN A 712 -38.91 29.85 -8.49
CA ASN A 712 -37.81 29.80 -9.49
C ASN A 712 -37.30 31.21 -9.75
N TRP A 713 -36.81 31.93 -8.87
CA TRP A 713 -36.35 33.33 -9.07
C TRP A 713 -34.97 33.55 -8.48
N GLU A 714 -34.79 34.73 -7.79
CA GLU A 714 -33.46 35.00 -7.19
C GLU A 714 -33.65 35.24 -5.70
N GLY A 715 -32.57 34.95 -4.96
CA GLY A 715 -32.59 35.15 -3.50
C GLY A 715 -31.78 36.38 -3.11
N ASP A 716 -31.37 37.19 -4.07
CA ASP A 716 -30.68 38.46 -3.70
C ASP A 716 -31.40 39.17 -2.54
N ILE A 717 -32.74 39.15 -2.52
CA ILE A 717 -33.53 39.81 -1.44
C ILE A 717 -34.19 38.74 -0.56
N LYS A 718 -34.45 39.05 0.71
CA LYS A 718 -35.02 38.05 1.65
C LYS A 718 -36.51 37.82 1.36
N MET A 719 -36.84 36.72 0.70
CA MET A 719 -38.26 36.39 0.40
C MET A 719 -38.80 35.43 1.46
N THR A 720 -39.68 35.89 2.33
CA THR A 720 -40.31 34.98 3.34
C THR A 720 -41.70 34.56 2.84
N ARG A 721 -42.41 33.70 3.59
CA ARG A 721 -43.68 33.12 3.08
C ARG A 721 -44.63 34.18 2.60
N ALA A 722 -44.75 35.28 3.34
CA ALA A 722 -45.74 36.28 2.93
C ALA A 722 -45.38 36.76 1.55
N THR A 723 -44.22 37.36 1.42
CA THR A 723 -43.78 37.80 0.09
C THR A 723 -43.99 36.68 -0.90
N ILE A 724 -43.45 35.48 -0.67
CA ILE A 724 -43.58 34.44 -1.73
C ILE A 724 -45.05 34.38 -2.12
N ALA A 725 -45.98 34.60 -1.20
CA ALA A 725 -47.41 34.48 -1.53
C ALA A 725 -47.94 35.74 -2.22
N ASP A 726 -47.89 36.91 -1.58
CA ASP A 726 -48.40 38.06 -2.40
C ASP A 726 -47.63 38.14 -3.72
N ALA A 727 -46.44 37.54 -3.80
CA ALA A 727 -45.70 37.52 -5.08
C ALA A 727 -46.49 36.68 -6.10
N GLN A 728 -47.04 35.54 -5.67
CA GLN A 728 -47.83 34.67 -6.56
C GLN A 728 -49.09 35.41 -7.03
N SER A 729 -49.66 36.27 -6.16
CA SER A 729 -50.85 37.07 -6.53
C SER A 729 -50.42 38.35 -7.26
N ARG A 730 -49.13 38.50 -7.54
CA ARG A 730 -48.60 39.71 -8.25
C ARG A 730 -49.08 40.99 -7.57
N LYS A 731 -48.78 41.12 -6.27
CA LYS A 731 -49.21 42.33 -5.51
C LYS A 731 -47.99 43.24 -5.30
N SER A 732 -47.76 44.06 -6.31
CA SER A 732 -46.59 44.96 -6.31
C SER A 732 -46.62 45.90 -5.11
N TYR A 733 -45.45 46.32 -4.67
CA TYR A 733 -45.42 47.11 -3.44
C TYR A 733 -44.99 48.52 -3.81
N SER A 734 -45.01 49.45 -2.84
CA SER A 734 -44.52 50.83 -3.06
C SER A 734 -44.17 51.48 -1.72
N LEU A 735 -43.05 52.21 -1.66
CA LEU A 735 -42.55 52.76 -0.38
C LEU A 735 -43.51 53.79 0.22
N GLU A 736 -43.76 53.70 1.52
CA GLU A 736 -44.64 54.65 2.25
C GLU A 736 -43.81 55.18 3.42
N LYS A 737 -42.78 55.97 3.20
CA LYS A 737 -41.86 56.72 4.10
C LYS A 737 -42.51 56.84 5.49
N ASN A 738 -43.85 56.90 5.53
CA ASN A 738 -44.57 56.99 6.81
C ASN A 738 -44.38 55.68 7.60
N SER A 739 -44.21 54.56 6.91
CA SER A 739 -44.07 53.24 7.58
C SER A 739 -42.83 53.22 8.48
N ILE A 740 -41.72 53.84 8.04
CA ILE A 740 -40.47 53.80 8.85
C ILE A 740 -40.71 54.51 10.19
N VAL A 741 -40.37 53.87 11.31
CA VAL A 741 -40.69 54.36 12.68
C VAL A 741 -39.52 54.01 13.61
N PRO A 742 -39.19 54.93 14.61
CA PRO A 742 -38.17 54.59 15.61
C PRO A 742 -38.65 53.36 16.39
N SER A 743 -37.77 52.38 16.57
CA SER A 743 -38.18 51.12 17.26
C SER A 743 -37.10 50.66 18.23
N LEU A 744 -37.45 50.47 19.51
CA LEU A 744 -36.46 49.92 20.47
C LEU A 744 -36.18 48.48 20.06
N TYR A 745 -35.07 48.24 19.34
CA TYR A 745 -34.72 46.88 18.90
C TYR A 745 -34.37 46.04 20.12
N ARG A 746 -33.36 46.47 20.88
CA ARG A 746 -32.90 45.68 22.06
C ARG A 746 -32.92 46.58 23.29
N PRO A 747 -32.79 46.07 24.53
CA PRO A 747 -32.71 46.92 25.73
C PRO A 747 -31.86 48.18 25.54
N PHE A 748 -32.47 49.36 25.66
CA PHE A 748 -31.75 50.66 25.52
C PHE A 748 -31.02 50.73 24.17
N ASP A 749 -31.71 50.35 23.08
CA ASP A 749 -31.11 50.44 21.71
C ASP A 749 -32.22 50.93 20.76
N VAL A 750 -32.36 52.25 20.62
CA VAL A 750 -33.43 52.82 19.75
C VAL A 750 -32.94 52.76 18.29
N LEU A 751 -33.60 51.92 17.49
CA LEU A 751 -33.24 51.76 16.06
C LEU A 751 -34.32 52.35 15.17
N LYS A 752 -34.36 51.95 13.90
CA LYS A 752 -35.42 52.40 12.96
C LYS A 752 -36.08 51.14 12.41
N MET A 753 -37.27 51.26 11.81
CA MET A 753 -37.99 50.03 11.34
C MET A 753 -39.08 50.36 10.32
N TYR A 754 -39.09 49.70 9.16
CA TYR A 754 -40.19 49.88 8.17
C TYR A 754 -41.42 49.11 8.66
N PHE A 755 -42.28 49.71 9.48
CA PHE A 755 -43.44 48.97 10.07
C PHE A 755 -44.56 48.75 9.04
N SER A 756 -44.40 47.95 8.00
CA SER A 756 -45.52 47.87 7.03
C SER A 756 -46.08 46.47 6.96
N LYS A 757 -47.20 46.32 6.28
CA LYS A 757 -47.82 44.99 6.12
C LYS A 757 -47.04 44.30 5.02
N ASN A 758 -46.40 45.06 4.17
CA ASN A 758 -45.68 44.46 3.04
C ASN A 758 -44.57 43.61 3.62
N LEU A 759 -43.68 44.22 4.38
CA LEU A 759 -42.47 43.52 4.89
C LEU A 759 -42.72 42.70 6.16
N ASN A 760 -42.91 43.35 7.29
CA ASN A 760 -43.08 42.64 8.59
C ASN A 760 -43.99 41.40 8.50
N GLU A 761 -43.56 40.20 8.95
CA GLU A 761 -44.38 38.98 8.75
C GLU A 761 -45.58 39.01 9.70
N MET A 762 -45.33 39.07 11.00
CA MET A 762 -46.52 39.13 11.86
C MET A 762 -46.43 40.42 12.67
N GLN A 763 -47.51 41.20 12.70
CA GLN A 763 -47.53 42.44 13.53
C GLN A 763 -48.02 42.11 14.94
N TYR A 764 -48.84 41.07 15.13
CA TYR A 764 -49.41 40.68 16.45
C TYR A 764 -50.19 41.82 17.09
N GLN A 765 -51.25 42.31 16.45
CA GLN A 765 -52.11 43.38 17.04
C GLN A 765 -51.25 44.55 17.53
N MET A 766 -50.03 44.70 17.01
CA MET A 766 -49.21 45.89 17.37
C MET A 766 -49.84 47.19 16.84
N PRO A 767 -50.39 47.30 15.60
CA PRO A 767 -51.09 48.53 15.17
C PRO A 767 -52.37 48.81 15.99
N SER A 768 -52.74 47.91 16.90
CA SER A 768 -53.90 48.16 17.79
C SER A 768 -53.40 48.69 19.13
N ILE A 769 -52.17 48.35 19.50
CA ILE A 769 -51.58 48.84 20.79
C ILE A 769 -50.81 50.12 20.48
N PHE A 770 -49.92 50.08 19.49
CA PHE A 770 -49.20 51.29 19.04
C PHE A 770 -49.70 51.61 17.63
N PRO A 771 -50.75 52.43 17.46
CA PRO A 771 -51.33 52.65 16.14
C PRO A 771 -50.38 53.24 15.10
N LYS A 772 -50.26 52.62 13.92
CA LYS A 772 -49.50 53.21 12.80
C LYS A 772 -48.07 53.49 13.22
N GLY A 773 -47.49 52.69 14.11
CA GLY A 773 -46.09 52.87 14.48
C GLY A 773 -45.88 53.97 15.49
N VAL A 774 -46.56 55.09 15.28
CA VAL A 774 -46.40 56.27 16.16
C VAL A 774 -47.67 56.47 16.99
N GLY A 775 -47.57 56.30 18.30
CA GLY A 775 -48.77 56.42 19.15
C GLY A 775 -48.33 56.77 20.55
N GLU A 776 -49.24 56.78 21.51
CA GLU A 776 -48.77 57.21 22.84
C GLU A 776 -49.08 56.24 23.97
N ASN A 777 -49.12 54.93 23.77
CA ASN A 777 -49.42 54.07 24.94
C ASN A 777 -48.12 53.70 25.59
N VAL A 778 -48.11 53.50 26.90
CA VAL A 778 -46.89 53.06 27.63
C VAL A 778 -47.03 51.58 27.95
N VAL A 779 -46.22 50.69 27.38
CA VAL A 779 -46.39 49.24 27.56
C VAL A 779 -45.42 48.67 28.60
N ILE A 780 -45.67 47.50 29.18
CA ILE A 780 -44.62 46.85 30.04
C ILE A 780 -44.14 45.58 29.29
N ALA A 781 -42.91 45.55 28.80
CA ALA A 781 -42.40 44.31 28.14
C ALA A 781 -42.05 43.27 29.20
N LEU A 782 -42.53 42.06 28.94
CA LEU A 782 -42.32 40.97 29.88
C LEU A 782 -41.59 39.91 29.10
N SER A 783 -41.64 38.70 29.59
CA SER A 783 -40.98 37.60 28.90
C SER A 783 -42.08 36.61 28.68
N GLY A 784 -41.76 35.43 28.14
CA GLY A 784 -42.78 34.40 27.87
C GLY A 784 -42.57 33.13 28.69
N SER A 785 -43.09 32.00 28.21
CA SER A 785 -43.01 30.72 28.97
C SER A 785 -42.84 29.56 27.98
N PRO A 786 -42.04 28.51 28.26
CA PRO A 786 -40.98 28.52 29.28
C PRO A 786 -39.86 29.57 29.11
N ALA A 787 -39.58 30.34 30.17
CA ALA A 787 -38.56 31.41 30.07
C ALA A 787 -37.15 30.81 30.04
N ALA A 788 -36.59 30.62 28.84
CA ALA A 788 -35.21 30.09 28.71
C ALA A 788 -34.25 31.05 29.41
N LYS A 789 -34.17 32.31 28.96
CA LYS A 789 -33.34 33.32 29.67
C LYS A 789 -34.08 33.75 30.94
N PRO A 790 -33.40 34.20 32.00
CA PRO A 790 -34.08 34.70 33.22
C PRO A 790 -35.20 35.70 32.90
N PHE A 791 -36.35 35.57 33.58
CA PHE A 791 -37.48 36.51 33.38
C PHE A 791 -36.96 37.95 33.49
N GLN A 792 -37.41 38.83 32.59
CA GLN A 792 -36.90 40.23 32.56
C GLN A 792 -38.08 41.20 32.45
N VAL A 793 -37.86 42.49 32.78
CA VAL A 793 -38.94 43.53 32.69
C VAL A 793 -38.39 44.81 32.05
N LEU A 794 -39.06 45.33 31.02
CA LEU A 794 -38.63 46.62 30.41
C LEU A 794 -39.86 47.46 30.05
N ALA A 795 -40.23 48.42 30.89
CA ALA A 795 -41.34 49.33 30.53
C ALA A 795 -40.87 50.20 29.36
N THR A 796 -41.47 50.04 28.18
CA THR A 796 -40.99 50.78 26.98
C THR A 796 -42.14 51.59 26.37
N ASP A 797 -41.82 52.66 25.63
CA ASP A 797 -42.84 53.49 24.95
C ASP A 797 -42.57 53.44 23.45
N ILE A 798 -41.56 52.69 23.03
CA ILE A 798 -41.18 52.60 21.58
C ILE A 798 -41.61 51.24 21.05
N LEU A 799 -41.79 51.13 19.73
CA LEU A 799 -42.18 49.84 19.09
C LEU A 799 -41.12 48.78 19.44
N PRO A 800 -41.49 47.63 20.03
CA PRO A 800 -40.51 46.62 20.46
C PRO A 800 -40.14 45.58 19.38
N SER A 801 -39.50 44.49 19.80
CA SER A 801 -39.13 43.40 18.86
C SER A 801 -39.24 42.07 19.60
N LEU A 802 -39.43 40.96 18.89
CA LEU A 802 -39.62 39.65 19.55
C LEU A 802 -38.31 39.25 20.24
N ASP A 803 -37.18 39.80 19.78
CA ASP A 803 -35.86 39.40 20.34
C ASP A 803 -35.37 40.46 21.34
N LEU A 804 -36.19 41.48 21.62
CA LEU A 804 -35.83 42.50 22.65
C LEU A 804 -35.62 41.78 23.98
N LEU A 805 -36.71 41.24 24.56
CA LEU A 805 -36.58 40.45 25.81
C LEU A 805 -36.79 38.98 25.43
N GLU A 806 -36.50 38.05 26.33
CA GLU A 806 -36.77 36.62 26.04
C GLU A 806 -38.27 36.46 25.80
N LYS A 807 -38.67 35.94 24.63
CA LYS A 807 -40.11 35.76 24.29
C LYS A 807 -40.88 37.04 24.65
N THR A 808 -40.54 38.17 24.02
CA THR A 808 -41.19 39.46 24.36
C THR A 808 -42.71 39.34 24.30
N GLN A 809 -43.46 39.65 25.36
CA GLN A 809 -44.95 39.72 25.38
C GLN A 809 -45.34 41.02 26.06
N CYS A 810 -45.91 41.98 25.35
CA CYS A 810 -46.16 43.33 25.91
C CYS A 810 -47.53 43.49 26.49
N LEU A 811 -47.64 43.79 27.77
CA LEU A 811 -48.97 44.08 28.34
C LEU A 811 -49.16 45.58 28.27
N PRO A 812 -50.13 46.11 27.51
CA PRO A 812 -50.28 47.54 27.33
C PRO A 812 -50.97 48.25 28.48
N PHE A 813 -51.62 49.39 28.23
CA PHE A 813 -52.24 50.21 29.32
C PHE A 813 -53.47 50.97 28.82
N TYR A 814 -53.54 51.30 27.53
CA TYR A 814 -54.70 52.02 26.94
C TYR A 814 -54.97 51.47 25.54
N ARG A 815 -55.53 50.26 25.43
CA ARG A 815 -55.74 49.63 24.10
C ARG A 815 -56.63 50.52 23.22
N TYR A 816 -56.16 50.87 22.02
CA TYR A 816 -56.94 51.73 21.09
C TYR A 816 -57.85 50.84 20.24
N THR A 817 -58.85 51.41 19.56
CA THR A 817 -59.65 50.56 18.68
C THR A 817 -59.53 51.09 17.27
N MET A 818 -60.18 50.44 16.32
CA MET A 818 -60.22 50.96 14.93
C MET A 818 -61.14 52.17 14.95
N ASN A 819 -60.74 53.28 14.33
CA ASN A 819 -61.52 54.53 14.39
C ASN A 819 -61.94 54.67 15.84
N GLY A 820 -60.98 54.66 16.74
CA GLY A 820 -61.36 54.66 18.16
C GLY A 820 -60.36 55.42 18.98
N GLU A 821 -60.38 55.17 20.28
CA GLU A 821 -59.50 56.02 21.11
C GLU A 821 -58.98 55.23 22.27
N ARG A 822 -58.22 55.93 23.09
CA ARG A 822 -57.61 55.25 24.24
C ARG A 822 -58.70 54.64 25.12
N LEU A 823 -59.03 53.37 24.91
CA LEU A 823 -59.96 52.71 25.85
C LEU A 823 -59.05 52.12 26.93
N ASN A 824 -59.25 52.46 28.19
CA ASN A 824 -58.29 52.02 29.24
C ASN A 824 -58.12 50.51 29.18
N ASN A 825 -56.90 49.99 29.33
CA ASN A 825 -56.75 48.53 29.18
C ASN A 825 -56.97 47.91 30.53
N ILE A 826 -56.30 48.35 31.62
CA ILE A 826 -56.47 47.64 32.93
C ILE A 826 -57.95 47.37 32.97
N THR A 827 -58.37 46.09 32.92
CA THR A 827 -59.83 45.94 32.77
C THR A 827 -60.54 46.50 34.01
N ASP A 828 -61.84 46.79 33.89
CA ASP A 828 -62.58 47.41 35.02
C ASP A 828 -62.60 46.45 36.23
N TYR A 829 -62.73 45.15 35.98
CA TYR A 829 -62.70 44.14 37.08
C TYR A 829 -61.45 44.38 37.94
N ALA A 830 -60.28 44.48 37.30
CA ALA A 830 -59.02 44.68 38.04
C ALA A 830 -59.12 45.93 38.91
N LEU A 831 -59.48 47.07 38.30
CA LEU A 831 -59.62 48.34 39.06
C LEU A 831 -60.49 48.10 40.30
N LYS A 832 -61.71 47.59 40.12
CA LYS A 832 -62.63 47.34 41.26
C LYS A 832 -61.92 46.49 42.32
N ALA A 833 -61.42 45.32 41.96
CA ALA A 833 -60.78 44.40 42.93
C ALA A 833 -59.68 45.13 43.72
N PHE A 834 -58.79 45.84 43.02
CA PHE A 834 -57.68 46.57 43.70
C PHE A 834 -58.27 47.64 44.63
N GLN A 835 -59.14 48.51 44.11
CA GLN A 835 -59.75 49.60 44.91
C GLN A 835 -60.39 49.03 46.17
N THR A 836 -61.30 48.07 46.02
CA THR A 836 -62.03 47.48 47.19
C THR A 836 -61.04 46.84 48.16
N HIS A 837 -60.07 46.08 47.65
CA HIS A 837 -59.09 45.37 48.52
C HIS A 837 -58.39 46.38 49.44
N TYR A 838 -57.86 47.46 48.87
CA TYR A 838 -57.08 48.44 49.68
C TYR A 838 -58.01 49.52 50.25
N ALA A 839 -59.33 49.32 50.14
CA ALA A 839 -60.33 50.30 50.65
C ALA A 839 -59.93 51.72 50.19
N ASP A 840 -59.67 51.89 48.90
CA ASP A 840 -59.22 53.21 48.38
C ASP A 840 -60.33 53.79 47.50
N THR A 841 -60.94 52.97 46.64
CA THR A 841 -61.99 53.44 45.70
C THR A 841 -61.50 54.69 44.95
N SER A 842 -60.23 54.70 44.55
CA SER A 842 -59.62 55.87 43.86
C SER A 842 -58.42 55.38 43.06
N ILE A 843 -58.00 54.13 43.28
CA ILE A 843 -56.84 53.55 42.55
C ILE A 843 -57.06 53.73 41.04
N SER A 844 -56.12 54.37 40.34
CA SER A 844 -56.28 54.64 38.89
C SER A 844 -55.62 53.53 38.07
N ARG A 845 -55.78 53.56 36.75
CA ARG A 845 -55.15 52.55 35.87
C ARG A 845 -53.62 52.71 35.97
N GLU A 846 -53.14 53.95 35.92
CA GLU A 846 -51.68 54.22 36.07
C GLU A 846 -51.21 53.59 37.39
N ASP A 847 -51.91 53.88 38.49
CA ASP A 847 -51.55 53.32 39.82
C ASP A 847 -51.30 51.82 39.70
N ILE A 848 -52.26 51.07 39.15
CA ILE A 848 -52.11 49.59 39.01
C ILE A 848 -50.87 49.28 38.17
N PHE A 849 -50.77 49.99 37.06
CA PHE A 849 -49.66 49.75 36.11
C PHE A 849 -48.38 49.81 36.88
N HIS A 850 -48.13 50.91 37.51
CA HIS A 850 -46.88 51.21 38.25
C HIS A 850 -46.67 50.18 39.36
N TYR A 851 -47.70 49.92 40.16
CA TYR A 851 -47.61 48.91 41.25
C TYR A 851 -47.17 47.57 40.68
N VAL A 852 -47.79 47.13 39.59
CA VAL A 852 -47.46 45.82 38.96
C VAL A 852 -45.97 45.80 38.62
N TYR A 853 -45.48 46.87 37.97
CA TYR A 853 -44.04 46.94 37.57
C TYR A 853 -43.14 46.74 38.79
N ALA A 854 -43.46 47.40 39.91
CA ALA A 854 -42.64 47.29 41.14
C ALA A 854 -42.61 45.83 41.62
N VAL A 855 -43.77 45.18 41.66
CA VAL A 855 -43.85 43.76 42.14
C VAL A 855 -43.06 42.86 41.17
N LEU A 856 -43.24 43.06 39.86
CA LEU A 856 -42.48 42.29 38.85
C LEU A 856 -40.97 42.45 39.11
N HIS A 857 -40.53 43.68 39.35
CA HIS A 857 -39.09 43.97 39.59
C HIS A 857 -38.63 43.34 40.91
N HIS A 858 -39.50 43.35 41.93
CA HIS A 858 -39.15 42.78 43.27
C HIS A 858 -38.42 41.45 43.11
N PRO A 859 -37.15 41.35 43.54
CA PRO A 859 -36.38 40.11 43.36
C PRO A 859 -37.00 38.90 44.07
N ALA A 860 -37.35 39.05 45.36
CA ALA A 860 -37.89 37.91 46.14
C ALA A 860 -39.19 37.38 45.52
N TYR A 861 -39.94 38.24 44.81
CA TYR A 861 -41.17 37.80 44.12
C TYR A 861 -40.83 36.66 43.15
N ARG A 862 -39.96 36.93 42.18
CA ARG A 862 -39.61 35.90 41.15
C ARG A 862 -38.71 34.82 41.76
N GLU A 863 -38.10 35.10 42.92
CA GLU A 863 -37.30 34.05 43.61
C GLU A 863 -38.24 32.99 44.17
N LYS A 864 -39.26 33.40 44.93
CA LYS A 864 -40.24 32.45 45.51
C LYS A 864 -40.94 31.71 44.36
N TYR A 865 -41.42 32.46 43.36
CA TYR A 865 -42.14 31.84 42.22
C TYR A 865 -41.20 31.70 41.03
N ALA A 866 -40.30 30.71 41.07
CA ALA A 866 -39.34 30.50 39.97
C ALA A 866 -40.01 29.69 38.85
N LEU A 867 -40.32 28.42 39.12
CA LEU A 867 -40.98 27.55 38.10
C LEU A 867 -42.40 28.05 37.84
N ASN A 868 -42.99 28.74 38.81
CA ASN A 868 -44.37 29.28 38.64
C ASN A 868 -44.34 30.40 37.59
N LEU A 869 -43.23 31.10 37.49
CA LEU A 869 -43.26 32.25 36.57
C LEU A 869 -42.80 31.76 35.22
N ARG A 870 -41.95 30.75 35.18
CA ARG A 870 -41.43 30.36 33.84
C ARG A 870 -42.40 29.45 33.09
N GLN A 871 -43.69 29.44 33.44
CA GLN A 871 -44.62 28.48 32.79
C GLN A 871 -46.02 29.09 32.64
N GLU A 872 -46.34 30.11 33.43
CA GLU A 872 -47.65 30.80 33.27
C GLU A 872 -47.49 32.30 33.52
N PHE A 873 -48.55 33.07 33.29
CA PHE A 873 -48.48 34.55 33.42
C PHE A 873 -48.26 34.94 34.90
N PRO A 874 -47.31 35.85 35.19
CA PRO A 874 -47.00 36.26 36.57
C PRO A 874 -48.16 36.83 37.40
N ARG A 875 -48.83 35.96 38.17
CA ARG A 875 -49.96 36.40 39.03
C ARG A 875 -49.46 37.42 40.07
N ILE A 876 -49.82 38.70 39.91
CA ILE A 876 -49.36 39.77 40.83
C ILE A 876 -50.09 39.63 42.18
N PRO A 877 -49.36 39.52 43.32
CA PRO A 877 -49.99 39.43 44.64
C PRO A 877 -50.47 40.77 45.22
N PHE A 878 -51.50 40.72 46.08
CA PHE A 878 -51.97 41.95 46.75
C PHE A 878 -51.07 42.18 47.97
N TYR A 879 -50.08 43.09 47.86
CA TYR A 879 -49.12 43.22 48.97
C TYR A 879 -49.64 44.26 49.92
N PRO A 880 -49.35 44.17 51.23
CA PRO A 880 -49.84 45.10 52.24
C PRO A 880 -50.10 46.58 51.92
N GLU A 881 -49.13 47.27 51.31
CA GLU A 881 -49.29 48.70 50.95
C GLU A 881 -49.43 48.79 49.43
N PHE A 882 -50.30 49.65 48.95
CA PHE A 882 -50.41 49.85 47.49
C PHE A 882 -49.58 51.07 47.09
N GLY A 883 -49.86 52.23 47.70
CA GLY A 883 -49.15 53.48 47.35
C GLY A 883 -47.64 53.33 47.36
N ARG A 884 -47.09 52.66 48.37
CA ARG A 884 -45.62 52.46 48.48
C ARG A 884 -45.08 51.85 47.18
N TRP A 885 -45.66 50.73 46.75
CA TRP A 885 -45.16 50.03 45.53
C TRP A 885 -45.58 50.80 44.28
N ALA A 886 -46.77 51.41 44.28
CA ALA A 886 -47.17 52.24 43.12
C ALA A 886 -46.10 53.31 42.88
N ALA A 887 -45.67 54.00 43.95
CA ALA A 887 -44.63 55.05 43.83
C ALA A 887 -43.29 54.43 43.43
N TRP A 888 -42.97 53.25 43.95
CA TRP A 888 -41.72 52.56 43.56
C TRP A 888 -41.70 52.34 42.04
N GLY A 889 -42.74 51.69 41.52
CA GLY A 889 -42.82 51.40 40.07
C GLY A 889 -43.03 52.66 39.25
N ARG A 890 -43.29 53.80 39.90
CA ARG A 890 -43.40 55.08 39.17
C ARG A 890 -41.98 55.54 38.83
N GLU A 891 -41.10 55.59 39.84
CA GLU A 891 -39.69 55.97 39.60
C GLU A 891 -39.08 54.98 38.60
N LEU A 892 -39.29 53.67 38.82
CA LEU A 892 -38.78 52.63 37.89
C LEU A 892 -39.29 52.94 36.48
N MET A 893 -40.61 52.99 36.28
CA MET A 893 -41.21 53.27 34.96
C MET A 893 -40.51 54.46 34.30
N ALA A 894 -40.68 55.64 34.86
CA ALA A 894 -40.12 56.88 34.26
C ALA A 894 -38.63 56.71 33.93
N LEU A 895 -37.78 56.33 34.87
CA LEU A 895 -36.34 56.25 34.60
C LEU A 895 -36.01 55.13 33.63
N HIS A 896 -36.99 54.39 33.10
CA HIS A 896 -36.72 53.33 32.10
C HIS A 896 -37.53 53.62 30.84
N ILE A 897 -38.36 54.65 30.87
CA ILE A 897 -39.08 55.02 29.63
C ILE A 897 -38.36 56.24 29.07
N GLY A 898 -37.50 56.84 29.89
CA GLY A 898 -36.78 58.05 29.47
C GLY A 898 -35.30 57.88 29.69
N PHE A 899 -34.66 56.93 29.02
CA PHE A 899 -33.24 56.64 29.25
C PHE A 899 -32.38 57.63 28.50
N GLU A 900 -33.00 58.59 27.83
CA GLU A 900 -32.18 59.49 26.98
C GLU A 900 -32.35 60.90 27.51
N SER A 901 -33.03 61.03 28.63
CA SER A 901 -33.14 62.36 29.26
C SER A 901 -32.47 62.28 30.62
N VAL A 902 -32.51 61.11 31.26
CA VAL A 902 -31.90 60.93 32.61
C VAL A 902 -30.54 61.62 32.56
N ALA A 903 -30.32 62.58 33.44
CA ALA A 903 -29.08 63.35 33.35
C ALA A 903 -27.89 62.42 33.52
N PRO A 904 -26.81 62.58 32.75
CA PRO A 904 -25.70 61.66 32.81
C PRO A 904 -24.97 61.40 34.12
N TYR A 905 -24.14 60.39 34.09
CA TYR A 905 -23.29 60.12 35.27
C TYR A 905 -21.91 60.53 34.83
N PRO A 906 -21.06 61.18 35.66
CA PRO A 906 -19.76 61.66 35.20
C PRO A 906 -18.68 60.59 34.97
N LEU A 907 -18.50 60.16 33.70
CA LEU A 907 -17.46 59.15 33.37
C LEU A 907 -16.22 59.87 32.83
N LYS A 908 -15.12 59.16 32.59
CA LYS A 908 -13.84 59.84 32.20
C LYS A 908 -13.27 59.26 30.90
N ARG A 909 -13.08 60.09 29.88
CA ARG A 909 -12.44 59.63 28.62
C ARG A 909 -10.93 59.87 28.72
N THR A 910 -10.11 58.81 28.66
CA THR A 910 -8.64 59.00 28.69
C THR A 910 -8.07 58.61 27.34
N ASP A 911 -7.85 59.59 26.47
CA ASP A 911 -7.41 59.25 25.10
C ASP A 911 -5.94 58.87 25.05
N GLU A 912 -5.42 58.57 23.85
CA GLU A 912 -4.01 58.19 23.65
C GLU A 912 -3.74 58.43 22.18
N PRO A 913 -2.49 58.43 21.67
CA PRO A 913 -2.30 58.58 20.24
C PRO A 913 -2.28 57.22 19.53
N PRO A 914 -2.44 57.15 18.20
CA PRO A 914 -2.30 55.88 17.49
C PRO A 914 -0.86 55.36 17.66
N LYS A 915 -0.60 54.06 17.40
CA LYS A 915 0.75 53.48 17.62
C LYS A 915 1.78 54.16 16.75
N ASN A 916 1.67 54.04 15.42
CA ASN A 916 2.59 54.77 14.49
C ASN A 916 1.80 55.90 13.82
N ASP A 917 2.28 56.40 12.68
CA ASP A 917 1.63 57.56 12.02
C ASP A 917 1.03 57.14 10.68
N THR A 918 1.12 55.85 10.34
CA THR A 918 0.50 55.36 9.08
C THR A 918 -1.03 55.50 9.19
N PRO A 919 -1.73 55.99 8.13
CA PRO A 919 -3.19 56.09 8.16
C PRO A 919 -3.84 54.72 8.35
N GLU A 920 -3.17 53.65 7.92
CA GLU A 920 -3.70 52.27 8.09
C GLU A 920 -3.89 51.99 9.58
N ALA A 921 -2.87 52.27 10.40
CA ALA A 921 -2.95 52.04 11.86
C ALA A 921 -4.06 52.90 12.45
N LEU A 922 -4.16 54.17 12.03
CA LEU A 922 -5.21 55.09 12.56
C LEU A 922 -6.60 54.50 12.24
N ALA A 923 -6.80 54.02 11.02
CA ALA A 923 -8.11 53.44 10.62
C ALA A 923 -8.39 52.18 11.45
N LEU A 924 -7.36 51.36 11.71
CA LEU A 924 -7.54 50.11 12.51
C LEU A 924 -7.74 50.47 13.97
N ALA A 925 -7.38 51.69 14.38
CA ALA A 925 -7.56 52.13 15.78
C ALA A 925 -8.90 52.87 15.91
N LYS A 926 -9.69 52.91 14.83
CA LYS A 926 -11.04 53.54 14.91
C LYS A 926 -12.08 52.41 14.94
N LYS A 927 -11.63 51.17 14.78
CA LYS A 927 -12.55 50.00 14.78
C LYS A 927 -13.20 49.87 16.16
N ALA A 928 -14.50 49.54 16.19
CA ALA A 928 -15.21 49.37 17.48
C ALA A 928 -14.64 48.19 18.25
N ARG A 929 -13.64 48.42 19.11
CA ARG A 929 -13.13 47.32 19.94
C ARG A 929 -13.97 47.38 21.19
N LEU A 930 -15.22 47.83 21.08
CA LEU A 930 -16.08 48.00 22.27
C LEU A 930 -15.99 46.73 23.10
N LYS A 931 -15.57 46.82 24.35
CA LYS A 931 -15.37 45.59 25.14
C LYS A 931 -15.32 45.97 26.61
N VAL A 932 -15.82 45.13 27.50
CA VAL A 932 -15.75 45.42 28.95
C VAL A 932 -14.39 44.97 29.41
N GLN A 933 -13.84 45.61 30.44
CA GLN A 933 -12.47 45.26 30.87
C GLN A 933 -12.59 44.42 32.14
N ARG A 934 -12.61 43.10 31.99
CA ARG A 934 -12.78 42.21 33.16
C ARG A 934 -11.42 41.94 33.82
N ASP A 935 -11.42 41.74 35.12
CA ASP A 935 -10.17 41.52 35.90
C ASP A 935 -9.65 40.09 35.69
N ALA A 936 -8.50 39.76 36.29
CA ALA A 936 -7.97 38.38 36.19
C ALA A 936 -8.99 37.45 36.85
N ALA A 937 -10.01 38.03 37.49
CA ALA A 937 -11.05 37.23 38.18
C ALA A 937 -12.41 37.47 37.52
N LYS A 938 -12.43 37.75 36.21
CA LYS A 938 -13.70 38.00 35.45
C LYS A 938 -14.59 39.00 36.21
N GLN A 939 -14.02 40.16 36.57
CA GLN A 939 -14.82 41.20 37.25
C GLN A 939 -14.67 42.53 36.50
N PRO A 940 -15.72 43.19 35.95
CA PRO A 940 -15.51 44.49 35.28
C PRO A 940 -14.78 45.48 36.19
N THR A 941 -13.71 46.11 35.68
CA THR A 941 -12.97 47.14 36.47
C THR A 941 -13.76 48.45 36.41
N GLY A 942 -14.86 48.49 35.66
CA GLY A 942 -15.57 49.77 35.47
C GLY A 942 -14.89 50.55 34.37
N ALA A 943 -14.37 49.83 33.37
CA ALA A 943 -13.66 50.48 32.25
C ALA A 943 -14.14 49.87 30.93
N VAL A 944 -14.48 50.71 29.96
CA VAL A 944 -14.93 50.21 28.63
C VAL A 944 -13.95 50.74 27.58
N GLU A 945 -13.28 49.86 26.83
CA GLU A 945 -12.40 50.34 25.75
C GLU A 945 -13.25 50.56 24.49
N LEU A 946 -13.57 51.83 24.19
CA LEU A 946 -14.46 52.12 23.04
C LEU A 946 -13.76 51.73 21.73
N ASP A 947 -12.63 52.37 21.43
CA ASP A 947 -11.85 52.03 20.21
C ASP A 947 -10.36 52.09 20.55
N GLY A 948 -9.49 52.05 19.54
CA GLY A 948 -8.03 52.05 19.79
C GLY A 948 -7.47 53.46 19.96
N LEU A 949 -8.31 54.43 20.35
CA LEU A 949 -7.84 55.81 20.58
C LEU A 949 -8.52 56.38 21.83
N THR A 950 -9.62 55.77 22.29
CA THR A 950 -10.37 56.33 23.45
C THR A 950 -10.79 55.21 24.42
N THR A 951 -10.64 55.45 25.74
CA THR A 951 -11.11 54.47 26.76
C THR A 951 -11.94 55.21 27.81
N LEU A 952 -13.18 54.78 28.05
CA LEU A 952 -14.07 55.49 29.00
C LEU A 952 -14.04 54.73 30.32
N ALA A 953 -13.81 55.38 31.45
CA ALA A 953 -13.71 54.60 32.69
C ALA A 953 -14.37 55.33 33.86
N GLY A 954 -14.67 54.62 34.94
CA GLY A 954 -15.41 55.23 36.06
C GLY A 954 -16.83 54.68 36.21
N ILE A 955 -17.24 53.74 35.36
CA ILE A 955 -18.56 53.07 35.52
C ILE A 955 -18.64 52.52 36.93
N PRO A 956 -19.64 52.83 37.82
CA PRO A 956 -19.70 52.18 39.14
C PRO A 956 -19.98 50.67 39.05
N ALA A 957 -19.60 49.91 40.08
CA ALA A 957 -19.81 48.44 40.06
C ALA A 957 -21.29 48.12 40.25
N ALA A 958 -22.05 49.01 40.89
CA ALA A 958 -23.50 48.80 41.10
C ALA A 958 -24.24 49.03 39.77
N ALA A 959 -23.60 49.68 38.79
CA ALA A 959 -24.22 49.84 37.47
C ALA A 959 -24.08 48.54 36.67
N TRP A 960 -23.08 47.73 37.00
CA TRP A 960 -22.91 46.41 36.33
C TRP A 960 -23.91 45.41 36.91
N ALA A 961 -24.49 45.72 38.07
CA ALA A 961 -25.41 44.78 38.74
C ALA A 961 -26.75 44.69 38.00
N TYR A 962 -27.32 45.84 37.60
CA TYR A 962 -28.64 45.85 36.93
C TYR A 962 -28.58 44.95 35.68
N LYS A 963 -29.34 43.85 35.63
CA LYS A 963 -29.24 42.87 34.51
C LYS A 963 -30.59 42.60 33.84
N LEU A 964 -30.72 42.88 32.55
CA LEU A 964 -31.96 42.71 31.81
C LEU A 964 -31.68 41.50 30.94
N GLY A 965 -31.77 40.30 31.51
CA GLY A 965 -31.55 39.06 30.74
C GLY A 965 -30.35 38.29 31.24
N ASN A 966 -29.36 38.09 30.39
CA ASN A 966 -28.10 37.42 30.80
C ASN A 966 -26.99 38.41 30.55
N ARG A 967 -27.33 39.66 30.24
CA ARG A 967 -26.33 40.68 29.87
C ARG A 967 -26.74 41.98 30.54
N SER A 968 -25.82 42.61 31.29
CA SER A 968 -26.11 43.91 31.95
C SER A 968 -26.55 44.97 30.94
N ALA A 969 -27.35 45.95 31.38
CA ALA A 969 -27.84 47.02 30.48
C ALA A 969 -26.69 47.68 29.70
N LEU A 970 -25.58 47.98 30.39
CA LEU A 970 -24.44 48.66 29.74
C LEU A 970 -23.86 47.76 28.63
N GLU A 971 -23.67 46.47 28.93
CA GLU A 971 -23.12 45.52 27.92
C GLU A 971 -24.04 45.48 26.70
N TRP A 972 -25.37 45.52 26.92
CA TRP A 972 -26.33 45.52 25.79
C TRP A 972 -26.00 46.63 24.80
N VAL A 973 -25.82 47.87 25.30
CA VAL A 973 -25.52 49.04 24.41
C VAL A 973 -24.28 48.72 23.57
N LEU A 974 -23.19 48.27 24.21
CA LEU A 974 -21.92 47.98 23.47
C LEU A 974 -22.17 46.94 22.38
N GLU A 975 -22.83 45.82 22.72
CA GLU A 975 -23.07 44.73 21.74
C GLU A 975 -23.96 45.22 20.61
N ARG A 976 -24.85 46.19 20.89
CA ARG A 976 -25.81 46.66 19.87
C ARG A 976 -25.21 47.84 19.08
N HIS A 977 -23.92 48.10 19.25
CA HIS A 977 -23.25 49.18 18.49
C HIS A 977 -21.88 48.69 18.02
N LYS A 978 -21.63 47.38 18.11
CA LYS A 978 -20.34 46.80 17.66
C LYS A 978 -20.34 46.68 16.13
N GLU A 979 -19.16 46.75 15.51
CA GLU A 979 -19.05 46.63 14.04
C GLU A 979 -19.27 45.16 13.63
N THR A 980 -20.47 44.82 13.17
CA THR A 980 -20.81 43.44 12.77
C THR A 980 -21.05 43.41 11.27
N THR A 981 -20.88 42.24 10.67
CA THR A 981 -21.01 42.13 9.22
C THR A 981 -22.35 41.47 8.92
N PRO A 982 -23.24 42.10 8.12
CA PRO A 982 -24.56 41.55 7.90
C PRO A 982 -24.45 40.10 7.43
N LYS A 983 -25.45 39.28 7.75
CA LYS A 983 -25.36 37.85 7.40
C LYS A 983 -25.89 37.65 5.99
N ASP A 984 -26.27 38.72 5.30
CA ASP A 984 -26.75 38.67 3.90
C ASP A 984 -25.60 39.11 3.05
N ALA A 985 -25.49 38.61 1.84
CA ALA A 985 -24.42 39.11 0.95
C ALA A 985 -24.84 40.41 0.30
N THR A 986 -26.07 40.51 -0.20
CA THR A 986 -26.51 41.72 -0.92
C THR A 986 -26.53 42.92 0.02
N ILE A 987 -26.30 42.70 1.31
CA ILE A 987 -26.33 43.80 2.30
C ILE A 987 -24.91 43.83 2.85
N ARG A 988 -24.12 42.80 2.59
CA ARG A 988 -22.72 42.93 3.04
C ARG A 988 -21.95 43.65 1.96
N GLU A 989 -22.59 44.08 0.88
CA GLU A 989 -21.80 44.68 -0.22
C GLU A 989 -22.34 46.06 -0.59
N LYS A 990 -23.65 46.23 -0.60
CA LYS A 990 -24.17 47.52 -1.09
C LYS A 990 -24.73 48.39 0.03
N PHE A 991 -24.89 47.89 1.26
CA PHE A 991 -25.59 48.69 2.29
C PHE A 991 -24.89 48.64 3.64
N ASN A 992 -23.81 47.90 3.79
CA ASN A 992 -23.07 47.93 5.07
C ASN A 992 -22.37 49.27 5.17
N THR A 993 -22.92 50.19 5.96
CA THR A 993 -22.35 51.57 6.03
C THR A 993 -22.10 51.99 7.48
N TYR A 994 -22.51 51.17 8.45
CA TYR A 994 -22.37 51.60 9.86
C TYR A 994 -20.91 51.50 10.32
N ARG A 995 -20.34 52.63 10.74
CA ARG A 995 -18.97 52.61 11.32
C ARG A 995 -19.11 53.09 12.76
N PHE A 996 -18.23 52.63 13.66
CA PHE A 996 -18.25 53.16 15.05
C PHE A 996 -17.94 54.65 14.95
N ALA A 997 -17.37 55.08 13.82
CA ALA A 997 -17.08 56.52 13.60
C ALA A 997 -18.39 57.30 13.57
N ASP A 998 -19.41 56.77 12.89
CA ASP A 998 -20.74 57.44 12.82
C ASP A 998 -21.30 57.56 14.25
N HIS A 999 -21.53 56.43 14.91
CA HIS A 999 -22.03 56.45 16.31
C HIS A 999 -20.84 56.46 17.27
N LYS A 1000 -20.16 57.60 17.40
CA LYS A 1000 -19.01 57.71 18.32
C LYS A 1000 -19.46 58.37 19.62
N GLU A 1001 -19.66 59.69 19.58
CA GLU A 1001 -20.13 60.43 20.79
C GLU A 1001 -21.55 60.01 21.14
N ARG A 1002 -22.36 59.62 20.14
CA ARG A 1002 -23.70 59.14 20.59
C ARG A 1002 -23.53 57.91 21.48
N VAL A 1003 -22.65 56.96 21.21
CA VAL A 1003 -22.47 55.79 22.12
C VAL A 1003 -22.10 56.30 23.51
N ILE A 1004 -21.11 57.20 23.59
CA ILE A 1004 -20.64 57.74 24.91
C ILE A 1004 -21.84 58.37 25.64
N ASP A 1005 -22.63 59.18 24.94
CA ASP A 1005 -23.81 59.85 25.54
C ASP A 1005 -24.77 58.77 26.08
N LEU A 1006 -25.13 57.80 25.24
CA LEU A 1006 -26.05 56.70 25.68
C LEU A 1006 -25.48 56.06 26.94
N LEU A 1007 -24.22 55.61 26.89
CA LEU A 1007 -23.59 54.92 28.05
C LEU A 1007 -23.77 55.77 29.32
N ALA A 1008 -23.41 57.05 29.29
CA ALA A 1008 -23.48 57.91 30.49
C ALA A 1008 -24.89 57.88 31.10
N ARG A 1009 -25.92 58.08 30.29
CA ARG A 1009 -27.31 58.14 30.81
C ARG A 1009 -27.74 56.74 31.29
N VAL A 1010 -27.42 55.70 30.52
CA VAL A 1010 -27.79 54.29 30.91
C VAL A 1010 -27.06 53.93 32.21
N THR A 1011 -25.81 54.42 32.38
CA THR A 1011 -25.08 54.17 33.66
C THR A 1011 -25.93 54.66 34.83
N THR A 1012 -26.37 55.93 34.78
CA THR A 1012 -27.22 56.49 35.85
C THR A 1012 -28.48 55.63 36.02
N VAL A 1013 -29.18 55.31 34.91
CA VAL A 1013 -30.40 54.46 34.96
C VAL A 1013 -30.10 53.18 35.73
N SER A 1014 -29.02 52.48 35.39
CA SER A 1014 -28.67 51.20 36.05
C SER A 1014 -28.58 51.36 37.57
N VAL A 1015 -27.80 52.33 38.04
CA VAL A 1015 -27.65 52.58 39.51
C VAL A 1015 -29.03 52.88 40.11
N GLU A 1016 -29.82 53.73 39.45
CA GLU A 1016 -31.14 54.13 40.00
C GLU A 1016 -32.01 52.89 40.20
N THR A 1017 -32.09 52.01 39.20
CA THR A 1017 -32.89 50.77 39.32
C THR A 1017 -32.48 50.01 40.60
N VAL A 1018 -31.19 49.72 40.75
CA VAL A 1018 -30.70 48.97 41.94
C VAL A 1018 -31.20 49.64 43.22
N ARG A 1019 -31.09 50.97 43.32
CA ARG A 1019 -31.56 51.71 44.52
C ARG A 1019 -33.04 51.40 44.79
N ILE A 1020 -33.91 51.65 43.81
CA ILE A 1020 -35.39 51.44 44.00
C ILE A 1020 -35.66 49.97 44.34
N VAL A 1021 -35.07 49.04 43.58
CA VAL A 1021 -35.34 47.58 43.79
C VAL A 1021 -34.77 47.13 45.15
N GLY A 1022 -33.77 47.84 45.68
CA GLY A 1022 -33.18 47.48 46.98
C GLY A 1022 -34.06 47.90 48.13
N GLU A 1023 -34.78 49.02 47.99
CA GLU A 1023 -35.71 49.48 49.06
C GLU A 1023 -36.80 48.43 49.29
N MET A 1024 -37.05 47.58 48.28
CA MET A 1024 -38.10 46.54 48.37
C MET A 1024 -37.61 45.43 49.29
N PRO A 1025 -38.42 44.82 50.21
CA PRO A 1025 -37.88 43.84 51.18
C PRO A 1025 -37.71 42.39 50.69
N ALA A 1026 -37.92 41.42 51.58
CA ALA A 1026 -37.83 40.00 51.21
C ALA A 1026 -39.19 39.33 51.45
N GLU A 1027 -40.11 40.05 52.09
CA GLU A 1027 -41.48 39.52 52.31
C GLU A 1027 -42.12 39.23 50.95
N THR A 1028 -42.52 37.98 50.71
CA THR A 1028 -43.21 37.65 49.44
C THR A 1028 -44.65 37.24 49.71
N MET A 1029 -45.61 38.06 49.30
CA MET A 1029 -47.05 37.72 49.48
C MET A 1029 -47.42 36.57 48.54
N SER B 2 24.86 17.45 -11.65
CA SER B 2 25.47 18.20 -12.77
C SER B 2 26.41 19.27 -12.22
N LEU B 3 27.69 19.24 -12.61
CA LEU B 3 28.58 20.35 -12.19
C LEU B 3 28.00 21.62 -12.82
N GLN B 4 27.25 21.49 -13.90
CA GLN B 4 26.57 22.66 -14.50
C GLN B 4 25.67 23.31 -13.45
N LEU B 5 24.73 22.59 -12.87
CA LEU B 5 23.80 23.22 -11.93
C LEU B 5 24.61 23.69 -10.72
N VAL B 6 25.70 23.02 -10.35
CA VAL B 6 26.41 23.52 -9.13
C VAL B 6 27.21 24.74 -9.53
N LYS B 7 27.57 24.83 -10.80
CA LYS B 7 28.41 25.95 -11.21
C LYS B 7 27.68 27.21 -10.83
N LYS B 8 26.37 27.23 -11.05
CA LYS B 8 25.59 28.45 -10.80
C LYS B 8 25.47 28.68 -9.31
N PHE B 9 25.36 27.62 -8.52
CA PHE B 9 25.35 27.86 -7.05
C PHE B 9 26.60 28.64 -6.69
N GLN B 10 27.77 28.27 -7.20
CA GLN B 10 29.00 28.95 -6.71
C GLN B 10 28.84 30.45 -6.86
N LYS B 11 28.19 30.89 -7.93
CA LYS B 11 28.04 32.34 -8.18
C LYS B 11 26.88 32.91 -7.37
N ARG B 12 25.74 32.23 -7.32
CA ARG B 12 24.60 32.86 -6.62
C ARG B 12 24.96 33.09 -5.15
N LEU B 13 25.77 32.24 -4.51
CA LEU B 13 26.18 32.47 -3.10
C LEU B 13 26.95 33.78 -2.98
N GLU B 14 28.00 33.96 -3.78
CA GLU B 14 28.75 35.22 -3.77
C GLU B 14 27.82 36.36 -4.22
N ASP B 15 27.01 36.15 -5.25
CA ASP B 15 26.17 37.25 -5.78
C ASP B 15 25.24 37.74 -4.69
N ILE B 16 24.69 36.84 -3.90
CA ILE B 16 23.71 37.26 -2.88
C ILE B 16 24.45 37.98 -1.74
N VAL B 17 25.74 37.76 -1.58
CA VAL B 17 26.44 38.56 -0.53
C VAL B 17 26.97 39.83 -1.17
N ALA B 18 27.00 39.89 -2.49
CA ALA B 18 27.61 41.05 -3.18
C ALA B 18 26.55 42.10 -3.55
N TYR B 19 25.47 41.68 -4.19
CA TYR B 19 24.45 42.65 -4.64
C TYR B 19 23.63 43.05 -3.44
N GLY B 20 24.02 42.66 -2.23
CA GLY B 20 23.26 43.15 -1.07
C GLY B 20 23.87 42.98 0.29
N GLY B 21 25.17 42.85 0.39
CA GLY B 21 25.79 42.88 1.72
C GLY B 21 25.04 42.23 2.86
N THR B 22 24.50 41.03 2.68
CA THR B 22 23.98 40.27 3.83
C THR B 22 24.86 39.03 4.03
N ARG B 23 24.91 38.49 5.27
CA ARG B 23 25.67 37.24 5.46
C ARG B 23 24.84 36.26 6.28
N ASN B 24 23.72 36.72 6.85
CA ASN B 24 22.88 35.86 7.74
C ASN B 24 22.33 34.65 7.00
N GLU B 25 22.09 33.54 7.72
CA GLU B 25 21.61 32.28 7.10
C GLU B 25 20.34 32.51 6.27
N SER B 26 19.30 33.12 6.86
CA SER B 26 18.00 33.28 6.16
C SER B 26 18.14 34.01 4.82
N SER B 27 19.16 34.86 4.66
CA SER B 27 19.34 35.63 3.40
C SER B 27 20.18 34.85 2.40
N VAL B 28 21.13 34.03 2.86
CA VAL B 28 22.06 33.32 1.93
C VAL B 28 21.60 31.89 1.64
N ARG B 29 20.56 31.41 2.32
CA ARG B 29 20.12 29.99 2.15
C ARG B 29 19.33 29.84 0.85
N ALA B 30 18.89 30.95 0.25
CA ALA B 30 18.09 30.91 -0.99
C ALA B 30 18.87 30.24 -2.12
N ALA B 31 20.20 30.45 -2.16
CA ALA B 31 21.05 29.85 -3.21
C ALA B 31 20.97 28.32 -3.13
N PHE B 32 21.18 27.75 -1.94
CA PHE B 32 21.15 26.27 -1.79
C PHE B 32 19.72 25.76 -1.97
N GLN B 33 18.71 26.62 -1.65
CA GLN B 33 17.34 26.14 -1.86
C GLN B 33 17.28 25.91 -3.34
N GLN B 34 17.67 26.92 -4.10
CA GLN B 34 17.44 26.82 -5.55
C GLN B 34 18.13 25.60 -6.08
N LEU B 35 19.38 25.47 -5.72
CA LEU B 35 20.20 24.31 -6.19
C LEU B 35 19.47 23.00 -5.90
N LEU B 36 19.05 22.78 -4.65
CA LEU B 36 18.42 21.50 -4.25
C LEU B 36 17.10 21.32 -5.02
N SER B 37 16.18 22.28 -4.93
CA SER B 37 14.86 22.16 -5.58
C SER B 37 15.02 21.87 -7.07
N ASP B 38 15.96 22.55 -7.74
CA ASP B 38 16.12 22.39 -9.21
C ASP B 38 16.63 20.99 -9.54
N TRP B 39 17.63 20.49 -8.80
CA TRP B 39 18.19 19.15 -9.09
C TRP B 39 17.08 18.16 -8.86
N ALA B 40 16.24 18.41 -7.87
CA ALA B 40 15.20 17.43 -7.51
C ALA B 40 14.20 17.31 -8.64
N GLU B 41 13.70 18.42 -9.17
CA GLU B 41 12.68 18.42 -10.24
C GLU B 41 12.95 17.29 -11.22
N GLY B 42 14.19 17.10 -11.61
CA GLY B 42 14.54 16.02 -12.53
C GLY B 42 14.50 14.65 -11.89
N SER B 43 15.15 14.48 -10.72
CA SER B 43 15.27 13.16 -10.06
C SER B 43 13.90 12.56 -9.74
N GLY B 44 12.85 13.37 -9.76
CA GLY B 44 11.48 12.87 -9.48
C GLY B 44 10.96 13.35 -8.15
N LEU B 45 11.85 13.74 -7.25
CA LEU B 45 11.44 14.28 -5.94
C LEU B 45 11.12 15.78 -6.07
N ARG B 46 10.84 16.49 -4.97
CA ARG B 46 10.63 17.96 -4.98
C ARG B 46 11.08 18.42 -3.59
N LEU B 47 11.51 19.66 -3.38
CA LEU B 47 11.86 20.05 -1.99
C LEU B 47 10.77 20.93 -1.39
N ILE B 48 10.05 20.46 -0.37
CA ILE B 48 9.01 21.28 0.31
C ILE B 48 9.68 21.88 1.52
N THR B 49 9.74 23.22 1.59
CA THR B 49 10.52 23.89 2.67
C THR B 49 9.75 23.96 4.00
N GLU B 50 10.46 24.09 5.12
CA GLU B 50 9.83 24.25 6.46
C GLU B 50 8.68 23.27 6.68
N VAL B 51 8.97 21.96 6.68
CA VAL B 51 7.91 20.96 6.99
C VAL B 51 7.95 20.68 8.49
N THR B 52 6.82 20.88 9.18
CA THR B 52 6.78 20.71 10.66
C THR B 52 6.66 19.22 11.00
N GLN B 53 7.59 18.39 10.51
CA GLN B 53 7.59 16.94 10.88
C GLN B 53 7.82 16.80 12.38
N LYS B 54 7.08 15.91 13.05
CA LYS B 54 7.24 15.69 14.51
C LYS B 54 8.33 14.66 14.76
N ALA B 55 8.84 14.55 15.98
CA ALA B 55 9.97 13.63 16.19
C ALA B 55 9.78 12.77 17.44
N VAL B 56 10.81 12.00 17.82
CA VAL B 56 10.75 11.14 19.05
C VAL B 56 10.57 12.06 20.24
N ALA B 57 9.87 11.60 21.28
CA ALA B 57 9.54 12.41 22.49
C ALA B 57 8.40 13.37 22.17
N GLY B 58 7.89 13.34 20.94
CA GLY B 58 6.76 14.20 20.53
C GLY B 58 7.05 15.70 20.53
N ASN B 59 8.27 16.15 20.20
CA ASN B 59 8.52 17.60 20.06
C ASN B 59 8.44 17.87 18.56
N ASN B 60 8.11 19.09 18.12
CA ASN B 60 7.92 19.37 16.67
C ASN B 60 9.16 20.08 16.13
N VAL B 61 9.73 19.65 15.01
CA VAL B 61 10.98 20.26 14.47
C VAL B 61 10.75 20.73 13.03
N ARG B 62 11.55 21.67 12.51
CA ARG B 62 11.39 22.21 11.14
C ARG B 62 12.73 22.24 10.34
N PRO B 63 13.21 21.19 9.61
CA PRO B 63 14.39 21.28 8.75
C PRO B 63 14.20 22.39 7.70
N ASP B 64 15.30 22.99 7.24
CA ASP B 64 15.22 24.09 6.24
C ASP B 64 14.46 23.61 5.00
N GLY B 65 14.68 22.35 4.59
CA GLY B 65 13.94 21.79 3.45
C GLY B 65 13.64 20.32 3.66
N THR B 66 12.63 19.78 2.95
CA THR B 66 12.29 18.34 3.06
C THR B 66 12.07 17.76 1.66
N LEU B 67 12.98 16.92 1.17
CA LEU B 67 12.83 16.28 -0.15
C LEU B 67 11.72 15.23 -0.07
N LYS B 68 10.51 15.58 -0.54
CA LYS B 68 9.39 14.61 -0.52
C LYS B 68 9.12 14.06 -1.91
N ASP B 69 8.43 12.91 -1.98
CA ASP B 69 8.10 12.26 -3.28
C ASP B 69 6.60 12.38 -3.54
N SER B 70 6.10 11.73 -4.58
CA SER B 70 4.66 11.86 -4.96
C SER B 70 3.75 11.32 -3.86
N LEU B 71 4.21 10.31 -3.10
CA LEU B 71 3.40 9.73 -2.00
C LEU B 71 3.63 10.53 -0.71
N GLN B 72 4.04 11.79 -0.83
CA GLN B 72 4.29 12.67 0.34
C GLN B 72 5.14 11.91 1.38
N GLN B 73 6.10 11.12 0.91
CA GLN B 73 6.99 10.35 1.83
C GLN B 73 8.39 10.95 1.82
N SER B 74 8.81 11.56 2.91
CA SER B 74 10.15 12.20 3.01
C SER B 74 11.24 11.22 2.65
N ARG B 75 12.17 11.62 1.79
CA ARG B 75 13.30 10.74 1.36
C ARG B 75 14.62 11.37 1.80
N GLY B 76 14.56 12.60 2.32
CA GLY B 76 15.78 13.32 2.68
C GLY B 76 15.47 14.68 3.25
N TYR B 77 16.33 15.22 4.10
CA TYR B 77 16.06 16.50 4.79
C TYR B 77 17.25 17.44 4.56
N TRP B 78 17.07 18.75 4.41
CA TRP B 78 18.23 19.68 4.33
C TRP B 78 18.16 20.60 5.53
N GLU B 79 19.28 21.06 6.07
CA GLU B 79 19.20 22.07 7.15
C GLU B 79 20.40 23.00 7.08
N SER B 80 20.17 24.32 6.98
CA SER B 80 21.27 25.31 6.83
C SER B 80 21.50 26.11 8.10
N LYS B 81 22.75 26.20 8.55
CA LYS B 81 23.07 27.05 9.73
C LYS B 81 23.78 28.30 9.21
N ASP B 82 24.20 29.21 10.09
CA ASP B 82 24.97 30.38 9.60
C ASP B 82 26.44 29.99 9.44
N GLU B 83 27.16 30.69 8.56
CA GLU B 83 28.61 30.40 8.32
C GLU B 83 29.37 30.53 9.64
N ALA B 84 29.09 31.58 10.41
CA ALA B 84 29.78 31.80 11.70
C ALA B 84 29.58 30.58 12.61
N ASP B 85 28.35 30.11 12.76
CA ASP B 85 28.06 28.95 13.63
C ASP B 85 28.86 27.73 13.15
N THR B 86 29.77 27.23 13.99
CA THR B 86 30.57 26.03 13.62
C THR B 86 29.61 24.88 13.31
N LEU B 87 29.54 24.46 12.04
CA LEU B 87 28.61 23.38 11.63
C LEU B 87 28.77 22.19 12.57
N ASP B 88 29.98 21.63 12.68
CA ASP B 88 30.23 20.41 13.49
C ASP B 88 29.50 20.47 14.84
N ASP B 89 29.72 21.53 15.63
CA ASP B 89 29.12 21.59 16.99
C ASP B 89 27.60 21.76 16.86
N GLU B 90 27.13 22.60 15.94
CA GLU B 90 25.68 22.88 15.80
C GLU B 90 24.94 21.63 15.29
N ILE B 91 25.64 20.76 14.55
CA ILE B 91 25.01 19.50 14.03
C ILE B 91 24.40 18.75 15.22
N GLN B 92 25.19 18.44 16.25
CA GLN B 92 24.69 17.64 17.40
C GLN B 92 23.64 18.42 18.19
N LYS B 93 23.75 19.75 18.22
CA LYS B 93 22.78 20.59 18.95
C LYS B 93 21.37 20.32 18.41
N LYS B 94 21.21 20.26 17.08
CA LYS B 94 19.86 20.07 16.48
C LYS B 94 19.56 18.58 16.33
N LEU B 95 20.57 17.71 16.41
CA LEU B 95 20.31 16.25 16.38
C LEU B 95 19.61 15.87 17.69
N ALA B 96 19.94 16.57 18.78
CA ALA B 96 19.29 16.31 20.09
C ALA B 96 17.82 16.71 20.00
N LYS B 97 17.47 17.76 19.25
CA LYS B 97 16.05 18.12 19.21
C LYS B 97 15.31 17.05 18.42
N GLY B 98 16.03 16.17 17.75
CA GLY B 98 15.37 15.03 17.10
C GLY B 98 15.38 15.18 15.62
N TYR B 99 16.13 16.14 15.08
CA TYR B 99 16.04 16.38 13.62
C TYR B 99 16.39 15.04 13.00
N PRO B 100 15.63 14.55 12.01
CA PRO B 100 15.89 13.23 11.50
C PRO B 100 17.36 12.91 11.17
N ARG B 101 17.76 11.65 11.32
CA ARG B 101 19.15 11.23 10.97
C ARG B 101 19.10 10.38 9.70
N ASP B 102 17.95 10.35 9.01
CA ASP B 102 17.77 9.52 7.80
C ASP B 102 18.77 9.96 6.71
N ASN B 103 18.61 11.18 6.21
CA ASN B 103 19.51 11.70 5.13
C ASN B 103 19.54 13.23 5.27
N ILE B 104 20.15 13.75 6.33
CA ILE B 104 20.11 15.22 6.57
C ILE B 104 21.38 15.89 6.04
N ILE B 105 21.23 16.99 5.31
CA ILE B 105 22.44 17.75 4.84
C ILE B 105 22.61 18.98 5.74
N PHE B 106 23.52 18.91 6.71
CA PHE B 106 23.82 20.13 7.50
C PHE B 106 24.72 20.97 6.60
N GLU B 107 24.35 22.22 6.31
CA GLU B 107 25.15 22.99 5.31
C GLU B 107 25.47 24.40 5.79
N ASP B 108 26.72 24.75 6.06
CA ASP B 108 27.04 26.17 6.38
C ASP B 108 27.46 26.77 5.06
N SER B 109 27.86 28.02 5.02
CA SER B 109 28.14 28.66 3.71
C SER B 109 29.41 28.09 3.06
N ARG B 110 30.39 27.68 3.86
CA ARG B 110 31.67 27.20 3.32
C ARG B 110 31.84 25.68 3.50
N LEU B 111 30.90 24.95 4.08
CA LEU B 111 31.12 23.49 4.27
C LEU B 111 29.77 22.79 4.33
N ALA B 112 29.66 21.57 3.82
CA ALA B 112 28.41 20.79 3.88
C ALA B 112 28.70 19.39 4.40
N VAL B 113 27.78 18.78 5.16
CA VAL B 113 28.00 17.45 5.78
C VAL B 113 26.81 16.55 5.48
N LEU B 114 27.01 15.46 4.74
CA LEU B 114 25.90 14.49 4.52
C LEU B 114 25.91 13.51 5.70
N MET B 115 24.73 13.19 6.26
CA MET B 115 24.65 12.26 7.41
C MET B 115 23.65 11.15 7.09
N GLN B 116 24.11 10.05 6.51
CA GLN B 116 23.20 8.95 6.16
C GLN B 116 23.16 7.93 7.30
N ASN B 117 21.96 7.55 7.73
CA ASN B 117 21.79 6.53 8.80
C ASN B 117 22.67 6.85 10.02
N GLY B 118 22.57 8.08 10.52
CA GLY B 118 23.34 8.47 11.72
C GLY B 118 24.84 8.30 11.54
N GLU B 119 25.36 8.68 10.36
CA GLU B 119 26.80 8.53 10.07
C GLU B 119 27.21 9.59 9.05
N GLU B 120 28.17 10.44 9.38
CA GLU B 120 28.67 11.43 8.39
C GLU B 120 29.28 10.68 7.20
N VAL B 121 28.62 10.74 6.03
CA VAL B 121 29.21 10.11 4.81
C VAL B 121 30.41 10.96 4.39
N GLN B 122 30.14 12.19 3.95
CA GLN B 122 31.23 13.08 3.49
C GLN B 122 31.11 14.48 4.11
N ARG B 123 32.13 15.32 3.92
CA ARG B 123 32.15 16.72 4.39
C ARG B 123 32.70 17.58 3.27
N VAL B 124 31.99 17.69 2.16
CA VAL B 124 32.56 18.43 1.00
C VAL B 124 32.70 19.90 1.31
N ASP B 125 33.73 20.52 0.80
CA ASP B 125 33.83 21.99 0.96
C ASP B 125 32.88 22.60 -0.06
N MET B 126 32.38 23.84 0.21
CA MET B 126 31.36 24.42 -0.73
C MET B 126 31.98 25.01 -1.99
N GLY B 127 33.30 25.12 -2.07
CA GLY B 127 33.96 25.81 -3.20
C GLY B 127 33.99 24.95 -4.44
N ASP B 128 34.26 23.65 -4.28
CA ASP B 128 34.38 22.75 -5.46
C ASP B 128 32.97 22.36 -5.94
N ALA B 129 32.68 22.61 -7.22
CA ALA B 129 31.38 22.20 -7.79
C ALA B 129 31.32 20.67 -7.85
N GLY B 130 32.44 20.03 -8.22
CA GLY B 130 32.47 18.56 -8.36
C GLY B 130 32.17 17.84 -7.06
N ALA B 131 32.89 18.18 -5.99
CA ALA B 131 32.70 17.51 -4.68
C ALA B 131 31.24 17.72 -4.23
N LEU B 132 30.75 18.96 -4.33
CA LEU B 132 29.35 19.26 -3.94
C LEU B 132 28.40 18.38 -4.74
N ALA B 133 28.60 18.31 -6.06
CA ALA B 133 27.71 17.49 -6.92
C ALA B 133 27.74 16.04 -6.45
N GLY B 134 28.93 15.47 -6.20
CA GLY B 134 29.02 14.09 -5.68
C GLY B 134 28.21 13.91 -4.41
N LEU B 135 28.38 14.81 -3.43
CA LEU B 135 27.62 14.74 -2.15
C LEU B 135 26.12 14.75 -2.47
N LEU B 136 25.69 15.68 -3.33
CA LEU B 136 24.24 15.81 -3.61
C LEU B 136 23.73 14.56 -4.33
N LYS B 137 24.55 13.98 -5.21
CA LYS B 137 24.15 12.74 -5.92
C LYS B 137 23.97 11.61 -4.90
N LEU B 138 24.88 11.48 -3.94
CA LEU B 138 24.73 10.45 -2.87
C LEU B 138 23.42 10.71 -2.13
N PHE B 139 23.14 11.98 -1.81
CA PHE B 139 21.88 12.34 -1.09
C PHE B 139 20.65 11.98 -1.93
N PHE B 140 20.72 12.14 -3.25
CA PHE B 140 19.55 11.89 -4.13
C PHE B 140 19.40 10.40 -4.43
N GLU B 141 20.49 9.64 -4.30
CA GLU B 141 20.43 8.19 -4.65
C GLU B 141 20.46 7.34 -3.38
N PHE B 142 19.75 7.78 -2.34
CA PHE B 142 19.67 6.96 -1.09
C PHE B 142 18.41 6.10 -1.15
N GLU B 143 18.54 4.79 -0.91
CA GLU B 143 17.39 3.87 -0.90
C GLU B 143 16.67 3.99 0.43
N PRO B 144 15.45 4.55 0.47
CA PRO B 144 14.78 4.76 1.74
C PRO B 144 14.46 3.41 2.36
N PRO B 145 14.16 3.32 3.65
CA PRO B 145 13.78 2.05 4.24
C PRO B 145 12.75 1.30 3.41
N GLN B 146 11.81 2.00 2.79
CA GLN B 146 10.69 1.34 2.07
C GLN B 146 11.11 0.63 0.78
N VAL B 147 12.35 0.72 0.33
CA VAL B 147 12.76 -0.05 -0.88
C VAL B 147 13.58 -1.27 -0.43
N LEU B 148 14.20 -1.20 0.74
CA LEU B 148 14.88 -2.41 1.27
C LEU B 148 13.77 -3.37 1.68
N GLU B 149 12.67 -2.81 2.21
CA GLU B 149 11.50 -3.64 2.59
C GLU B 149 10.84 -4.17 1.31
N PHE B 150 10.69 -3.39 0.22
CA PHE B 150 10.12 -3.96 -1.02
C PHE B 150 11.02 -5.09 -1.47
N ARG B 151 12.33 -4.89 -1.43
CA ARG B 151 13.28 -5.92 -1.95
C ARG B 151 13.18 -7.21 -1.13
N LYS B 152 13.09 -7.09 0.22
CA LYS B 152 12.94 -8.31 1.03
C LYS B 152 11.69 -9.02 0.56
N ALA B 153 10.61 -8.31 0.31
CA ALA B 153 9.34 -8.98 -0.02
C ALA B 153 9.40 -9.68 -1.37
N VAL B 154 10.06 -9.10 -2.34
CA VAL B 154 10.22 -9.76 -3.66
C VAL B 154 10.88 -11.11 -3.45
N ASP B 155 11.91 -11.22 -2.61
CA ASP B 155 12.48 -12.57 -2.34
C ASP B 155 11.40 -13.48 -1.78
N HIS B 156 10.65 -13.04 -0.79
CA HIS B 156 9.67 -13.98 -0.21
C HIS B 156 8.70 -14.41 -1.30
N PHE B 157 8.30 -13.51 -2.19
CA PHE B 157 7.27 -13.86 -3.20
C PHE B 157 7.78 -15.01 -4.09
N LYS B 158 9.11 -15.10 -4.27
CA LYS B 158 9.69 -16.22 -5.06
C LYS B 158 9.48 -17.52 -4.30
N ASP B 159 9.63 -17.49 -2.97
CA ASP B 159 9.49 -18.72 -2.14
C ASP B 159 8.00 -19.05 -1.98
N GLU B 160 7.14 -18.02 -1.94
CA GLU B 160 5.67 -18.24 -1.74
C GLU B 160 5.02 -18.60 -3.07
N MET B 161 5.72 -18.36 -4.19
CA MET B 161 5.16 -18.64 -5.54
C MET B 161 4.58 -20.05 -5.63
N PRO B 162 5.31 -21.18 -5.43
CA PRO B 162 4.72 -22.52 -5.63
C PRO B 162 3.40 -22.75 -4.87
N HIS B 163 3.33 -22.31 -3.60
CA HIS B 163 2.13 -22.54 -2.76
C HIS B 163 0.98 -21.66 -3.24
N LEU B 164 1.28 -20.43 -3.67
CA LEU B 164 0.23 -19.55 -4.24
C LEU B 164 -0.27 -20.17 -5.54
N LEU B 165 0.63 -20.78 -6.32
CA LEU B 165 0.25 -21.41 -7.61
C LEU B 165 -0.55 -22.68 -7.32
N LYS B 166 -0.25 -23.36 -6.22
CA LYS B 166 -1.02 -24.58 -5.85
C LYS B 166 -2.48 -24.19 -5.61
N ILE B 167 -2.70 -23.07 -4.91
CA ILE B 167 -4.09 -22.59 -4.64
C ILE B 167 -4.76 -22.21 -5.97
N LEU B 168 -3.99 -21.65 -6.90
CA LEU B 168 -4.56 -21.28 -8.24
C LEU B 168 -4.83 -22.55 -9.05
N ARG B 169 -4.02 -23.60 -8.87
CA ARG B 169 -4.28 -24.89 -9.56
C ARG B 169 -5.60 -25.44 -9.02
N GLU B 170 -5.79 -25.41 -7.69
CA GLU B 170 -7.05 -25.90 -7.07
C GLU B 170 -8.22 -25.08 -7.62
N ALA B 171 -8.03 -23.76 -7.79
CA ALA B 171 -9.09 -22.89 -8.33
C ALA B 171 -9.44 -23.30 -9.76
N ALA B 172 -8.42 -23.61 -10.57
CA ALA B 172 -8.64 -24.00 -11.98
C ALA B 172 -9.22 -25.42 -12.06
N ASP B 173 -8.94 -26.26 -11.05
CA ASP B 173 -9.49 -27.64 -11.01
C ASP B 173 -10.95 -27.56 -10.56
N ALA B 174 -11.27 -26.65 -9.62
CA ALA B 174 -12.68 -26.45 -9.21
C ALA B 174 -13.44 -25.89 -10.41
N ALA B 175 -12.78 -25.05 -11.21
CA ALA B 175 -13.41 -24.52 -12.44
C ALA B 175 -13.61 -25.69 -13.42
N GLU B 176 -12.63 -26.60 -13.52
CA GLU B 176 -12.72 -27.72 -14.49
C GLU B 176 -13.90 -28.62 -14.14
N GLN B 177 -14.55 -28.39 -12.99
CA GLN B 177 -15.73 -29.19 -12.59
C GLN B 177 -17.00 -28.48 -13.06
N LYS B 178 -16.91 -27.18 -13.36
CA LYS B 178 -18.09 -26.43 -13.90
C LYS B 178 -18.20 -26.68 -15.40
N ALA B 179 -19.41 -26.94 -15.88
CA ALA B 179 -19.63 -27.19 -17.32
C ALA B 179 -19.48 -25.88 -18.10
N ASP B 180 -19.86 -24.76 -17.49
CA ASP B 180 -19.69 -23.43 -18.15
C ASP B 180 -18.21 -23.25 -18.50
N TYR B 181 -17.32 -23.67 -17.59
CA TYR B 181 -15.86 -23.53 -17.82
C TYR B 181 -15.40 -24.53 -18.88
N ARG B 182 -15.90 -25.77 -18.81
CA ARG B 182 -15.51 -26.81 -19.80
C ARG B 182 -15.85 -26.32 -21.21
N GLY B 183 -17.05 -25.76 -21.41
CA GLY B 183 -17.38 -25.20 -22.73
C GLY B 183 -16.44 -24.06 -23.10
N GLU B 184 -16.27 -23.08 -22.21
CA GLU B 184 -15.37 -21.92 -22.44
C GLU B 184 -13.95 -22.39 -22.71
N ARG B 185 -13.54 -23.49 -22.08
CA ARG B 185 -12.19 -24.07 -22.34
C ARG B 185 -12.03 -24.46 -23.83
N ASP B 186 -12.96 -25.25 -24.39
CA ASP B 186 -12.84 -25.71 -25.80
C ASP B 186 -12.66 -24.49 -26.71
N HIS B 187 -13.52 -23.48 -26.55
CA HIS B 187 -13.38 -22.23 -27.36
C HIS B 187 -11.95 -21.69 -27.22
N PHE B 188 -11.44 -21.52 -26.00
CA PHE B 188 -10.08 -20.93 -25.91
C PHE B 188 -9.03 -21.90 -26.47
N VAL B 189 -9.00 -23.15 -25.99
CA VAL B 189 -7.95 -24.11 -26.45
C VAL B 189 -7.91 -24.10 -27.98
N GLU B 190 -9.04 -24.36 -28.63
CA GLU B 190 -9.10 -24.37 -30.12
C GLU B 190 -8.62 -23.02 -30.66
N ILE B 191 -9.12 -21.91 -30.11
CA ILE B 191 -8.73 -20.57 -30.66
C ILE B 191 -7.22 -20.38 -30.52
N ALA B 192 -6.69 -20.50 -29.31
CA ALA B 192 -5.25 -20.24 -29.06
C ALA B 192 -4.40 -21.19 -29.91
N LYS B 193 -4.83 -22.45 -30.08
CA LYS B 193 -4.11 -23.39 -30.97
C LYS B 193 -4.02 -22.77 -32.36
N GLU B 194 -5.17 -22.60 -33.03
CA GLU B 194 -5.13 -22.10 -34.44
C GLU B 194 -4.59 -20.66 -34.53
N ALA B 195 -4.28 -20.01 -33.42
CA ALA B 195 -3.88 -18.59 -33.51
C ALA B 195 -2.48 -18.35 -32.93
N ILE B 196 -1.87 -19.35 -32.31
CA ILE B 196 -0.56 -19.08 -31.62
C ILE B 196 0.37 -20.23 -31.99
N ASN B 197 -0.04 -21.46 -31.70
CA ASN B 197 0.87 -22.61 -31.97
C ASN B 197 0.00 -23.85 -32.11
N PRO B 198 0.05 -24.58 -33.24
CA PRO B 198 -0.85 -25.71 -33.46
C PRO B 198 -0.84 -26.89 -32.48
N ASP B 199 -0.16 -26.81 -31.33
CA ASP B 199 -0.23 -28.03 -30.47
C ASP B 199 -0.67 -27.60 -29.07
N PHE B 200 -1.54 -26.58 -28.99
CA PHE B 200 -2.01 -26.06 -27.68
C PHE B 200 -2.78 -27.16 -26.93
N SER B 201 -2.80 -27.09 -25.60
CA SER B 201 -3.45 -28.16 -24.82
C SER B 201 -4.41 -27.59 -23.76
N PRO B 202 -5.47 -28.29 -23.25
CA PRO B 202 -6.31 -27.75 -22.17
C PRO B 202 -5.48 -27.36 -20.94
N ARG B 203 -4.37 -28.08 -20.72
CA ARG B 203 -3.50 -27.79 -19.55
C ARG B 203 -2.72 -26.50 -19.82
N ASP B 204 -2.36 -26.25 -21.09
CA ASP B 204 -1.68 -24.97 -21.44
C ASP B 204 -2.69 -23.83 -21.24
N ALA B 205 -3.96 -24.07 -21.58
CA ALA B 205 -5.01 -23.04 -21.40
C ALA B 205 -5.23 -22.80 -19.90
N ARG B 206 -5.21 -23.86 -19.10
CA ARG B 206 -5.37 -23.73 -17.63
C ARG B 206 -4.16 -22.96 -17.08
N GLU B 207 -2.96 -23.26 -17.59
CA GLU B 207 -1.73 -22.55 -17.15
C GLU B 207 -1.84 -21.08 -17.55
N MET B 208 -2.31 -20.80 -18.77
CA MET B 208 -2.47 -19.40 -19.25
C MET B 208 -3.52 -18.70 -18.39
N LEU B 209 -4.59 -19.40 -18.02
CA LEU B 209 -5.63 -18.80 -17.13
C LEU B 209 -4.98 -18.48 -15.77
N ILE B 210 -4.18 -19.41 -15.24
CA ILE B 210 -3.50 -19.18 -13.93
C ILE B 210 -2.65 -17.90 -14.05
N GLN B 211 -1.88 -17.76 -15.14
CA GLN B 211 -1.11 -16.49 -15.35
C GLN B 211 -2.08 -15.31 -15.33
N HIS B 212 -3.14 -15.37 -16.14
CA HIS B 212 -4.13 -14.27 -16.24
C HIS B 212 -4.64 -13.87 -14.85
N ILE B 213 -5.10 -14.82 -14.04
CA ILE B 213 -5.72 -14.47 -12.72
C ILE B 213 -4.63 -14.05 -11.72
N LEU B 214 -3.45 -14.69 -11.75
CA LEU B 214 -2.33 -14.29 -10.85
C LEU B 214 -1.97 -12.84 -11.16
N THR B 215 -1.61 -12.57 -12.41
CA THR B 215 -1.23 -11.19 -12.81
C THR B 215 -2.43 -10.28 -12.56
N GLY B 216 -3.65 -10.75 -12.82
CA GLY B 216 -4.88 -9.94 -12.65
C GLY B 216 -4.95 -9.32 -11.26
N ASP B 217 -4.89 -10.14 -10.21
CA ASP B 217 -5.04 -9.61 -8.83
C ASP B 217 -3.88 -8.66 -8.50
N LEU B 218 -2.66 -9.01 -8.92
CA LEU B 218 -1.48 -8.15 -8.66
C LEU B 218 -1.60 -6.85 -9.45
N PHE B 219 -2.13 -6.91 -10.68
CA PHE B 219 -2.23 -5.72 -11.55
C PHE B 219 -3.30 -4.77 -11.00
N THR B 220 -4.22 -5.25 -10.17
CA THR B 220 -5.33 -4.39 -9.66
C THR B 220 -4.99 -3.85 -8.28
N SER B 221 -3.78 -4.12 -7.77
CA SER B 221 -3.43 -3.70 -6.40
C SER B 221 -1.99 -3.16 -6.33
N VAL B 222 -0.99 -4.05 -6.46
CA VAL B 222 0.44 -3.62 -6.36
C VAL B 222 0.78 -2.78 -7.61
N PHE B 223 0.13 -3.05 -8.74
CA PHE B 223 0.34 -2.23 -9.96
C PHE B 223 -0.84 -1.26 -10.10
N ASP B 224 -1.99 -1.58 -9.50
CA ASP B 224 -3.17 -0.68 -9.50
C ASP B 224 -3.64 -0.32 -10.92
N ASN B 225 -3.15 -1.01 -11.96
CA ASN B 225 -3.68 -0.76 -13.32
C ASN B 225 -4.92 -1.64 -13.46
N ALA B 226 -5.99 -1.32 -12.73
CA ALA B 226 -7.14 -2.24 -12.73
C ALA B 226 -7.83 -2.20 -14.07
N GLN B 227 -7.50 -1.25 -14.91
CA GLN B 227 -8.25 -1.13 -16.18
C GLN B 227 -7.55 -1.99 -17.21
N TYR B 228 -6.26 -2.26 -17.00
CA TYR B 228 -5.53 -3.00 -18.05
C TYR B 228 -6.34 -4.21 -18.47
N HIS B 229 -6.90 -4.93 -17.54
CA HIS B 229 -7.54 -6.23 -17.87
C HIS B 229 -8.86 -6.06 -18.62
N GLU B 230 -9.37 -4.83 -18.76
CA GLU B 230 -10.60 -4.61 -19.55
C GLU B 230 -10.33 -3.67 -20.73
N ASP B 231 -9.08 -3.60 -21.21
CA ASP B 231 -8.79 -2.78 -22.42
C ASP B 231 -7.84 -3.54 -23.35
N ASN B 232 -7.08 -4.49 -22.79
CA ASN B 232 -6.14 -5.30 -23.62
C ASN B 232 -6.92 -6.38 -24.35
N ASN B 233 -6.68 -6.56 -25.66
CA ASN B 233 -7.44 -7.54 -26.48
C ASN B 233 -7.45 -8.93 -25.84
N ILE B 234 -6.27 -9.50 -25.56
CA ILE B 234 -6.21 -10.91 -25.04
C ILE B 234 -6.61 -10.95 -23.57
N ALA B 235 -6.55 -9.82 -22.86
CA ALA B 235 -7.03 -9.80 -21.46
C ALA B 235 -8.54 -10.00 -21.45
N GLN B 236 -9.25 -9.40 -22.41
CA GLN B 236 -10.72 -9.57 -22.52
C GLN B 236 -11.04 -10.93 -23.15
N GLN B 237 -10.08 -11.50 -23.89
CA GLN B 237 -10.27 -12.84 -24.52
C GLN B 237 -10.18 -13.92 -23.44
N LEU B 238 -9.45 -13.64 -22.35
CA LEU B 238 -9.32 -14.61 -21.23
C LEU B 238 -10.16 -14.16 -20.05
N GLN B 239 -10.92 -13.06 -20.21
CA GLN B 239 -11.81 -12.58 -19.11
C GLN B 239 -12.99 -13.54 -18.97
N GLN B 240 -13.46 -14.13 -20.08
CA GLN B 240 -14.56 -15.12 -20.01
C GLN B 240 -14.05 -16.36 -19.27
N LEU B 241 -12.80 -16.76 -19.50
CA LEU B 241 -12.22 -17.96 -18.85
C LEU B 241 -12.05 -17.69 -17.35
N ALA B 242 -11.89 -16.42 -16.96
CA ALA B 242 -11.79 -16.09 -15.52
C ALA B 242 -13.19 -15.98 -14.91
N ALA B 243 -14.07 -15.15 -15.50
CA ALA B 243 -15.42 -14.92 -14.95
C ALA B 243 -16.14 -16.23 -14.64
N THR B 244 -15.97 -17.25 -15.49
CA THR B 244 -16.64 -18.56 -15.28
C THR B 244 -16.55 -18.98 -13.82
N PHE B 245 -15.40 -18.78 -13.18
CA PHE B 245 -15.25 -19.26 -11.79
C PHE B 245 -14.90 -18.08 -10.88
N TYR B 246 -14.76 -16.88 -11.45
CA TYR B 246 -14.50 -15.67 -10.62
C TYR B 246 -15.83 -14.95 -10.42
N LYS B 247 -16.74 -15.56 -9.63
CA LYS B 247 -18.08 -14.96 -9.44
C LYS B 247 -18.54 -15.13 -7.99
N GLY B 248 -18.91 -14.03 -7.32
CA GLY B 248 -19.44 -14.10 -5.94
C GLY B 248 -18.60 -14.99 -5.02
N PRO B 249 -19.21 -15.95 -4.30
CA PRO B 249 -18.50 -16.78 -3.31
C PRO B 249 -17.24 -17.46 -3.85
N VAL B 250 -17.30 -18.02 -5.06
CA VAL B 250 -16.12 -18.72 -5.65
C VAL B 250 -14.94 -17.74 -5.72
N LYS B 251 -15.14 -16.59 -6.37
CA LYS B 251 -14.08 -15.56 -6.45
C LYS B 251 -13.57 -15.23 -5.05
N ARG B 252 -14.48 -14.91 -4.11
CA ARG B 252 -14.07 -14.55 -2.72
C ARG B 252 -13.08 -15.59 -2.20
N ASP B 253 -13.46 -16.87 -2.20
CA ASP B 253 -12.58 -17.95 -1.68
C ASP B 253 -11.17 -17.81 -2.25
N ILE B 254 -11.03 -17.85 -3.57
CA ILE B 254 -9.68 -17.80 -4.22
C ILE B 254 -8.94 -16.51 -3.81
N ALA B 255 -9.62 -15.37 -3.90
CA ALA B 255 -8.98 -14.06 -3.56
C ALA B 255 -8.45 -14.10 -2.13
N GLU B 256 -9.25 -14.57 -1.17
CA GLU B 256 -8.85 -14.59 0.26
C GLU B 256 -7.73 -15.61 0.47
N ARG B 257 -7.73 -16.70 -0.29
CA ARG B 257 -6.67 -17.75 -0.16
C ARG B 257 -5.34 -17.17 -0.64
N THR B 258 -5.36 -16.38 -1.73
CA THR B 258 -4.11 -15.81 -2.30
C THR B 258 -3.73 -14.53 -1.56
N LYS B 259 -4.61 -14.01 -0.69
CA LYS B 259 -4.35 -12.72 -0.01
C LYS B 259 -3.13 -12.82 0.92
N ARG B 260 -2.90 -13.99 1.54
CA ARG B 260 -1.78 -14.12 2.51
C ARG B 260 -0.43 -13.98 1.78
N TYR B 261 -0.39 -14.33 0.49
CA TYR B 261 0.85 -14.17 -0.31
C TYR B 261 0.88 -12.76 -0.89
N TYR B 262 -0.24 -12.29 -1.44
CA TYR B 262 -0.27 -10.95 -2.09
C TYR B 262 0.04 -9.86 -1.07
N GLY B 263 -0.61 -9.89 0.11
CA GLY B 263 -0.44 -8.85 1.14
C GLY B 263 0.97 -8.29 1.26
N ALA B 264 1.99 -9.16 1.33
CA ALA B 264 3.39 -8.71 1.51
C ALA B 264 3.78 -7.73 0.40
N ILE B 265 3.72 -8.17 -0.87
CA ILE B 265 4.18 -7.30 -2.00
C ILE B 265 3.16 -6.17 -2.24
N GLN B 266 1.90 -6.37 -1.83
CA GLN B 266 0.87 -5.31 -1.98
C GLN B 266 1.29 -4.08 -1.18
N ALA B 267 1.52 -4.26 0.13
CA ALA B 267 1.93 -3.14 1.01
C ALA B 267 3.25 -2.54 0.51
N ALA B 268 4.22 -3.39 0.16
CA ALA B 268 5.56 -2.91 -0.28
C ALA B 268 5.42 -1.99 -1.50
N ALA B 269 4.61 -2.39 -2.49
CA ALA B 269 4.50 -1.61 -3.74
C ALA B 269 3.49 -0.48 -3.58
N ALA B 270 2.98 -0.31 -2.38
CA ALA B 270 2.11 0.85 -2.11
C ALA B 270 2.97 2.01 -1.62
N GLN B 271 3.99 1.72 -0.84
CA GLN B 271 4.88 2.77 -0.29
C GLN B 271 5.99 3.03 -1.29
N ILE B 272 5.89 2.45 -2.47
CA ILE B 272 6.86 2.72 -3.58
C ILE B 272 6.02 3.43 -4.63
N ALA B 273 6.62 4.20 -5.52
CA ALA B 273 5.98 5.04 -6.56
C ALA B 273 6.68 4.84 -7.90
N ASP B 274 8.00 4.65 -7.90
CA ASP B 274 8.77 4.50 -9.16
C ASP B 274 8.39 3.19 -9.85
N HIS B 275 8.32 3.21 -11.19
CA HIS B 275 8.00 1.98 -11.94
C HIS B 275 9.22 1.05 -11.95
N HIS B 276 10.42 1.59 -11.76
CA HIS B 276 11.66 0.77 -11.80
C HIS B 276 11.63 -0.28 -10.69
N GLU B 277 11.08 0.05 -9.53
CA GLU B 277 10.94 -0.96 -8.45
C GLU B 277 9.93 -2.02 -8.88
N LYS B 278 8.80 -1.59 -9.45
CA LYS B 278 7.79 -2.56 -9.97
C LYS B 278 8.43 -3.45 -11.04
N GLN B 279 9.41 -2.93 -11.79
CA GLN B 279 10.06 -3.70 -12.89
C GLN B 279 10.76 -4.94 -12.31
N ARG B 280 11.36 -4.82 -11.13
CA ARG B 280 12.03 -5.98 -10.48
C ARG B 280 10.98 -7.07 -10.21
N PHE B 281 9.83 -6.69 -9.68
CA PHE B 281 8.76 -7.67 -9.39
C PHE B 281 8.22 -8.25 -10.70
N LEU B 282 8.10 -7.42 -11.74
CA LEU B 282 7.65 -7.93 -13.07
C LEU B 282 8.61 -9.02 -13.54
N LYS B 283 9.93 -8.77 -13.46
CA LYS B 283 10.94 -9.76 -13.89
C LYS B 283 10.80 -11.04 -13.04
N ALA B 284 10.68 -10.89 -11.72
CA ALA B 284 10.53 -12.05 -10.82
C ALA B 284 9.33 -12.88 -11.24
N LEU B 285 8.16 -12.23 -11.40
CA LEU B 285 6.93 -12.95 -11.82
C LEU B 285 7.18 -13.67 -13.16
N TYR B 286 7.74 -12.96 -14.14
CA TYR B 286 8.00 -13.53 -15.49
C TYR B 286 8.80 -14.84 -15.37
N GLU B 287 9.80 -14.87 -14.48
CA GLU B 287 10.67 -16.07 -14.37
C GLU B 287 10.10 -17.08 -13.37
N ASN B 288 10.08 -16.74 -12.08
CA ASN B 288 9.64 -17.69 -11.01
C ASN B 288 8.39 -18.50 -11.39
N PHE B 289 7.39 -17.88 -12.01
CA PHE B 289 6.12 -18.60 -12.31
C PHE B 289 6.45 -19.93 -13.03
N TYR B 290 7.11 -19.86 -14.19
CA TYR B 290 7.37 -21.07 -15.00
C TYR B 290 8.35 -21.99 -14.27
N ARG B 291 9.33 -21.41 -13.59
CA ARG B 291 10.30 -22.24 -12.80
C ARG B 291 9.55 -23.06 -11.75
N ALA B 292 8.42 -22.55 -11.24
CA ALA B 292 7.66 -23.25 -10.18
C ALA B 292 6.34 -23.82 -10.73
N TYR B 293 6.18 -23.86 -12.06
CA TYR B 293 4.95 -24.46 -12.65
C TYR B 293 5.29 -25.25 -13.93
N ASN B 294 5.65 -24.55 -15.01
CA ASN B 294 5.94 -25.24 -16.30
C ASN B 294 7.44 -25.12 -16.63
N PRO B 295 8.41 -25.85 -16.01
CA PRO B 295 9.80 -25.72 -16.46
C PRO B 295 9.95 -26.28 -17.88
N ALA B 296 9.06 -27.19 -18.29
CA ALA B 296 9.08 -27.73 -19.67
C ALA B 296 8.82 -26.59 -20.65
N GLY B 297 7.84 -25.73 -20.33
CA GLY B 297 7.59 -24.54 -21.17
C GLY B 297 8.76 -23.58 -21.07
N ALA B 298 9.35 -23.51 -19.88
CA ALA B 298 10.43 -22.55 -19.64
C ALA B 298 11.74 -23.03 -20.23
N GLU B 299 11.69 -23.99 -21.12
CA GLU B 299 12.93 -24.38 -21.81
C GLU B 299 12.61 -24.12 -23.26
N ARG B 300 11.34 -24.32 -23.65
CA ARG B 300 10.95 -24.15 -25.06
C ARG B 300 10.80 -22.66 -25.31
N LEU B 301 10.61 -21.88 -24.26
CA LEU B 301 10.52 -20.41 -24.39
C LEU B 301 11.78 -19.81 -23.74
N GLY B 302 12.68 -20.63 -23.23
CA GLY B 302 13.96 -20.13 -22.70
C GLY B 302 13.74 -18.87 -21.89
N ILE B 303 12.80 -18.90 -20.94
CA ILE B 303 12.46 -17.65 -20.20
C ILE B 303 13.61 -17.26 -19.24
N PHE B 304 14.37 -16.25 -19.62
CA PHE B 304 15.46 -15.71 -18.77
C PHE B 304 15.45 -14.20 -19.06
N TYR B 305 15.81 -13.34 -18.11
CA TYR B 305 15.73 -11.86 -18.30
C TYR B 305 17.11 -11.36 -18.67
N THR B 306 17.21 -10.18 -19.29
CA THR B 306 18.53 -9.70 -19.82
C THR B 306 19.24 -8.69 -18.90
N PRO B 307 20.60 -8.59 -18.81
CA PRO B 307 21.22 -7.54 -17.98
C PRO B 307 20.89 -6.13 -18.49
N GLY B 308 20.63 -5.19 -17.59
CA GLY B 308 20.29 -3.81 -18.00
C GLY B 308 21.46 -3.12 -18.68
N GLU B 309 22.68 -3.40 -18.22
CA GLU B 309 23.90 -2.78 -18.79
C GLU B 309 24.08 -3.28 -20.22
N ILE B 310 23.67 -4.53 -20.49
CA ILE B 310 23.81 -5.12 -21.84
C ILE B 310 22.94 -4.32 -22.82
N VAL B 311 21.70 -4.00 -22.43
CA VAL B 311 20.78 -3.29 -23.36
C VAL B 311 21.05 -1.79 -23.33
N ARG B 312 21.64 -1.28 -22.24
CA ARG B 312 22.01 0.16 -22.19
C ARG B 312 23.14 0.37 -23.20
N PHE B 313 24.19 -0.44 -23.11
CA PHE B 313 25.33 -0.33 -24.05
C PHE B 313 24.83 -0.58 -25.48
N MET B 314 23.97 -1.59 -25.66
CA MET B 314 23.40 -1.86 -27.02
C MET B 314 22.77 -0.57 -27.55
N ILE B 315 21.90 0.06 -26.77
CA ILE B 315 21.18 1.29 -27.25
C ILE B 315 22.19 2.38 -27.63
N GLU B 316 23.29 2.53 -26.86
CA GLU B 316 24.33 3.52 -27.24
C GLU B 316 24.92 3.11 -28.59
N ALA B 317 25.42 1.87 -28.70
CA ALA B 317 26.07 1.41 -29.95
C ALA B 317 25.11 1.54 -31.14
N THR B 318 23.85 1.12 -31.00
CA THR B 318 22.90 1.14 -32.15
C THR B 318 22.82 2.55 -32.74
N ASP B 319 22.70 3.58 -31.90
CA ASP B 319 22.59 4.98 -32.40
C ASP B 319 23.88 5.36 -33.13
N THR B 320 25.04 5.07 -32.54
CA THR B 320 26.34 5.49 -33.14
C THR B 320 26.55 4.78 -34.48
N LEU B 321 26.17 3.51 -34.58
CA LEU B 321 26.35 2.73 -35.84
C LEU B 321 25.38 3.27 -36.90
N LEU B 322 24.12 3.44 -36.52
CA LEU B 322 23.12 4.02 -37.47
C LEU B 322 23.64 5.37 -37.95
N GLU B 323 24.41 6.08 -37.11
CA GLU B 323 24.85 7.43 -37.51
C GLU B 323 26.31 7.37 -37.93
N LYS B 324 26.67 6.40 -38.77
CA LYS B 324 28.06 6.26 -39.25
C LYS B 324 27.98 5.47 -40.54
N HIS B 325 26.85 4.83 -40.75
CA HIS B 325 26.68 4.11 -42.03
C HIS B 325 25.49 4.73 -42.77
N PHE B 326 24.37 4.96 -42.09
CA PHE B 326 23.16 5.46 -42.78
C PHE B 326 22.95 6.93 -42.45
N GLN B 327 23.70 7.45 -41.48
CA GLN B 327 23.69 8.89 -41.11
C GLN B 327 22.28 9.28 -40.62
N LYS B 328 21.61 8.36 -39.91
CA LYS B 328 20.25 8.67 -39.37
C LYS B 328 20.30 8.57 -37.85
N GLU B 329 19.46 9.33 -37.16
CA GLU B 329 19.41 9.22 -35.67
C GLU B 329 18.45 8.08 -35.29
N LEU B 330 18.56 7.57 -34.06
CA LEU B 330 17.60 6.54 -33.59
C LEU B 330 16.23 7.18 -33.48
N ALA B 331 16.20 8.48 -33.17
CA ALA B 331 14.91 9.18 -32.99
C ALA B 331 14.46 9.84 -34.30
N ASP B 332 15.19 9.63 -35.40
CA ASP B 332 14.78 10.17 -36.72
C ASP B 332 13.53 9.42 -37.19
N LYS B 333 12.39 10.12 -37.30
CA LYS B 333 11.12 9.49 -37.72
C LYS B 333 11.33 8.64 -38.98
N GLY B 334 11.02 7.34 -38.90
CA GLY B 334 11.16 6.45 -40.07
C GLY B 334 11.91 5.18 -39.73
N VAL B 335 12.88 5.28 -38.80
CA VAL B 335 13.65 4.07 -38.37
C VAL B 335 12.74 3.21 -37.49
N GLU B 336 12.17 2.14 -38.06
CA GLU B 336 11.23 1.28 -37.28
C GLU B 336 12.03 0.24 -36.50
N ILE B 337 11.75 0.09 -35.20
CA ILE B 337 12.53 -0.84 -34.35
C ILE B 337 11.62 -1.99 -33.92
N LEU B 338 11.87 -3.22 -34.38
CA LEU B 338 11.05 -4.37 -33.90
C LEU B 338 11.78 -5.14 -32.79
N ASP B 339 11.04 -5.68 -31.83
CA ASP B 339 11.66 -6.52 -30.76
C ASP B 339 11.01 -7.91 -30.82
N PRO B 340 11.55 -8.87 -31.63
CA PRO B 340 10.94 -10.19 -31.79
C PRO B 340 10.65 -10.88 -30.45
N ALA B 341 11.71 -11.23 -29.70
CA ALA B 341 11.52 -11.84 -28.37
C ALA B 341 11.50 -10.72 -27.33
N THR B 342 10.30 -10.30 -26.90
CA THR B 342 10.18 -9.15 -25.96
C THR B 342 10.51 -9.60 -24.54
N GLY B 343 9.79 -10.60 -24.02
CA GLY B 343 10.00 -11.04 -22.62
C GLY B 343 9.40 -10.04 -21.65
N THR B 344 10.25 -9.24 -21.00
CA THR B 344 9.76 -8.20 -20.06
C THR B 344 9.70 -6.85 -20.77
N GLY B 345 10.40 -6.72 -21.91
CA GLY B 345 10.41 -5.46 -22.67
C GLY B 345 11.58 -4.57 -22.25
N THR B 346 12.62 -5.17 -21.68
CA THR B 346 13.81 -4.39 -21.20
C THR B 346 14.31 -3.45 -22.30
N PHE B 347 14.48 -3.97 -23.52
CA PHE B 347 15.00 -3.15 -24.65
C PHE B 347 14.08 -1.95 -24.90
N ILE B 348 12.77 -2.17 -24.99
CA ILE B 348 11.82 -1.07 -25.32
C ILE B 348 11.69 -0.08 -24.16
N THR B 349 11.70 -0.56 -22.91
CA THR B 349 11.65 0.38 -21.75
C THR B 349 12.91 1.27 -21.77
N GLU B 350 14.07 0.70 -22.06
CA GLU B 350 15.31 1.51 -22.16
C GLU B 350 15.19 2.48 -23.33
N LEU B 351 14.63 2.04 -24.46
CA LEU B 351 14.43 2.93 -25.62
C LEU B 351 13.56 4.11 -25.20
N ILE B 352 12.48 3.86 -24.44
CA ILE B 352 11.58 4.95 -23.97
C ILE B 352 12.42 6.07 -23.34
N ASP B 353 13.30 5.71 -22.40
CA ASP B 353 14.15 6.72 -21.72
C ASP B 353 15.12 7.36 -22.72
N PHE B 354 15.78 6.53 -23.53
CA PHE B 354 16.79 7.03 -24.51
C PHE B 354 16.15 8.06 -25.46
N LEU B 355 15.08 7.68 -26.16
CA LEU B 355 14.44 8.58 -27.14
C LEU B 355 14.04 9.90 -26.47
N PRO B 356 14.38 11.07 -27.05
CA PRO B 356 13.96 12.36 -26.50
C PRO B 356 12.44 12.35 -26.29
N LYS B 357 11.97 12.82 -25.13
CA LYS B 357 10.51 12.83 -24.79
C LYS B 357 9.67 13.15 -26.03
N ALA B 358 9.90 14.30 -26.67
CA ALA B 358 9.08 14.73 -27.84
C ALA B 358 9.05 13.63 -28.91
N LYS B 359 10.21 13.14 -29.34
CA LYS B 359 10.26 12.14 -30.45
C LYS B 359 9.78 10.76 -29.97
N LEU B 360 9.88 10.49 -28.66
CA LEU B 360 9.40 9.20 -28.11
C LEU B 360 7.91 9.03 -28.45
N GLU B 361 7.10 10.09 -28.32
CA GLU B 361 5.66 10.01 -28.69
C GLU B 361 5.51 9.29 -30.03
N GLN B 362 6.08 9.86 -31.10
CA GLN B 362 5.93 9.28 -32.46
C GLN B 362 6.39 7.82 -32.48
N LYS B 363 7.56 7.53 -31.90
CA LYS B 363 8.12 6.15 -31.89
C LYS B 363 7.16 5.22 -31.14
N TYR B 364 6.74 5.61 -29.93
CA TYR B 364 5.81 4.79 -29.10
C TYR B 364 4.52 4.53 -29.87
N ARG B 365 4.12 5.46 -30.74
CA ARG B 365 2.81 5.32 -31.44
C ARG B 365 2.90 4.45 -32.69
N GLU B 366 3.99 4.52 -33.47
CA GLU B 366 4.03 3.75 -34.75
C GLU B 366 5.44 3.38 -35.21
N GLU B 367 6.42 3.22 -34.31
CA GLU B 367 7.77 2.77 -34.74
C GLU B 367 8.25 1.63 -33.84
N LEU B 368 8.29 1.87 -32.52
CA LEU B 368 8.66 0.79 -31.57
C LEU B 368 7.64 -0.33 -31.71
N HIS B 369 8.07 -1.51 -32.19
CA HIS B 369 7.14 -2.65 -32.36
C HIS B 369 7.58 -3.81 -31.47
N CYS B 370 6.69 -4.77 -31.20
CA CYS B 370 7.02 -5.90 -30.30
C CYS B 370 6.25 -7.15 -30.72
N ASN B 371 6.60 -8.32 -30.17
CA ASN B 371 5.92 -9.60 -30.50
C ASN B 371 6.10 -10.49 -29.27
N GLU B 372 5.27 -11.51 -29.04
CA GLU B 372 5.48 -12.42 -27.89
C GLU B 372 4.65 -13.67 -28.13
N LEU B 373 4.93 -14.80 -27.46
CA LEU B 373 4.21 -16.07 -27.74
C LEU B 373 3.49 -16.47 -26.49
N ALA B 374 4.14 -16.25 -25.34
CA ALA B 374 3.54 -16.62 -24.03
C ALA B 374 2.65 -15.47 -23.53
N LEU B 375 1.69 -15.78 -22.66
CA LEU B 375 0.70 -14.75 -22.20
C LEU B 375 1.20 -13.96 -20.99
N LEU B 376 1.77 -14.64 -19.98
CA LEU B 376 2.34 -13.90 -18.83
C LEU B 376 3.34 -12.84 -19.31
N PRO B 377 4.41 -13.13 -20.10
CA PRO B 377 5.28 -12.08 -20.63
C PRO B 377 4.53 -10.98 -21.40
N TYR B 378 3.49 -11.34 -22.15
CA TYR B 378 2.70 -10.34 -22.92
C TYR B 378 2.08 -9.31 -21.96
N TYR B 379 1.41 -9.78 -20.89
CA TYR B 379 0.74 -8.86 -19.94
C TYR B 379 1.84 -8.11 -19.21
N ILE B 380 2.95 -8.75 -18.92
CA ILE B 380 3.99 -8.07 -18.13
C ILE B 380 4.66 -7.09 -19.07
N ALA B 381 4.63 -7.31 -20.38
CA ALA B 381 5.31 -6.29 -21.20
C ALA B 381 4.38 -5.14 -21.47
N ASN B 382 3.11 -5.37 -21.72
CA ASN B 382 2.28 -4.19 -22.02
C ASN B 382 2.33 -3.27 -20.81
N LEU B 383 2.33 -3.79 -19.59
CA LEU B 383 2.32 -2.86 -18.44
C LEU B 383 3.73 -2.34 -18.20
N ASN B 384 4.77 -3.03 -18.59
CA ASN B 384 6.10 -2.44 -18.30
C ASN B 384 6.36 -1.36 -19.33
N ILE B 385 5.74 -1.40 -20.51
CA ILE B 385 6.03 -0.41 -21.59
C ILE B 385 5.06 0.74 -21.42
N GLU B 386 3.76 0.47 -21.29
CA GLU B 386 2.74 1.53 -21.19
C GLU B 386 2.92 2.36 -19.92
N ALA B 387 3.73 1.91 -18.98
CA ALA B 387 3.86 2.63 -17.72
C ALA B 387 5.25 3.20 -17.64
N THR B 388 6.03 3.09 -18.70
CA THR B 388 7.31 3.82 -18.70
C THR B 388 7.09 5.05 -19.58
N TYR B 389 6.17 4.98 -20.55
CA TYR B 389 5.84 6.16 -21.38
C TYR B 389 5.04 7.11 -20.53
N ALA B 390 4.43 6.61 -19.47
CA ALA B 390 3.56 7.48 -18.68
C ALA B 390 4.31 8.01 -17.47
N GLN B 391 5.60 7.78 -17.40
CA GLN B 391 6.32 8.38 -16.27
C GLN B 391 7.24 9.41 -16.89
N LYS B 392 7.63 9.23 -18.14
CA LYS B 392 8.43 10.28 -18.81
C LYS B 392 7.48 11.29 -19.40
N MET B 393 6.57 10.84 -20.27
CA MET B 393 5.71 11.77 -21.00
C MET B 393 4.42 12.13 -20.26
N GLY B 394 4.38 12.09 -18.94
CA GLY B 394 3.20 12.60 -18.20
C GLY B 394 1.93 11.77 -18.20
N ARG B 395 1.21 11.67 -19.32
CA ARG B 395 -0.13 11.01 -19.34
C ARG B 395 -0.03 9.52 -19.68
N TYR B 396 -1.16 8.85 -19.91
CA TYR B 396 -1.11 7.39 -20.15
C TYR B 396 -1.77 7.06 -21.49
N GLU B 397 -1.08 6.35 -22.39
CA GLU B 397 -1.68 5.88 -23.66
C GLU B 397 -1.31 4.41 -23.76
N GLU B 398 -1.98 3.62 -24.58
CA GLU B 398 -1.75 2.15 -24.59
C GLU B 398 -0.65 1.71 -25.58
N PHE B 399 0.17 0.68 -25.28
CA PHE B 399 1.18 0.33 -26.32
C PHE B 399 0.48 -0.51 -27.38
N ARG B 400 -0.07 0.13 -28.42
CA ARG B 400 -0.83 -0.62 -29.45
C ARG B 400 0.13 -1.16 -30.50
N ASN B 401 1.32 -1.62 -30.08
CA ASN B 401 2.33 -2.09 -31.06
C ASN B 401 2.84 -3.47 -30.63
N ILE B 402 2.52 -3.90 -29.40
CA ILE B 402 2.91 -5.27 -28.97
C ILE B 402 1.84 -6.25 -29.44
N VAL B 403 2.26 -7.40 -29.99
CA VAL B 403 1.27 -8.39 -30.51
C VAL B 403 1.56 -9.76 -29.89
N LEU B 404 0.59 -10.67 -29.92
CA LEU B 404 0.78 -12.05 -29.38
C LEU B 404 0.91 -13.03 -30.55
N VAL B 405 1.95 -12.88 -31.38
CA VAL B 405 2.12 -13.74 -32.58
C VAL B 405 3.53 -14.33 -32.61
N ASP B 406 3.66 -15.59 -33.02
CA ASP B 406 4.99 -16.23 -33.19
C ASP B 406 5.75 -15.41 -34.24
N THR B 407 6.89 -14.82 -33.89
CA THR B 407 7.61 -13.93 -34.84
C THR B 407 8.07 -14.72 -36.07
N LEU B 408 8.40 -16.01 -35.89
CA LEU B 408 8.91 -16.83 -37.01
C LEU B 408 7.73 -17.34 -37.85
N ASP B 409 6.53 -17.37 -37.28
CA ASP B 409 5.32 -17.76 -38.06
C ASP B 409 4.61 -16.49 -38.55
N ASN B 410 5.15 -15.31 -38.21
CA ASN B 410 4.59 -14.02 -38.71
C ASN B 410 5.33 -13.67 -40.00
N THR B 411 5.37 -14.60 -40.96
CA THR B 411 6.14 -14.37 -42.21
C THR B 411 5.22 -13.73 -43.26
N GLY B 412 4.05 -13.24 -42.85
CA GLY B 412 3.15 -12.55 -43.78
C GLY B 412 3.92 -11.47 -44.43
N GLY B 421 -3.23 -16.47 -43.67
CA GLY B 421 -3.25 -17.47 -42.59
C GLY B 421 -4.14 -17.05 -41.43
N LEU B 422 -3.90 -17.61 -40.25
CA LEU B 422 -4.74 -17.31 -39.08
C LEU B 422 -3.83 -17.05 -37.89
N PHE B 423 -2.52 -17.02 -38.13
CA PHE B 423 -1.55 -16.78 -37.04
C PHE B 423 -1.83 -15.43 -36.38
N GLY B 424 -2.18 -15.43 -35.10
CA GLY B 424 -2.42 -14.18 -34.36
C GLY B 424 -3.91 -13.90 -34.18
N SER B 425 -4.76 -14.84 -34.59
CA SER B 425 -6.24 -14.61 -34.52
C SER B 425 -6.79 -15.04 -33.15
N VAL B 426 -6.02 -14.84 -32.07
CA VAL B 426 -6.56 -15.13 -30.71
C VAL B 426 -7.77 -14.21 -30.54
N THR B 427 -7.66 -12.97 -31.03
CA THR B 427 -8.80 -12.02 -31.04
C THR B 427 -8.79 -11.36 -32.42
N ALA B 428 -9.91 -10.77 -32.84
CA ALA B 428 -10.00 -10.15 -34.19
C ALA B 428 -8.98 -9.02 -34.31
N GLU B 429 -8.91 -8.15 -33.30
CA GLU B 429 -7.99 -6.98 -33.37
C GLU B 429 -6.54 -7.40 -33.17
N ASN B 430 -6.28 -8.53 -32.48
CA ASN B 430 -4.89 -9.03 -32.34
C ASN B 430 -4.38 -9.40 -33.74
N LEU B 431 -5.25 -10.00 -34.58
CA LEU B 431 -4.86 -10.35 -35.97
C LEU B 431 -4.63 -9.07 -36.77
N GLU B 432 -5.49 -8.06 -36.57
CA GLU B 432 -5.32 -6.76 -37.28
C GLU B 432 -3.98 -6.12 -36.88
N ARG B 433 -3.62 -6.22 -35.60
CA ARG B 433 -2.35 -5.65 -35.11
C ARG B 433 -1.17 -6.32 -35.83
N ALA B 434 -1.24 -7.65 -36.00
CA ALA B 434 -0.16 -8.40 -36.68
C ALA B 434 0.00 -7.94 -38.13
N LYS B 435 -1.09 -7.51 -38.77
CA LYS B 435 -1.02 -7.03 -40.18
C LYS B 435 -0.15 -5.76 -40.23
N ARG B 436 -0.46 -4.76 -39.41
CA ARG B 436 0.29 -3.47 -39.44
C ARG B 436 1.77 -3.72 -39.11
N GLN B 437 2.04 -4.68 -38.21
CA GLN B 437 3.44 -5.01 -37.82
C GLN B 437 4.28 -5.28 -39.07
N ASN B 438 3.86 -6.23 -39.90
CA ASN B 438 4.66 -6.61 -41.10
C ASN B 438 4.59 -5.51 -42.15
N ALA B 439 3.50 -4.73 -42.18
CA ALA B 439 3.33 -3.68 -43.23
C ALA B 439 4.33 -2.54 -43.02
N ARG B 440 5.10 -2.57 -41.93
CA ARG B 440 6.04 -1.45 -41.63
C ARG B 440 7.50 -1.87 -41.93
N PRO B 441 8.29 -1.25 -42.86
CA PRO B 441 9.64 -1.77 -43.11
C PRO B 441 10.56 -1.46 -41.93
N VAL B 442 10.97 -2.50 -41.19
CA VAL B 442 11.78 -2.27 -39.96
C VAL B 442 13.26 -2.10 -40.34
N ARG B 443 14.06 -1.47 -39.48
CA ARG B 443 15.46 -1.16 -39.82
C ARG B 443 16.33 -1.56 -38.64
N VAL B 444 15.82 -1.65 -37.43
CA VAL B 444 16.64 -2.14 -36.29
C VAL B 444 16.01 -3.41 -35.72
N ILE B 445 16.64 -4.58 -35.96
CA ILE B 445 16.13 -5.84 -35.34
C ILE B 445 16.90 -6.04 -34.04
N ILE B 446 16.55 -5.25 -33.01
CA ILE B 446 17.23 -5.36 -31.69
C ILE B 446 16.63 -6.56 -30.95
N GLY B 447 17.30 -7.08 -29.91
CA GLY B 447 16.67 -8.15 -29.11
C GLY B 447 17.64 -9.23 -28.64
N ASN B 448 17.14 -10.22 -27.91
CA ASN B 448 17.98 -11.37 -27.45
C ASN B 448 17.18 -12.65 -27.69
N PRO B 449 17.61 -13.53 -28.61
CA PRO B 449 16.85 -14.75 -28.91
C PRO B 449 16.97 -15.89 -27.87
N PRO B 450 15.99 -16.83 -27.68
CA PRO B 450 16.20 -17.94 -26.76
C PRO B 450 17.31 -18.88 -27.27
N TYR B 451 18.14 -19.40 -26.38
CA TYR B 451 19.18 -20.39 -26.81
C TYR B 451 18.67 -21.78 -26.43
N ARG B 452 18.56 -22.69 -27.40
CA ARG B 452 18.02 -24.05 -27.15
C ARG B 452 18.37 -24.94 -28.34
N ALA B 453 19.38 -25.79 -28.19
CA ALA B 453 19.83 -26.60 -29.35
C ALA B 453 19.10 -27.95 -29.38
N ASN B 454 18.73 -28.51 -28.22
CA ASN B 454 18.16 -29.88 -28.24
C ASN B 454 17.47 -30.09 -26.91
N GLN B 455 16.81 -31.22 -26.66
CA GLN B 455 16.24 -31.50 -25.31
C GLN B 455 17.31 -32.03 -24.34
N ALA B 456 16.95 -32.46 -23.14
CA ALA B 456 17.95 -33.05 -22.22
C ALA B 456 18.02 -34.56 -22.36
N ASN B 457 16.91 -35.28 -22.16
CA ASN B 457 16.85 -36.76 -22.34
C ASN B 457 15.74 -37.08 -23.35
N GLU B 458 15.63 -38.33 -23.80
CA GLU B 458 14.64 -38.67 -24.84
C GLU B 458 13.23 -38.75 -24.23
N ASN B 459 13.12 -39.00 -22.93
CA ASN B 459 11.80 -39.16 -22.27
C ASN B 459 11.29 -37.79 -21.79
N ASP B 460 12.08 -36.73 -21.97
CA ASP B 460 11.68 -35.37 -21.54
C ASP B 460 10.39 -34.98 -22.26
N ASN B 461 10.01 -35.69 -23.33
CA ASN B 461 8.84 -35.32 -24.17
C ASN B 461 8.82 -33.80 -24.32
N ASN B 462 9.94 -33.20 -24.74
CA ASN B 462 10.03 -31.72 -24.84
C ASN B 462 10.95 -31.37 -26.01
N LYS B 463 10.61 -31.80 -27.21
CA LYS B 463 11.43 -31.49 -28.41
C LYS B 463 11.11 -30.06 -28.88
N ASN B 464 12.08 -29.37 -29.49
CA ASN B 464 11.88 -27.96 -29.93
C ASN B 464 10.93 -27.93 -31.14
N ARG B 465 9.87 -27.13 -31.08
CA ARG B 465 8.90 -27.03 -32.20
C ARG B 465 9.65 -26.58 -33.46
N GLU B 466 9.54 -27.35 -34.55
CA GLU B 466 10.26 -27.02 -35.80
C GLU B 466 9.39 -26.13 -36.68
N TYR B 467 9.83 -24.88 -36.90
CA TYR B 467 9.06 -23.92 -37.74
C TYR B 467 9.40 -24.21 -39.19
N LYS B 468 8.63 -25.09 -39.85
CA LYS B 468 8.91 -25.52 -41.25
C LYS B 468 9.36 -24.35 -42.13
N GLU B 469 8.62 -23.24 -42.14
CA GLU B 469 8.94 -22.10 -43.03
C GLU B 469 10.39 -21.64 -42.81
N ILE B 470 10.77 -21.39 -41.57
CA ILE B 470 12.11 -20.82 -41.33
C ILE B 470 13.09 -21.97 -41.15
N ASP B 471 12.72 -23.15 -41.61
CA ASP B 471 13.70 -24.27 -41.55
C ASP B 471 13.99 -24.76 -42.96
N ARG B 472 13.10 -24.54 -43.92
CA ARG B 472 13.40 -24.92 -45.32
C ARG B 472 14.43 -23.91 -45.78
N ARG B 473 14.36 -22.71 -45.24
CA ARG B 473 15.39 -21.72 -45.59
C ARG B 473 16.72 -22.13 -44.98
N ILE B 474 16.81 -22.35 -43.67
CA ILE B 474 18.15 -22.66 -43.06
C ILE B 474 18.72 -23.91 -43.72
N LYS B 475 17.86 -24.85 -44.12
CA LYS B 475 18.33 -26.10 -44.76
C LYS B 475 19.00 -25.79 -46.09
N ALA B 476 18.49 -24.76 -46.81
CA ALA B 476 19.04 -24.42 -48.13
C ALA B 476 20.16 -23.38 -48.01
N THR B 477 20.37 -22.82 -46.81
CA THR B 477 21.39 -21.75 -46.66
C THR B 477 22.49 -22.19 -45.68
N TYR B 478 22.25 -22.07 -44.38
CA TYR B 478 23.30 -22.39 -43.37
C TYR B 478 23.61 -23.88 -43.38
N VAL B 479 22.60 -24.73 -43.18
CA VAL B 479 22.80 -26.21 -43.13
C VAL B 479 23.45 -26.70 -44.43
N ALA B 480 23.01 -26.17 -45.58
CA ALA B 480 23.59 -26.57 -46.88
C ALA B 480 25.08 -26.24 -46.91
N ALA B 481 25.44 -24.97 -46.67
CA ALA B 481 26.87 -24.56 -46.76
C ALA B 481 27.69 -25.22 -45.64
N SER B 482 27.04 -25.66 -44.57
CA SER B 482 27.77 -26.36 -43.47
C SER B 482 28.34 -27.68 -44.01
N THR B 483 29.60 -27.98 -43.66
CA THR B 483 30.25 -29.23 -44.11
C THR B 483 30.48 -30.15 -42.91
N ALA B 484 29.68 -29.99 -41.85
CA ALA B 484 29.82 -30.81 -40.63
C ALA B 484 28.82 -31.96 -40.67
N GLN B 485 29.13 -33.08 -40.01
CA GLN B 485 28.20 -34.25 -39.96
C GLN B 485 26.96 -33.86 -39.15
N LYS B 486 27.14 -33.59 -37.85
CA LYS B 486 25.99 -33.12 -37.04
C LYS B 486 25.78 -31.62 -37.31
N THR B 487 24.67 -31.29 -37.98
CA THR B 487 24.37 -29.87 -38.29
C THR B 487 23.71 -29.22 -37.08
N LYS B 488 24.52 -28.67 -36.16
CA LYS B 488 23.98 -28.05 -34.93
C LYS B 488 23.55 -26.61 -35.25
N LEU B 489 22.96 -26.38 -36.42
CA LEU B 489 22.43 -25.03 -36.77
C LEU B 489 20.91 -25.05 -36.65
N TYR B 490 20.36 -26.02 -35.92
CA TYR B 490 18.89 -26.05 -35.69
C TYR B 490 18.59 -25.45 -34.33
N ASP B 491 19.46 -24.55 -33.85
CA ASP B 491 19.25 -23.90 -32.53
C ASP B 491 18.21 -22.79 -32.69
N MET B 492 17.57 -22.39 -31.58
CA MET B 492 16.52 -21.34 -31.65
C MET B 492 17.16 -20.00 -32.01
N TYR B 493 18.37 -19.73 -31.49
CA TYR B 493 19.09 -18.48 -31.86
C TYR B 493 19.53 -18.53 -33.32
N SER B 494 19.92 -19.72 -33.80
CA SER B 494 20.34 -19.88 -35.22
C SER B 494 19.13 -19.68 -36.14
N ARG B 495 17.93 -20.08 -35.68
CA ARG B 495 16.70 -19.86 -36.49
C ARG B 495 16.42 -18.36 -36.57
N PHE B 496 16.44 -17.66 -35.42
CA PHE B 496 16.11 -16.21 -35.40
C PHE B 496 17.05 -15.42 -36.32
N LEU B 497 18.28 -15.92 -36.55
CA LEU B 497 19.25 -15.22 -37.43
C LEU B 497 18.79 -15.27 -38.89
N ARG B 498 18.19 -16.39 -39.32
CA ARG B 498 17.65 -16.47 -40.70
C ARG B 498 16.49 -15.46 -40.82
N TRP B 499 15.54 -15.52 -39.88
CA TRP B 499 14.40 -14.55 -39.87
C TRP B 499 14.94 -13.12 -39.98
N ALA B 500 16.00 -12.80 -39.23
CA ALA B 500 16.57 -11.43 -39.25
C ALA B 500 16.91 -11.04 -40.69
N THR B 501 17.69 -11.86 -41.39
CA THR B 501 18.06 -11.58 -42.80
C THR B 501 16.80 -11.25 -43.61
N ASP B 502 15.73 -12.03 -43.44
CA ASP B 502 14.48 -11.83 -44.23
C ASP B 502 13.77 -10.55 -43.77
N ARG B 503 13.40 -10.48 -42.48
CA ARG B 503 12.65 -9.31 -41.93
C ARG B 503 13.33 -8.00 -42.35
N LEU B 504 14.62 -7.84 -42.04
CA LEU B 504 15.37 -6.63 -42.48
C LEU B 504 15.46 -6.69 -44.00
N LYS B 505 14.61 -5.93 -44.71
CA LYS B 505 14.59 -6.11 -46.19
C LYS B 505 15.57 -5.23 -46.97
N GLU B 506 15.86 -4.01 -46.53
CA GLU B 506 16.73 -3.15 -47.36
C GLU B 506 18.08 -2.83 -46.69
N ASP B 507 18.09 -2.12 -45.56
CA ASP B 507 19.35 -1.88 -44.83
C ASP B 507 19.06 -1.78 -43.35
N GLY B 508 20.03 -1.98 -42.48
CA GLY B 508 19.80 -1.80 -41.05
C GLY B 508 20.63 -2.77 -40.24
N ILE B 509 20.67 -2.65 -38.92
CA ILE B 509 21.60 -3.53 -38.16
C ILE B 509 20.80 -4.63 -37.45
N VAL B 510 21.45 -5.75 -37.10
CA VAL B 510 20.77 -6.81 -36.31
C VAL B 510 21.51 -6.88 -34.97
N ALA B 511 21.06 -6.09 -34.00
CA ALA B 511 21.71 -6.10 -32.66
C ALA B 511 21.15 -7.27 -31.86
N PHE B 512 21.84 -8.40 -31.82
CA PHE B 512 21.29 -9.58 -31.13
C PHE B 512 22.31 -10.05 -30.10
N VAL B 513 21.89 -10.49 -28.93
CA VAL B 513 22.79 -11.07 -27.88
C VAL B 513 22.60 -12.58 -27.91
N SER B 514 23.56 -13.35 -28.45
CA SER B 514 23.31 -14.80 -28.55
C SER B 514 24.47 -15.66 -28.05
N ASN B 515 24.39 -16.97 -28.26
CA ASN B 515 25.45 -17.91 -27.83
C ASN B 515 26.63 -17.63 -28.74
N SER B 516 27.85 -17.82 -28.27
CA SER B 516 29.05 -17.52 -29.09
C SER B 516 29.45 -18.81 -29.71
N SER B 517 28.48 -19.48 -30.29
CA SER B 517 28.82 -20.73 -30.99
C SER B 517 28.72 -20.46 -32.48
N PHE B 518 28.82 -19.20 -32.88
CA PHE B 518 28.69 -18.85 -34.32
C PHE B 518 30.05 -18.34 -34.83
N ILE B 519 31.01 -18.14 -33.92
CA ILE B 519 32.33 -17.55 -34.33
C ILE B 519 33.37 -18.65 -34.46
N ASP B 520 33.37 -19.64 -33.56
CA ASP B 520 34.46 -20.65 -33.58
C ASP B 520 33.90 -22.06 -33.35
N SER B 521 32.73 -22.39 -33.93
CA SER B 521 32.18 -23.77 -33.80
C SER B 521 32.10 -24.48 -35.16
N ARG B 522 32.69 -25.67 -35.29
CA ARG B 522 32.72 -26.43 -36.57
C ARG B 522 31.39 -26.37 -37.33
N THR B 523 30.30 -26.84 -36.72
CA THR B 523 28.99 -26.92 -37.42
C THR B 523 28.64 -25.59 -38.12
N PHE B 524 28.93 -24.46 -37.50
CA PHE B 524 28.51 -23.15 -38.07
C PHE B 524 29.48 -22.66 -39.15
N ASP B 525 30.29 -23.52 -39.77
CA ASP B 525 31.25 -22.97 -40.77
C ASP B 525 30.50 -22.31 -41.91
N GLY B 526 29.38 -22.91 -42.34
CA GLY B 526 28.60 -22.41 -43.48
C GLY B 526 27.78 -21.19 -43.13
N PHE B 527 27.21 -21.15 -41.91
CA PHE B 527 26.54 -19.91 -41.48
C PHE B 527 27.62 -18.83 -41.48
N ARG B 528 28.82 -19.16 -40.99
CA ARG B 528 29.95 -18.20 -40.90
C ARG B 528 30.45 -17.77 -42.29
N LYS B 529 29.95 -18.36 -43.37
CA LYS B 529 30.33 -17.89 -44.73
C LYS B 529 29.07 -17.33 -45.40
N GLU B 530 27.90 -17.63 -44.84
CA GLU B 530 26.62 -17.11 -45.39
C GLU B 530 26.36 -15.71 -44.84
N VAL B 531 26.83 -15.38 -43.62
CA VAL B 531 26.48 -14.03 -43.08
C VAL B 531 27.32 -12.93 -43.76
N VAL B 532 28.46 -13.29 -44.36
CA VAL B 532 29.36 -12.25 -44.93
C VAL B 532 28.95 -11.92 -46.37
N LYS B 533 27.76 -12.36 -46.79
CA LYS B 533 27.27 -12.00 -48.15
C LYS B 533 26.09 -11.03 -48.03
N ASP B 534 25.48 -10.93 -46.84
CA ASP B 534 24.28 -10.07 -46.70
C ASP B 534 24.66 -8.69 -46.15
N PHE B 535 25.32 -8.63 -44.99
CA PHE B 535 25.57 -7.32 -44.36
C PHE B 535 26.92 -6.76 -44.85
N ASP B 536 27.12 -5.44 -44.74
CA ASP B 536 28.35 -4.81 -45.29
C ASP B 536 29.31 -4.42 -44.17
N HIS B 537 28.98 -4.77 -42.92
CA HIS B 537 29.86 -4.47 -41.76
C HIS B 537 29.48 -5.40 -40.60
N ILE B 538 30.38 -6.17 -39.95
CA ILE B 538 29.95 -7.14 -38.89
C ILE B 538 30.80 -7.01 -37.63
N TYR B 539 30.28 -6.50 -36.50
CA TYR B 539 31.08 -6.28 -35.27
C TYR B 539 30.70 -7.27 -34.18
N ILE B 540 31.62 -8.06 -33.60
CA ILE B 540 31.27 -9.13 -32.63
C ILE B 540 31.92 -8.87 -31.29
N LEU B 541 31.21 -8.32 -30.33
CA LEU B 541 31.78 -8.15 -28.98
C LEU B 541 31.63 -9.46 -28.22
N ASP B 542 32.59 -10.38 -28.32
CA ASP B 542 32.47 -11.72 -27.70
C ASP B 542 32.63 -11.65 -26.21
N MET B 543 31.53 -11.41 -25.49
CA MET B 543 31.62 -11.48 -24.00
C MET B 543 31.83 -12.94 -23.61
N LYS B 544 32.74 -13.23 -22.69
CA LYS B 544 33.06 -14.64 -22.35
C LYS B 544 32.26 -15.07 -21.11
N GLY B 545 32.53 -16.28 -20.61
CA GLY B 545 31.81 -16.79 -19.42
C GLY B 545 31.33 -18.22 -19.62
N ASN B 546 31.68 -18.83 -20.76
CA ASN B 546 31.25 -20.23 -21.05
C ASN B 546 31.60 -21.13 -19.87
N ALA B 547 30.59 -21.60 -19.13
CA ALA B 547 30.83 -22.44 -17.95
C ALA B 547 30.67 -23.92 -18.32
N ASN B 548 30.33 -24.20 -19.58
CA ASN B 548 30.12 -25.60 -20.04
C ASN B 548 31.48 -26.32 -20.18
N THR B 549 32.58 -25.58 -20.12
CA THR B 549 33.93 -26.18 -20.32
C THR B 549 34.46 -26.73 -18.99
N SER B 550 35.77 -27.04 -18.90
CA SER B 550 36.36 -27.59 -17.66
C SER B 550 37.86 -27.27 -17.61
N GLY B 551 38.50 -27.51 -16.46
CA GLY B 551 39.96 -27.29 -16.33
C GLY B 551 40.34 -25.82 -16.34
N GLU B 552 41.49 -25.49 -16.92
CA GLU B 552 41.97 -24.08 -16.94
C GLU B 552 41.09 -23.25 -17.90
N ARG B 553 40.57 -23.85 -18.95
CA ARG B 553 39.65 -23.12 -19.84
C ARG B 553 38.53 -22.52 -18.99
N ARG B 554 37.92 -23.30 -18.08
CA ARG B 554 36.81 -22.77 -17.26
C ARG B 554 37.23 -21.48 -16.58
N LYS B 555 38.39 -21.48 -15.89
CA LYS B 555 38.86 -20.27 -15.17
C LYS B 555 39.12 -19.14 -16.16
N ARG B 556 39.67 -19.46 -17.33
CA ARG B 556 39.94 -18.44 -18.39
C ARG B 556 38.62 -17.78 -18.80
N GLU B 557 37.55 -18.58 -18.93
CA GLU B 557 36.23 -18.03 -19.34
C GLU B 557 35.72 -17.08 -18.25
N GLY B 558 35.73 -17.51 -16.98
CA GLY B 558 35.33 -16.57 -15.91
C GLY B 558 33.87 -16.73 -15.48
N GLY B 559 33.00 -15.81 -15.91
CA GLY B 559 31.60 -15.83 -15.45
C GLY B 559 30.71 -15.22 -16.50
N ASN B 560 29.48 -15.71 -16.60
CA ASN B 560 28.57 -15.29 -17.68
C ASN B 560 28.07 -13.91 -17.38
N VAL B 561 27.87 -13.09 -18.43
CA VAL B 561 27.44 -11.68 -18.19
C VAL B 561 25.96 -11.70 -17.82
N PHE B 562 25.29 -12.84 -18.05
CA PHE B 562 23.86 -12.97 -17.67
C PHE B 562 23.78 -13.36 -16.20
N ASN B 563 24.34 -12.53 -15.30
CA ASN B 563 24.35 -12.82 -13.83
C ASN B 563 24.81 -14.26 -13.58
N ASP B 564 25.77 -14.78 -14.36
CA ASP B 564 26.23 -16.19 -14.25
C ASP B 564 25.05 -17.12 -13.94
N GLN B 565 24.00 -17.09 -14.78
CA GLN B 565 22.80 -17.93 -14.53
C GLN B 565 22.68 -18.96 -15.65
N ILE B 566 23.42 -18.77 -16.75
CA ILE B 566 23.40 -19.74 -17.85
C ILE B 566 24.81 -20.30 -17.92
N LYS B 567 25.00 -21.35 -18.68
CA LYS B 567 26.33 -21.96 -18.79
C LYS B 567 26.91 -21.82 -20.20
N VAL B 568 26.24 -21.17 -21.14
CA VAL B 568 26.71 -21.02 -22.54
C VAL B 568 27.38 -19.65 -22.69
N GLY B 569 28.19 -19.43 -23.72
CA GLY B 569 28.92 -18.15 -23.93
C GLY B 569 28.03 -17.07 -24.51
N VAL B 570 28.40 -15.80 -24.55
CA VAL B 570 27.41 -14.77 -25.02
C VAL B 570 28.09 -13.67 -25.85
N ALA B 571 28.15 -13.85 -27.16
CA ALA B 571 28.72 -12.78 -28.01
C ALA B 571 27.65 -11.74 -28.35
N VAL B 572 27.92 -10.46 -28.06
CA VAL B 572 26.98 -9.36 -28.44
C VAL B 572 27.36 -8.95 -29.86
N TYR B 573 26.47 -9.12 -30.84
CA TYR B 573 26.90 -8.82 -32.23
C TYR B 573 26.02 -7.76 -32.90
N PHE B 574 26.62 -6.92 -33.73
CA PHE B 574 25.87 -5.87 -34.48
C PHE B 574 26.13 -6.09 -35.98
N LEU B 575 25.11 -6.49 -36.72
CA LEU B 575 25.31 -6.85 -38.16
C LEU B 575 24.71 -5.76 -39.05
N VAL B 576 25.53 -4.82 -39.54
CA VAL B 576 25.00 -3.67 -40.35
C VAL B 576 25.11 -3.97 -41.85
N ARG B 577 24.02 -3.79 -42.60
CA ARG B 577 24.03 -4.01 -44.06
C ARG B 577 23.70 -2.71 -44.73
N SER B 578 24.56 -2.20 -45.59
CA SER B 578 24.34 -0.87 -46.23
C SER B 578 24.09 -1.06 -47.73
N ASP B 587 35.75 -6.62 -48.89
CA ASP B 587 34.34 -7.08 -48.83
C ASP B 587 33.72 -6.59 -47.52
N THR B 588 33.49 -7.50 -46.59
CA THR B 588 32.80 -7.09 -45.35
C THR B 588 33.83 -6.97 -44.26
N LYS B 589 33.74 -5.90 -43.47
CA LYS B 589 34.68 -5.74 -42.33
C LYS B 589 34.23 -6.57 -41.12
N ILE B 590 34.66 -7.84 -40.98
CA ILE B 590 34.26 -8.50 -39.71
C ILE B 590 35.16 -8.01 -38.57
N TRP B 591 34.74 -6.96 -37.84
CA TRP B 591 35.52 -6.50 -36.67
C TRP B 591 35.22 -7.43 -35.49
N TYR B 592 36.20 -7.68 -34.62
CA TYR B 592 35.98 -8.64 -33.51
C TYR B 592 36.70 -8.15 -32.25
N HIS B 593 36.06 -8.30 -31.08
CA HIS B 593 36.73 -7.95 -29.80
C HIS B 593 36.29 -8.95 -28.74
N ALA B 594 37.24 -9.54 -28.01
CA ALA B 594 36.86 -10.45 -26.90
C ALA B 594 37.15 -9.75 -25.57
N VAL B 595 36.41 -10.09 -24.52
CA VAL B 595 36.69 -9.53 -23.18
C VAL B 595 38.00 -10.08 -22.61
N PRO B 596 38.71 -9.49 -21.62
CA PRO B 596 39.91 -10.13 -21.11
C PRO B 596 39.58 -11.48 -20.47
N ASP B 597 40.57 -12.37 -20.36
CA ASP B 597 40.38 -13.70 -19.71
C ASP B 597 40.43 -13.53 -18.19
N PHE B 598 40.04 -14.57 -17.47
CA PHE B 598 40.14 -14.59 -15.99
C PHE B 598 39.48 -13.41 -15.34
N TRP B 599 38.35 -12.95 -15.90
CA TRP B 599 37.61 -11.79 -15.35
C TRP B 599 36.37 -12.29 -14.61
N ARG B 600 35.66 -11.40 -13.92
CA ARG B 600 34.46 -11.80 -13.15
C ARG B 600 33.21 -11.56 -13.98
N ALA B 601 32.09 -12.17 -13.59
CA ALA B 601 30.81 -11.95 -14.31
C ALA B 601 30.47 -10.45 -14.27
N ARG B 602 30.56 -9.84 -13.09
CA ARG B 602 30.24 -8.39 -12.92
C ARG B 602 31.29 -7.55 -13.64
N GLU B 603 32.56 -7.97 -13.60
CA GLU B 603 33.65 -7.17 -14.21
C GLU B 603 33.32 -6.86 -15.67
N LYS B 604 33.04 -7.91 -16.47
CA LYS B 604 32.71 -7.71 -17.90
C LYS B 604 31.47 -6.82 -18.02
N LEU B 605 30.39 -7.13 -17.28
CA LEU B 605 29.12 -6.36 -17.34
C LEU B 605 29.38 -4.87 -17.13
N GLU B 606 30.09 -4.53 -16.05
CA GLU B 606 30.37 -3.10 -15.74
C GLU B 606 31.22 -2.50 -16.87
N TRP B 607 32.24 -3.24 -17.31
CA TRP B 607 33.11 -2.77 -18.42
C TRP B 607 32.23 -2.43 -19.63
N LEU B 608 31.34 -3.35 -20.03
CA LEU B 608 30.46 -3.13 -21.20
C LEU B 608 29.71 -1.80 -21.05
N LYS B 609 28.96 -1.63 -19.96
CA LYS B 609 28.14 -0.40 -19.76
C LYS B 609 29.01 0.86 -19.92
N THR B 610 30.09 0.96 -19.16
CA THR B 610 30.96 2.18 -19.19
C THR B 610 31.52 2.43 -20.60
N THR B 611 32.36 1.54 -21.11
CA THR B 611 33.00 1.75 -22.43
C THR B 611 31.93 1.93 -23.51
N LYS B 612 31.99 3.03 -24.28
CA LYS B 612 31.03 3.23 -25.39
C LYS B 612 31.64 2.58 -26.63
N PHE B 613 30.84 2.21 -27.63
CA PHE B 613 31.38 1.48 -28.78
C PHE B 613 32.55 2.28 -29.32
N GLU B 614 32.45 3.59 -29.39
CA GLU B 614 33.50 4.42 -30.04
C GLU B 614 34.89 4.10 -29.49
N ASP B 615 35.01 3.89 -28.17
CA ASP B 615 36.34 3.68 -27.55
C ASP B 615 36.65 2.18 -27.44
N ILE B 616 35.68 1.31 -27.75
CA ILE B 616 35.94 -0.16 -27.74
C ILE B 616 36.92 -0.49 -28.88
N GLU B 617 38.05 -1.12 -28.54
CA GLU B 617 39.06 -1.50 -29.57
C GLU B 617 38.53 -2.66 -30.40
N PHE B 618 38.93 -2.78 -31.66
CA PHE B 618 38.41 -3.86 -32.54
C PHE B 618 39.52 -4.36 -33.47
N ASP B 619 39.53 -5.66 -33.76
CA ASP B 619 40.56 -6.21 -34.70
C ASP B 619 39.85 -6.92 -35.86
N HIS B 620 40.09 -6.48 -37.09
CA HIS B 620 39.44 -7.08 -38.27
C HIS B 620 39.90 -8.54 -38.43
N ILE B 621 38.96 -9.48 -38.41
CA ILE B 621 39.30 -10.92 -38.59
C ILE B 621 39.54 -11.18 -40.08
N ARG B 622 40.47 -12.09 -40.41
CA ARG B 622 40.73 -12.45 -41.83
C ARG B 622 40.04 -13.78 -42.12
N PRO B 623 38.83 -13.90 -42.74
CA PRO B 623 38.23 -15.19 -42.90
C PRO B 623 39.11 -16.05 -43.80
N ASP B 624 39.44 -17.28 -43.36
CA ASP B 624 40.33 -18.17 -44.14
C ASP B 624 39.52 -18.98 -45.17
N ALA B 625 40.16 -19.94 -45.83
CA ALA B 625 39.46 -20.81 -46.80
C ALA B 625 38.56 -21.79 -46.03
N LYS B 626 38.92 -22.11 -44.79
CA LYS B 626 38.07 -22.99 -43.94
C LYS B 626 36.98 -22.13 -43.28
N HIS B 627 36.89 -20.85 -43.67
CA HIS B 627 35.89 -19.91 -43.10
C HIS B 627 36.06 -19.79 -41.59
N ASN B 628 37.13 -20.36 -41.02
CA ASN B 628 37.35 -20.19 -39.58
C ASN B 628 37.57 -18.71 -39.35
N TRP B 629 36.89 -18.10 -38.39
CA TRP B 629 37.23 -16.68 -38.13
C TRP B 629 38.24 -16.62 -36.97
N LEU B 630 37.79 -16.95 -35.76
CA LEU B 630 38.67 -16.92 -34.57
C LEU B 630 39.49 -18.21 -34.52
N GLY B 631 40.80 -18.14 -34.31
CA GLY B 631 41.58 -19.37 -34.15
C GLY B 631 42.01 -19.94 -35.47
N GLN B 632 42.86 -19.22 -36.20
CA GLN B 632 43.39 -19.76 -37.47
C GLN B 632 44.75 -20.37 -37.19
N VAL B 633 45.34 -21.04 -38.18
CA VAL B 633 46.62 -21.76 -37.92
C VAL B 633 47.78 -20.98 -38.52
N ASP B 634 48.89 -21.68 -38.78
CA ASP B 634 50.06 -21.04 -39.42
C ASP B 634 50.46 -21.91 -40.59
N GLU B 635 51.34 -21.43 -41.47
CA GLU B 635 51.82 -22.31 -42.57
C GLU B 635 53.35 -22.30 -42.60
N GLU B 636 53.97 -21.62 -41.64
CA GLU B 636 55.45 -21.64 -41.55
C GLU B 636 55.90 -23.08 -41.22
N ASN B 637 55.01 -23.87 -40.61
CA ASN B 637 55.32 -25.27 -40.27
C ASN B 637 54.83 -26.16 -41.40
N ASP B 638 55.47 -27.31 -41.58
CA ASP B 638 55.06 -28.29 -42.62
C ASP B 638 54.00 -29.22 -42.03
N TRP B 639 52.74 -28.77 -41.98
CA TRP B 639 51.64 -29.67 -41.51
C TRP B 639 51.16 -30.51 -42.71
N ASN B 640 52.08 -31.15 -43.42
CA ASN B 640 51.75 -32.00 -44.58
C ASN B 640 52.57 -33.28 -44.41
N GLU B 641 52.62 -33.82 -43.18
CA GLU B 641 53.48 -34.99 -42.91
C GLU B 641 52.64 -36.27 -42.76
N PHE B 642 52.47 -37.04 -43.84
CA PHE B 642 51.78 -38.37 -43.80
C PHE B 642 50.27 -38.35 -43.50
N LEU B 643 49.84 -38.03 -42.26
CA LEU B 643 48.41 -38.11 -41.80
C LEU B 643 48.20 -39.54 -41.26
N PRO B 644 47.68 -39.74 -40.03
CA PRO B 644 47.56 -41.08 -39.47
C PRO B 644 46.35 -41.79 -40.08
N VAL B 645 45.26 -41.06 -40.34
CA VAL B 645 44.02 -41.63 -40.92
C VAL B 645 43.12 -40.46 -41.33
N ALA B 646 42.27 -40.65 -42.34
CA ALA B 646 41.30 -39.61 -42.77
C ALA B 646 40.02 -40.32 -43.20
N ASP B 647 39.14 -39.52 -43.80
CA ASP B 647 37.88 -40.08 -44.34
C ASP B 647 38.22 -40.76 -45.65
N LYS B 648 39.18 -40.22 -46.37
CA LYS B 648 39.46 -40.75 -47.73
C LYS B 648 39.74 -42.24 -47.66
N ASP B 649 40.77 -42.61 -46.92
CA ASP B 649 41.15 -44.04 -46.95
C ASP B 649 40.05 -44.88 -46.32
N THR B 650 39.30 -44.34 -45.38
CA THR B 650 38.30 -45.22 -44.71
C THR B 650 37.26 -45.58 -45.73
N LYS B 651 36.76 -44.61 -46.49
CA LYS B 651 35.66 -44.93 -47.40
C LYS B 651 36.26 -45.49 -48.68
N GLN B 652 37.58 -45.52 -48.73
CA GLN B 652 38.26 -46.01 -49.95
C GLN B 652 37.80 -47.43 -50.24
N ALA B 653 37.37 -47.68 -51.46
CA ALA B 653 36.99 -49.06 -51.83
C ALA B 653 38.02 -49.57 -52.83
N LYS B 654 38.96 -48.71 -53.21
CA LYS B 654 39.95 -49.10 -54.25
C LYS B 654 40.79 -50.27 -53.72
N GLY B 655 41.11 -50.24 -52.43
CA GLY B 655 41.90 -51.32 -51.81
C GLY B 655 43.38 -51.08 -52.00
N LEU B 656 43.74 -49.98 -52.67
CA LEU B 656 45.15 -49.66 -52.96
C LEU B 656 45.19 -48.26 -53.56
N GLY B 657 44.29 -48.00 -54.52
CA GLY B 657 44.28 -46.70 -55.23
C GLY B 657 44.35 -45.53 -54.27
N GLN B 658 43.46 -45.49 -53.28
CA GLN B 658 43.59 -44.41 -52.28
C GLN B 658 44.61 -44.85 -51.25
N GLU B 659 44.19 -45.47 -50.14
CA GLU B 659 45.12 -45.86 -49.05
C GLU B 659 46.21 -44.80 -48.94
N ARG B 660 45.88 -43.62 -48.45
CA ARG B 660 46.92 -42.56 -48.45
C ARG B 660 47.25 -42.10 -47.03
N ALA B 661 47.03 -42.93 -46.01
CA ALA B 661 47.45 -42.56 -44.64
C ALA B 661 47.91 -43.81 -43.88
N ILE B 662 48.27 -43.70 -42.61
CA ILE B 662 48.84 -44.89 -41.91
C ILE B 662 47.75 -45.93 -41.71
N PHE B 663 46.71 -45.63 -40.95
CA PHE B 663 45.69 -46.66 -40.62
C PHE B 663 44.53 -46.54 -41.61
N LYS B 664 43.91 -47.64 -41.98
CA LYS B 664 42.72 -47.53 -42.83
C LYS B 664 41.52 -47.33 -41.93
N LEU B 665 41.05 -48.36 -41.21
CA LEU B 665 39.81 -48.24 -40.39
C LEU B 665 40.02 -47.28 -39.22
N TYR B 666 39.00 -46.54 -38.83
CA TYR B 666 39.13 -45.55 -37.73
C TYR B 666 37.71 -45.36 -37.27
N SER B 667 37.45 -45.56 -36.00
CA SER B 667 36.02 -45.51 -35.61
C SER B 667 35.88 -44.85 -34.26
N LEU B 668 34.72 -44.28 -34.00
CA LEU B 668 34.42 -43.69 -32.68
C LEU B 668 34.04 -44.81 -31.73
N GLY B 669 34.08 -44.62 -30.42
CA GLY B 669 33.82 -45.71 -29.47
C GLY B 669 32.38 -45.85 -29.08
N VAL B 670 31.98 -46.97 -28.49
CA VAL B 670 30.55 -47.28 -28.21
C VAL B 670 29.85 -46.14 -27.53
N VAL B 671 28.65 -45.76 -28.00
CA VAL B 671 27.85 -44.72 -27.30
C VAL B 671 26.63 -45.45 -26.74
N THR B 672 26.23 -45.12 -25.52
CA THR B 672 25.08 -45.82 -24.88
C THR B 672 24.19 -44.78 -24.22
N ASN B 673 23.04 -44.47 -24.84
CA ASN B 673 22.11 -43.45 -24.30
C ASN B 673 21.58 -43.95 -22.95
N ARG B 674 21.61 -45.27 -22.73
CA ARG B 674 21.17 -45.87 -21.44
C ARG B 674 22.39 -46.15 -20.57
N ASP B 675 23.29 -45.18 -20.39
CA ASP B 675 24.55 -45.45 -19.64
C ASP B 675 24.24 -45.99 -18.25
N GLU B 676 23.34 -45.42 -17.49
CA GLU B 676 23.17 -45.97 -16.12
C GLU B 676 22.44 -47.30 -16.18
N TRP B 677 22.06 -47.78 -17.34
CA TRP B 677 21.39 -49.09 -17.41
C TRP B 677 22.31 -50.09 -18.09
N VAL B 678 23.51 -49.70 -18.51
CA VAL B 678 24.37 -50.67 -19.26
C VAL B 678 25.78 -50.74 -18.64
N TYR B 679 26.22 -49.70 -17.95
CA TYR B 679 27.62 -49.72 -17.43
C TYR B 679 27.57 -49.99 -15.93
N SER B 680 28.24 -51.06 -15.49
CA SER B 680 28.23 -51.44 -14.06
C SER B 680 29.58 -52.04 -13.67
N ARG B 681 30.00 -51.85 -12.42
CA ARG B 681 31.26 -52.46 -11.94
C ARG B 681 30.97 -53.89 -11.51
N ALA B 682 29.76 -54.40 -11.79
CA ALA B 682 29.40 -55.74 -11.30
C ALA B 682 28.89 -56.63 -12.41
N GLU B 683 29.46 -57.81 -12.55
CA GLU B 683 28.98 -58.76 -13.56
C GLU B 683 27.66 -59.30 -13.05
N ASP B 684 27.33 -59.04 -11.79
CA ASP B 684 26.09 -59.62 -11.22
C ASP B 684 25.00 -58.57 -11.21
N GLU B 685 25.36 -57.31 -10.95
CA GLU B 685 24.33 -56.25 -10.82
C GLU B 685 23.87 -55.79 -12.21
N LEU B 686 24.70 -55.97 -13.24
CA LEU B 686 24.22 -55.65 -14.59
C LEU B 686 23.10 -56.63 -14.94
N ALA B 687 23.32 -57.92 -14.68
CA ALA B 687 22.26 -58.94 -14.91
C ALA B 687 20.93 -58.42 -14.36
N ASP B 688 20.92 -57.94 -13.11
CA ASP B 688 19.68 -57.42 -12.48
C ASP B 688 19.22 -56.11 -13.15
N LYS B 689 20.14 -55.18 -13.41
CA LYS B 689 19.79 -53.90 -14.09
C LYS B 689 18.98 -54.18 -15.37
N VAL B 690 19.58 -54.91 -16.30
CA VAL B 690 18.90 -55.11 -17.62
C VAL B 690 17.76 -56.12 -17.47
N ARG B 691 17.73 -56.93 -16.44
CA ARG B 691 16.57 -57.84 -16.44
C ARG B 691 15.36 -56.95 -16.21
N TYR B 692 15.57 -55.82 -15.55
CA TYR B 692 14.42 -54.96 -15.22
C TYR B 692 14.01 -54.21 -16.48
N PHE B 693 14.98 -53.81 -17.28
CA PHE B 693 14.63 -52.98 -18.45
C PHE B 693 13.98 -53.91 -19.44
N ILE B 694 14.66 -54.98 -19.82
CA ILE B 694 14.10 -55.85 -20.89
C ILE B 694 12.73 -56.25 -20.41
N GLY B 695 12.58 -56.44 -19.10
CA GLY B 695 11.24 -56.74 -18.58
C GLY B 695 10.27 -55.63 -18.89
N ARG B 696 10.51 -54.44 -18.35
CA ARG B 696 9.53 -53.36 -18.51
C ARG B 696 9.35 -53.07 -20.00
N TYR B 697 10.41 -53.15 -20.78
CA TYR B 697 10.22 -52.82 -22.19
C TYR B 697 9.26 -53.83 -22.79
N ASN B 698 9.41 -55.11 -22.50
CA ASN B 698 8.57 -56.10 -23.22
C ASN B 698 7.10 -55.96 -22.81
N GLU B 699 6.83 -55.35 -21.67
CA GLU B 699 5.42 -55.10 -21.30
C GLU B 699 4.99 -53.90 -22.12
N ILE B 700 5.93 -53.02 -22.42
CA ILE B 700 5.61 -51.80 -23.20
C ILE B 700 5.33 -52.22 -24.64
N ILE B 701 5.94 -53.26 -25.16
CA ILE B 701 5.56 -53.64 -26.53
C ILE B 701 4.06 -53.90 -26.58
N LYS B 702 3.53 -54.48 -25.50
CA LYS B 702 2.10 -54.87 -25.41
C LYS B 702 1.28 -53.70 -24.90
N LEU B 703 0.76 -52.86 -25.79
CA LEU B 703 0.00 -51.65 -25.36
C LEU B 703 -0.85 -51.22 -26.54
N PRO B 704 -1.95 -50.44 -26.34
CA PRO B 704 -2.74 -49.91 -27.47
C PRO B 704 -1.85 -49.24 -28.50
N LEU B 705 -1.93 -49.62 -29.78
CA LEU B 705 -0.96 -49.07 -30.78
C LEU B 705 -0.89 -47.57 -30.59
N GLY B 706 -2.04 -46.93 -30.44
CA GLY B 706 -2.15 -45.48 -30.24
C GLY B 706 -1.32 -44.99 -29.07
N ASP B 707 -1.41 -45.67 -27.92
CA ASP B 707 -0.66 -45.24 -26.72
C ASP B 707 0.84 -45.36 -26.97
N LEU B 708 1.27 -46.45 -27.61
CA LEU B 708 2.72 -46.61 -27.96
C LEU B 708 3.14 -45.41 -28.82
N MET B 709 2.34 -45.08 -29.83
CA MET B 709 2.68 -43.97 -30.76
C MET B 709 2.75 -42.64 -30.00
N SER B 710 1.87 -42.43 -29.01
CA SER B 710 1.83 -41.11 -28.33
C SER B 710 2.66 -41.13 -27.03
N ARG B 711 3.58 -42.02 -26.88
CA ARG B 711 4.36 -42.14 -25.63
C ARG B 711 3.43 -41.97 -24.43
N ASN B 712 2.64 -42.97 -24.08
CA ASN B 712 1.93 -42.84 -22.79
C ASN B 712 2.63 -43.75 -21.78
N TRP B 713 3.87 -44.12 -22.08
CA TRP B 713 4.58 -45.05 -21.17
C TRP B 713 5.15 -44.25 -20.02
N GLU B 714 5.08 -44.81 -18.83
CA GLU B 714 5.65 -44.13 -17.64
C GLU B 714 7.17 -44.25 -17.72
N GLY B 715 7.90 -43.17 -17.44
CA GLY B 715 9.37 -43.19 -17.60
C GLY B 715 10.07 -43.86 -16.45
N ASP B 716 9.82 -45.14 -16.24
CA ASP B 716 10.60 -45.84 -15.20
C ASP B 716 11.90 -46.27 -15.87
N ILE B 717 11.86 -46.63 -17.15
CA ILE B 717 13.10 -46.99 -17.87
C ILE B 717 13.58 -45.79 -18.66
N LYS B 718 14.73 -45.87 -19.33
CA LYS B 718 15.23 -44.78 -20.20
C LYS B 718 15.19 -45.30 -21.63
N MET B 719 14.41 -44.68 -22.50
CA MET B 719 14.20 -45.23 -23.83
C MET B 719 14.63 -44.22 -24.88
N THR B 720 15.60 -44.58 -25.73
CA THR B 720 16.14 -43.65 -26.74
C THR B 720 15.34 -43.72 -28.02
N ARG B 721 15.88 -43.24 -29.14
CA ARG B 721 15.10 -43.15 -30.40
C ARG B 721 15.04 -44.54 -31.00
N ALA B 722 16.15 -45.25 -30.91
CA ALA B 722 16.17 -46.59 -31.51
C ALA B 722 15.05 -47.39 -30.86
N THR B 723 15.11 -47.55 -29.55
CA THR B 723 14.10 -48.35 -28.86
C THR B 723 12.73 -47.73 -29.10
N ILE B 724 12.60 -46.41 -29.21
CA ILE B 724 11.23 -45.86 -29.38
C ILE B 724 10.73 -46.33 -30.74
N ALA B 725 11.59 -46.46 -31.75
CA ALA B 725 11.09 -46.99 -33.03
C ALA B 725 10.86 -48.49 -32.93
N ASP B 726 11.72 -49.22 -32.22
CA ASP B 726 11.61 -50.70 -32.15
C ASP B 726 10.57 -51.05 -31.13
N ALA B 727 9.85 -50.07 -30.64
CA ALA B 727 8.73 -50.38 -29.75
C ALA B 727 7.47 -49.76 -30.32
N GLN B 728 7.62 -48.89 -31.30
CA GLN B 728 6.43 -48.35 -31.97
C GLN B 728 6.30 -49.23 -33.18
N SER B 729 6.96 -50.38 -33.14
CA SER B 729 6.87 -51.34 -34.26
C SER B 729 6.54 -52.72 -33.69
N ARG B 730 6.42 -52.79 -32.37
CA ARG B 730 6.05 -54.06 -31.70
C ARG B 730 7.14 -55.12 -31.90
N LYS B 731 8.34 -54.94 -31.33
CA LYS B 731 9.40 -55.97 -31.42
C LYS B 731 9.72 -56.46 -30.01
N SER B 732 10.67 -57.40 -29.84
CA SER B 732 10.92 -57.99 -28.50
C SER B 732 12.41 -58.16 -28.22
N TYR B 733 12.78 -58.14 -26.96
CA TYR B 733 14.22 -58.13 -26.65
C TYR B 733 14.51 -59.34 -25.77
N SER B 734 15.75 -59.80 -25.76
CA SER B 734 16.13 -61.01 -24.99
C SER B 734 17.49 -60.77 -24.39
N LEU B 735 17.66 -61.15 -23.12
CA LEU B 735 18.92 -60.84 -22.43
C LEU B 735 19.93 -61.90 -22.81
N GLU B 736 20.44 -61.88 -24.04
CA GLU B 736 21.52 -62.85 -24.34
C GLU B 736 22.64 -62.52 -23.37
N LYS B 737 22.95 -63.39 -22.41
CA LYS B 737 23.92 -63.02 -21.35
C LYS B 737 25.37 -63.40 -21.69
N ASN B 738 25.69 -63.46 -22.98
CA ASN B 738 27.10 -63.72 -23.40
C ASN B 738 27.63 -62.45 -24.07
N SER B 739 26.87 -61.35 -23.96
CA SER B 739 27.28 -60.08 -24.62
C SER B 739 27.84 -59.12 -23.56
N ILE B 740 27.64 -59.43 -22.28
CA ILE B 740 28.22 -58.59 -21.18
C ILE B 740 29.74 -58.73 -21.26
N VAL B 741 30.46 -57.67 -21.68
CA VAL B 741 31.94 -57.80 -21.89
C VAL B 741 32.67 -56.69 -21.10
N PRO B 742 33.99 -56.79 -20.74
CA PRO B 742 34.67 -55.66 -20.11
C PRO B 742 34.64 -54.46 -21.07
N SER B 743 34.39 -53.27 -20.53
CA SER B 743 34.43 -52.07 -21.40
C SER B 743 35.07 -50.91 -20.64
N LEU B 744 36.31 -50.55 -21.02
CA LEU B 744 37.00 -49.40 -20.39
C LEU B 744 36.18 -48.13 -20.64
N TYR B 745 35.42 -47.69 -19.63
CA TYR B 745 34.56 -46.48 -19.77
C TYR B 745 35.45 -45.24 -19.70
N ARG B 746 36.07 -45.00 -18.55
CA ARG B 746 36.98 -43.84 -18.39
C ARG B 746 38.42 -44.37 -18.35
N PRO B 747 39.49 -43.54 -18.40
CA PRO B 747 40.86 -44.05 -18.26
C PRO B 747 41.01 -44.98 -17.04
N PHE B 748 41.53 -46.19 -17.26
CA PHE B 748 41.72 -47.18 -16.16
C PHE B 748 40.41 -47.37 -15.39
N ASP B 749 39.29 -47.52 -16.12
CA ASP B 749 37.97 -47.74 -15.47
C ASP B 749 37.20 -48.79 -16.27
N VAL B 750 37.63 -50.05 -16.18
CA VAL B 750 36.95 -51.14 -16.95
C VAL B 750 35.64 -51.50 -16.26
N LEU B 751 34.50 -51.12 -16.86
CA LEU B 751 33.18 -51.45 -16.28
C LEU B 751 32.49 -52.50 -17.15
N LYS B 752 32.05 -53.62 -16.56
CA LYS B 752 31.30 -54.63 -17.35
C LYS B 752 30.11 -53.98 -18.08
N MET B 753 30.02 -54.13 -19.41
CA MET B 753 28.91 -53.43 -20.12
C MET B 753 28.17 -54.34 -21.08
N TYR B 754 26.84 -54.28 -21.12
CA TYR B 754 26.03 -55.14 -22.01
C TYR B 754 26.18 -54.69 -23.47
N PHE B 755 27.16 -55.21 -24.18
CA PHE B 755 27.42 -54.82 -25.59
C PHE B 755 26.44 -55.55 -26.49
N SER B 756 25.27 -55.00 -26.76
CA SER B 756 24.37 -55.66 -27.71
C SER B 756 23.64 -54.59 -28.48
N LYS B 757 23.28 -54.88 -29.72
CA LYS B 757 22.68 -53.84 -30.59
C LYS B 757 21.34 -53.43 -30.00
N ASN B 758 20.68 -54.31 -29.27
CA ASN B 758 19.33 -53.93 -28.82
C ASN B 758 19.43 -52.76 -27.87
N LEU B 759 20.43 -52.73 -26.99
CA LEU B 759 20.47 -51.67 -25.96
C LEU B 759 21.71 -50.77 -26.02
N ASN B 760 22.41 -50.69 -27.16
CA ASN B 760 23.50 -49.71 -27.34
C ASN B 760 23.05 -48.89 -28.54
N GLU B 761 22.83 -47.59 -28.39
CA GLU B 761 22.23 -46.80 -29.51
C GLU B 761 23.19 -46.77 -30.68
N MET B 762 24.45 -46.37 -30.47
CA MET B 762 25.41 -46.39 -31.60
C MET B 762 26.66 -47.14 -31.20
N GLN B 763 27.12 -48.08 -32.00
CA GLN B 763 28.27 -48.91 -31.64
C GLN B 763 29.30 -48.56 -32.67
N TYR B 764 28.95 -47.65 -33.56
CA TYR B 764 29.85 -47.21 -34.64
C TYR B 764 30.40 -48.42 -35.37
N GLN B 765 31.73 -48.48 -35.53
CA GLN B 765 32.38 -49.63 -36.21
C GLN B 765 33.19 -50.40 -35.17
N MET B 766 32.83 -50.27 -33.90
CA MET B 766 33.52 -51.03 -32.82
C MET B 766 33.45 -52.55 -33.06
N PRO B 767 32.32 -53.18 -33.47
CA PRO B 767 32.34 -54.63 -33.79
C PRO B 767 33.33 -55.06 -34.89
N SER B 768 33.86 -54.12 -35.68
CA SER B 768 34.87 -54.47 -36.71
C SER B 768 36.28 -54.36 -36.11
N ILE B 769 36.40 -53.78 -34.91
CA ILE B 769 37.71 -53.65 -34.22
C ILE B 769 37.68 -54.66 -33.07
N PHE B 770 36.63 -54.61 -32.26
CA PHE B 770 36.46 -55.62 -31.18
C PHE B 770 35.23 -56.46 -31.53
N PRO B 771 35.39 -57.61 -32.22
CA PRO B 771 34.25 -58.39 -32.68
C PRO B 771 33.44 -58.96 -31.51
N LYS B 772 32.14 -58.67 -31.46
CA LYS B 772 31.26 -59.27 -30.43
C LYS B 772 31.77 -58.97 -29.03
N GLY B 773 32.56 -57.92 -28.86
CA GLY B 773 32.95 -57.55 -27.49
C GLY B 773 34.31 -58.06 -27.09
N VAL B 774 34.79 -59.13 -27.71
CA VAL B 774 36.07 -59.73 -27.28
C VAL B 774 36.93 -60.04 -28.51
N GLY B 775 38.16 -59.53 -28.53
CA GLY B 775 39.08 -59.71 -29.66
C GLY B 775 40.44 -59.19 -29.25
N GLU B 776 41.50 -59.73 -29.88
CA GLU B 776 42.89 -59.35 -29.53
C GLU B 776 43.31 -58.17 -30.41
N ASN B 777 42.60 -57.05 -30.27
CA ASN B 777 42.90 -55.86 -31.11
C ASN B 777 43.55 -54.78 -30.25
N VAL B 778 44.29 -53.87 -30.88
CA VAL B 778 44.87 -52.73 -30.13
C VAL B 778 44.31 -51.44 -30.72
N VAL B 779 43.64 -50.64 -29.90
CA VAL B 779 43.19 -49.32 -30.44
C VAL B 779 44.00 -48.22 -29.76
N ILE B 780 44.67 -47.39 -30.57
CA ILE B 780 45.34 -46.19 -30.01
C ILE B 780 44.24 -45.17 -29.90
N ALA B 781 43.84 -44.82 -28.70
CA ALA B 781 42.71 -43.89 -28.59
C ALA B 781 43.23 -42.47 -28.71
N LEU B 782 42.66 -41.63 -29.56
CA LEU B 782 43.09 -40.21 -29.56
C LEU B 782 41.88 -39.32 -29.46
N SER B 783 42.04 -38.16 -28.84
CA SER B 783 40.91 -37.19 -28.75
C SER B 783 40.52 -36.80 -30.16
N GLY B 784 39.24 -36.55 -30.37
CA GLY B 784 38.76 -36.23 -31.73
C GLY B 784 38.73 -34.74 -31.95
N SER B 785 37.99 -34.30 -32.96
CA SER B 785 37.98 -32.85 -33.32
C SER B 785 36.53 -32.38 -33.51
N PRO B 786 36.20 -31.10 -33.22
CA PRO B 786 37.08 -30.18 -32.48
C PRO B 786 37.24 -30.53 -31.00
N ALA B 787 38.49 -30.68 -30.56
CA ALA B 787 38.75 -30.99 -29.13
C ALA B 787 38.64 -29.71 -28.30
N ALA B 788 38.39 -29.86 -26.99
CA ALA B 788 38.32 -28.69 -26.09
C ALA B 788 39.39 -28.86 -25.00
N LYS B 789 39.74 -30.11 -24.70
CA LYS B 789 40.76 -30.38 -23.66
C LYS B 789 42.11 -30.67 -24.35
N PRO B 790 43.31 -30.59 -23.72
CA PRO B 790 44.52 -30.95 -24.44
C PRO B 790 44.53 -32.33 -25.11
N PHE B 791 45.30 -32.50 -26.18
CA PHE B 791 45.35 -33.78 -26.94
C PHE B 791 45.74 -34.89 -25.98
N GLN B 792 45.21 -36.10 -26.19
CA GLN B 792 45.51 -37.23 -25.29
C GLN B 792 45.63 -38.52 -26.10
N VAL B 793 46.40 -39.50 -25.63
CA VAL B 793 46.47 -40.83 -26.31
C VAL B 793 46.46 -41.91 -25.23
N LEU B 794 45.83 -43.05 -25.50
CA LEU B 794 45.83 -44.18 -24.53
C LEU B 794 45.71 -45.49 -25.31
N ALA B 795 46.73 -46.34 -25.24
CA ALA B 795 46.61 -47.67 -25.90
C ALA B 795 45.61 -48.49 -25.09
N THR B 796 44.48 -48.87 -25.71
CA THR B 796 43.48 -49.72 -25.02
C THR B 796 43.39 -51.08 -25.71
N ASP B 797 43.20 -52.15 -24.95
CA ASP B 797 43.02 -53.50 -25.55
C ASP B 797 41.60 -53.98 -25.20
N ILE B 798 40.76 -53.07 -24.69
CA ILE B 798 39.37 -53.44 -24.32
C ILE B 798 38.40 -52.46 -25.01
N LEU B 799 37.18 -52.82 -25.41
CA LEU B 799 36.21 -51.91 -26.05
C LEU B 799 36.27 -50.55 -25.37
N PRO B 800 36.82 -49.45 -25.97
CA PRO B 800 36.79 -48.16 -25.32
C PRO B 800 35.44 -47.48 -25.51
N SER B 801 35.16 -46.43 -24.75
CA SER B 801 33.84 -45.76 -24.84
C SER B 801 34.05 -44.40 -25.48
N LEU B 802 33.03 -43.81 -26.10
CA LEU B 802 33.25 -42.51 -26.82
C LEU B 802 33.81 -41.47 -25.85
N ASP B 803 33.36 -41.48 -24.59
CA ASP B 803 33.77 -40.41 -23.65
C ASP B 803 35.00 -40.83 -22.84
N LEU B 804 35.75 -41.85 -23.29
CA LEU B 804 37.02 -42.20 -22.60
C LEU B 804 37.91 -40.96 -22.70
N LEU B 805 38.09 -40.44 -23.92
CA LEU B 805 38.85 -39.18 -24.12
C LEU B 805 37.86 -38.21 -24.76
N GLU B 806 38.27 -36.97 -25.03
CA GLU B 806 37.36 -36.03 -25.76
C GLU B 806 37.02 -36.67 -27.11
N LYS B 807 35.75 -37.06 -27.34
CA LYS B 807 35.33 -37.72 -28.60
C LYS B 807 36.35 -38.79 -29.03
N THR B 808 36.49 -39.85 -28.25
CA THR B 808 37.52 -40.90 -28.54
C THR B 808 37.44 -41.38 -29.99
N GLN B 809 38.48 -41.15 -30.77
CA GLN B 809 38.54 -41.69 -32.16
C GLN B 809 39.60 -42.80 -32.13
N CYS B 810 39.18 -44.07 -32.15
CA CYS B 810 40.16 -45.16 -31.99
C CYS B 810 40.93 -45.42 -33.27
N LEU B 811 42.18 -45.84 -33.16
CA LEU B 811 43.00 -46.24 -34.33
C LEU B 811 43.25 -47.76 -34.26
N PRO B 812 42.44 -48.66 -34.85
CA PRO B 812 42.72 -50.10 -34.86
C PRO B 812 44.12 -50.52 -35.32
N PHE B 813 44.51 -51.76 -35.03
CA PHE B 813 45.82 -52.27 -35.48
C PHE B 813 45.54 -53.52 -36.30
N TYR B 814 44.40 -54.13 -36.07
CA TYR B 814 44.01 -55.25 -36.95
C TYR B 814 42.53 -55.02 -37.25
N ARG B 815 42.07 -55.53 -38.47
CA ARG B 815 40.67 -55.22 -38.88
C ARG B 815 39.94 -56.54 -39.14
N TYR B 816 38.65 -56.63 -38.81
CA TYR B 816 37.89 -57.87 -39.14
C TYR B 816 36.78 -57.52 -40.15
N THR B 817 36.74 -58.26 -41.26
CA THR B 817 35.70 -58.00 -42.30
C THR B 817 34.44 -58.78 -41.92
N MET B 818 33.32 -58.51 -42.61
CA MET B 818 32.06 -59.24 -42.34
C MET B 818 32.31 -60.72 -42.56
N ASN B 819 32.13 -61.54 -41.52
CA ASN B 819 32.39 -63.01 -41.61
C ASN B 819 33.80 -63.24 -42.18
N GLY B 820 34.81 -62.55 -41.63
CA GLY B 820 36.20 -62.68 -42.12
C GLY B 820 37.18 -62.73 -40.97
N GLU B 821 38.46 -62.96 -41.26
CA GLU B 821 39.48 -63.09 -40.19
C GLU B 821 40.15 -61.74 -39.93
N ARG B 822 41.30 -61.74 -39.25
CA ARG B 822 41.99 -60.48 -38.91
C ARG B 822 42.84 -60.03 -40.09
N LEU B 823 42.86 -58.74 -40.36
CA LEU B 823 43.63 -58.19 -41.48
C LEU B 823 44.36 -56.97 -40.93
N ASN B 824 45.67 -56.91 -41.06
CA ASN B 824 46.46 -55.77 -40.53
C ASN B 824 45.84 -54.43 -40.97
N ASN B 825 45.54 -53.55 -40.01
CA ASN B 825 44.90 -52.25 -40.33
C ASN B 825 45.95 -51.27 -40.89
N ILE B 826 47.18 -51.32 -40.36
CA ILE B 826 48.27 -50.45 -40.91
C ILE B 826 48.34 -50.69 -42.42
N THR B 827 48.34 -49.59 -43.17
CA THR B 827 48.41 -49.64 -44.63
C THR B 827 49.80 -50.09 -45.07
N ASP B 828 49.87 -50.87 -46.16
CA ASP B 828 51.20 -51.25 -46.70
C ASP B 828 51.84 -49.99 -47.29
N TYR B 829 51.01 -49.02 -47.69
CA TYR B 829 51.53 -47.72 -48.19
C TYR B 829 52.43 -47.10 -47.11
N ALA B 830 51.97 -47.06 -45.86
CA ALA B 830 52.80 -46.52 -44.76
C ALA B 830 54.08 -47.34 -44.64
N LEU B 831 53.97 -48.66 -44.61
CA LEU B 831 55.16 -49.55 -44.50
C LEU B 831 56.18 -49.17 -45.58
N LYS B 832 55.75 -49.09 -46.84
CA LYS B 832 56.67 -48.73 -47.96
C LYS B 832 57.34 -47.39 -47.67
N ALA B 833 56.55 -46.33 -47.46
CA ALA B 833 57.12 -44.97 -47.25
C ALA B 833 58.13 -44.98 -46.08
N PHE B 834 57.75 -45.60 -44.95
CA PHE B 834 58.65 -45.65 -43.77
C PHE B 834 59.97 -46.31 -44.17
N GLN B 835 59.91 -47.52 -44.73
CA GLN B 835 61.14 -48.25 -45.14
C GLN B 835 61.98 -47.36 -46.06
N THR B 836 61.36 -46.76 -47.07
CA THR B 836 62.11 -45.91 -48.05
C THR B 836 62.83 -44.78 -47.31
N HIS B 837 62.10 -44.01 -46.50
CA HIS B 837 62.72 -42.85 -45.79
C HIS B 837 63.84 -43.32 -44.87
N TYR B 838 63.61 -44.38 -44.09
CA TYR B 838 64.62 -44.84 -43.11
C TYR B 838 65.64 -45.77 -43.78
N ALA B 839 65.66 -45.82 -45.11
CA ALA B 839 66.60 -46.69 -45.86
C ALA B 839 66.66 -48.06 -45.20
N ASP B 840 65.51 -48.63 -44.82
CA ASP B 840 65.49 -49.92 -44.09
C ASP B 840 64.50 -50.86 -44.80
N THR B 841 64.35 -52.09 -44.29
CA THR B 841 63.37 -53.06 -44.85
C THR B 841 62.83 -53.87 -43.68
N SER B 842 63.51 -53.74 -42.54
CA SER B 842 63.09 -54.45 -41.31
C SER B 842 61.82 -53.81 -40.75
N ILE B 843 61.60 -52.53 -41.03
CA ILE B 843 60.42 -51.80 -40.50
C ILE B 843 59.17 -52.66 -40.73
N SER B 844 58.52 -53.09 -39.65
CA SER B 844 57.27 -53.88 -39.80
C SER B 844 56.10 -53.08 -39.29
N ARG B 845 54.93 -53.39 -39.66
CA ARG B 845 53.76 -52.59 -39.27
C ARG B 845 53.78 -52.46 -37.76
N GLU B 846 54.04 -53.61 -37.05
CA GLU B 846 54.06 -53.56 -35.56
C GLU B 846 55.05 -52.48 -35.11
N ASP B 847 56.21 -52.42 -35.76
CA ASP B 847 57.21 -51.43 -35.36
C ASP B 847 56.62 -50.05 -35.57
N ILE B 848 56.00 -49.80 -36.73
CA ILE B 848 55.42 -48.45 -37.04
C ILE B 848 54.39 -48.13 -35.97
N PHE B 849 53.62 -49.10 -35.52
CA PHE B 849 52.55 -48.82 -34.54
C PHE B 849 53.16 -48.18 -33.32
N HIS B 850 54.24 -48.74 -32.86
CA HIS B 850 54.76 -48.22 -31.58
C HIS B 850 55.45 -46.87 -31.80
N TYR B 851 55.80 -46.56 -33.04
CA TYR B 851 56.50 -45.29 -33.31
C TYR B 851 55.47 -44.18 -33.23
N VAL B 852 54.31 -44.40 -33.86
CA VAL B 852 53.23 -43.39 -33.88
C VAL B 852 52.80 -43.12 -32.45
N TYR B 853 52.61 -44.17 -31.65
CA TYR B 853 52.22 -43.97 -30.23
C TYR B 853 53.31 -43.15 -29.56
N ALA B 854 54.53 -43.30 -30.06
CA ALA B 854 55.61 -42.59 -29.34
C ALA B 854 55.59 -41.13 -29.74
N VAL B 855 55.56 -40.87 -31.04
CA VAL B 855 55.62 -39.45 -31.49
C VAL B 855 54.50 -38.71 -30.80
N LEU B 856 53.28 -39.24 -30.82
CA LEU B 856 52.13 -38.46 -30.30
C LEU B 856 52.26 -38.28 -28.80
N HIS B 857 53.26 -38.89 -28.18
CA HIS B 857 53.49 -38.72 -26.72
C HIS B 857 54.56 -37.65 -26.49
N HIS B 858 55.29 -37.26 -27.53
CA HIS B 858 56.36 -36.24 -27.41
C HIS B 858 55.84 -35.00 -26.72
N PRO B 859 56.58 -34.40 -25.78
CA PRO B 859 56.05 -33.29 -25.05
C PRO B 859 56.28 -31.98 -25.75
N ALA B 860 56.79 -32.02 -26.98
CA ALA B 860 56.81 -30.78 -27.76
C ALA B 860 56.26 -30.95 -29.16
N TYR B 861 55.87 -32.13 -29.61
CA TYR B 861 55.21 -32.20 -30.92
C TYR B 861 53.78 -31.80 -30.60
N ARG B 862 53.37 -32.04 -29.36
CA ARG B 862 52.02 -31.63 -28.92
C ARG B 862 52.08 -30.17 -28.54
N GLU B 863 53.25 -29.66 -28.16
CA GLU B 863 53.35 -28.20 -27.87
C GLU B 863 53.67 -27.45 -29.15
N LYS B 864 54.43 -28.00 -30.09
CA LYS B 864 54.64 -27.28 -31.37
C LYS B 864 53.36 -27.22 -32.21
N TYR B 865 52.46 -28.21 -32.08
CA TYR B 865 51.28 -28.23 -33.00
C TYR B 865 49.96 -28.47 -32.27
N ALA B 866 49.77 -27.90 -31.07
CA ALA B 866 48.54 -28.13 -30.27
C ALA B 866 47.29 -27.82 -31.10
N LEU B 867 47.15 -26.57 -31.55
CA LEU B 867 45.96 -26.15 -32.34
C LEU B 867 45.80 -27.11 -33.52
N ASN B 868 46.88 -27.38 -34.26
CA ASN B 868 46.80 -28.26 -35.45
C ASN B 868 46.15 -29.60 -35.07
N LEU B 869 46.57 -30.15 -33.95
CA LEU B 869 45.97 -31.41 -33.47
C LEU B 869 44.54 -31.13 -33.03
N ARG B 870 44.28 -29.94 -32.46
CA ARG B 870 42.93 -29.60 -31.93
C ARG B 870 42.04 -29.11 -33.07
N GLN B 871 42.27 -29.63 -34.27
CA GLN B 871 41.48 -29.22 -35.44
C GLN B 871 41.46 -30.38 -36.40
N GLU B 872 42.54 -31.16 -36.49
CA GLU B 872 42.41 -32.28 -37.46
C GLU B 872 43.31 -33.47 -37.11
N PHE B 873 43.06 -34.64 -37.72
CA PHE B 873 43.84 -35.87 -37.42
C PHE B 873 45.35 -35.61 -37.38
N PRO B 874 46.04 -35.98 -36.29
CA PRO B 874 47.48 -35.72 -36.12
C PRO B 874 48.51 -36.21 -37.15
N ARG B 875 48.80 -35.41 -38.17
CA ARG B 875 49.83 -35.76 -39.20
C ARG B 875 51.14 -36.11 -38.47
N ILE B 876 51.76 -37.27 -38.75
CA ILE B 876 52.94 -37.68 -37.96
C ILE B 876 54.25 -37.28 -38.63
N PRO B 877 55.36 -36.88 -37.94
CA PRO B 877 56.61 -36.58 -38.66
C PRO B 877 57.47 -37.79 -39.03
N PHE B 878 58.63 -37.56 -39.66
CA PHE B 878 59.56 -38.66 -39.98
C PHE B 878 60.88 -38.38 -39.26
N TYR B 879 60.89 -38.43 -37.93
CA TYR B 879 62.06 -38.10 -37.08
C TYR B 879 63.32 -38.92 -37.45
N PRO B 880 64.53 -38.52 -37.03
CA PRO B 880 65.77 -39.23 -37.44
C PRO B 880 66.38 -40.43 -36.70
N GLU B 881 65.58 -41.28 -36.04
CA GLU B 881 66.11 -42.51 -35.35
C GLU B 881 64.96 -43.49 -35.08
N PHE B 882 64.48 -44.18 -36.11
CA PHE B 882 63.29 -45.06 -35.94
C PHE B 882 63.46 -45.88 -34.66
N GLY B 883 64.54 -46.64 -34.57
CA GLY B 883 64.73 -47.51 -33.40
C GLY B 883 64.51 -46.82 -32.07
N ARG B 884 65.20 -45.72 -31.79
CA ARG B 884 65.10 -45.10 -30.46
C ARG B 884 63.63 -44.87 -30.16
N TRP B 885 62.97 -44.18 -31.08
CA TRP B 885 61.54 -43.86 -30.86
C TRP B 885 60.76 -45.17 -30.74
N ALA B 886 61.06 -46.16 -31.58
CA ALA B 886 60.24 -47.39 -31.61
C ALA B 886 60.26 -48.12 -30.27
N ALA B 887 61.39 -48.10 -29.57
CA ALA B 887 61.46 -48.89 -28.32
C ALA B 887 60.44 -48.35 -27.33
N TRP B 888 60.16 -47.05 -27.39
CA TRP B 888 59.28 -46.45 -26.36
C TRP B 888 57.83 -46.96 -26.37
N GLY B 889 57.08 -46.82 -27.46
CA GLY B 889 55.65 -47.15 -27.59
C GLY B 889 55.31 -48.48 -26.95
N ARG B 890 56.21 -49.46 -27.07
CA ARG B 890 55.98 -50.81 -26.47
C ARG B 890 55.91 -50.69 -24.93
N GLU B 891 56.87 -50.00 -24.32
CA GLU B 891 56.89 -49.84 -22.84
C GLU B 891 55.58 -49.16 -22.42
N LEU B 892 55.28 -48.00 -23.01
CA LEU B 892 54.02 -47.27 -22.70
C LEU B 892 52.82 -48.22 -22.83
N MET B 893 52.69 -48.90 -23.96
CA MET B 893 51.53 -49.80 -24.21
C MET B 893 51.36 -50.77 -23.05
N ALA B 894 52.41 -51.55 -22.75
CA ALA B 894 52.33 -52.58 -21.68
C ALA B 894 51.83 -51.98 -20.36
N LEU B 895 52.26 -50.77 -20.01
CA LEU B 895 51.87 -50.14 -18.73
C LEU B 895 50.35 -50.00 -18.64
N HIS B 896 49.69 -49.64 -19.74
CA HIS B 896 48.22 -49.42 -19.72
C HIS B 896 47.49 -50.72 -20.07
N ILE B 897 48.01 -51.33 -21.13
CA ILE B 897 47.47 -52.63 -21.54
C ILE B 897 47.61 -53.50 -20.30
N GLY B 898 48.41 -53.08 -19.30
CA GLY B 898 48.63 -53.91 -18.11
C GLY B 898 48.83 -53.10 -16.85
N PHE B 899 47.83 -52.29 -16.48
CA PHE B 899 47.93 -51.45 -15.25
C PHE B 899 47.63 -52.30 -14.02
N GLU B 900 47.08 -53.49 -14.22
CA GLU B 900 46.76 -54.40 -13.09
C GLU B 900 47.83 -55.50 -13.03
N SER B 901 49.04 -55.22 -13.54
CA SER B 901 50.10 -56.26 -13.59
C SER B 901 51.46 -55.63 -13.27
N VAL B 902 51.52 -54.31 -13.12
CA VAL B 902 52.81 -53.61 -12.84
C VAL B 902 53.18 -53.81 -11.37
N ALA B 903 54.38 -53.58 -10.99
CA ALA B 903 54.85 -53.75 -9.60
C ALA B 903 54.37 -52.59 -8.75
N PRO B 904 53.47 -52.80 -7.77
CA PRO B 904 52.91 -51.69 -7.03
C PRO B 904 53.91 -50.70 -6.47
N TYR B 905 53.50 -49.44 -6.44
CA TYR B 905 54.38 -48.46 -5.79
C TYR B 905 54.25 -48.59 -4.25
N PRO B 906 55.34 -48.79 -3.45
CA PRO B 906 55.25 -48.80 -1.99
C PRO B 906 54.53 -47.56 -1.44
N LEU B 907 53.25 -47.71 -1.08
CA LEU B 907 52.46 -46.56 -0.55
C LEU B 907 52.06 -46.85 0.90
N LYS B 908 52.57 -46.10 1.86
CA LYS B 908 52.31 -46.39 3.29
C LYS B 908 50.83 -46.24 3.59
N ARG B 909 50.25 -47.24 4.25
CA ARG B 909 48.82 -47.16 4.65
C ARG B 909 48.79 -46.68 6.11
N THR B 910 47.85 -45.80 6.44
CA THR B 910 47.69 -45.35 7.85
C THR B 910 46.19 -45.39 8.21
N ASP B 911 45.65 -46.57 8.58
CA ASP B 911 44.23 -46.73 9.01
C ASP B 911 43.96 -45.82 10.22
N GLU B 912 42.83 -45.11 10.20
CA GLU B 912 42.49 -44.17 11.30
C GLU B 912 41.31 -44.71 12.10
N PRO B 913 41.11 -44.34 13.38
CA PRO B 913 39.92 -44.76 14.12
C PRO B 913 38.72 -43.83 13.88
N PRO B 914 37.47 -44.35 13.80
CA PRO B 914 36.29 -43.48 13.67
C PRO B 914 36.17 -42.55 14.88
N LYS B 915 35.91 -41.25 14.65
CA LYS B 915 35.81 -40.26 15.75
C LYS B 915 34.99 -40.83 16.92
N ASN B 916 33.75 -41.24 16.66
CA ASN B 916 32.88 -41.83 17.71
C ASN B 916 32.73 -43.32 17.40
N ASP B 917 32.49 -44.13 18.43
CA ASP B 917 32.40 -45.60 18.23
C ASP B 917 30.97 -45.97 17.82
N THR B 918 30.09 -44.98 17.70
CA THR B 918 28.70 -45.25 17.22
C THR B 918 28.76 -45.80 15.79
N PRO B 919 27.93 -46.80 15.44
CA PRO B 919 27.90 -47.34 14.07
C PRO B 919 27.63 -46.23 13.05
N GLU B 920 26.79 -45.26 13.40
CA GLU B 920 26.47 -44.12 12.50
C GLU B 920 27.77 -43.42 12.09
N ALA B 921 28.59 -43.03 13.06
CA ALA B 921 29.86 -42.31 12.77
C ALA B 921 30.75 -43.16 11.85
N LEU B 922 30.89 -44.45 12.16
CA LEU B 922 31.75 -45.36 11.36
C LEU B 922 31.21 -45.43 9.91
N ALA B 923 29.91 -45.59 9.74
CA ALA B 923 29.30 -45.70 8.40
C ALA B 923 29.45 -44.38 7.64
N LEU B 924 29.46 -43.33 8.47
CA LEU B 924 29.63 -41.96 7.97
C LEU B 924 31.12 -41.64 8.05
N ALA B 925 31.95 -42.68 8.19
CA ALA B 925 33.42 -42.48 8.11
C ALA B 925 33.99 -43.58 7.21
N LYS B 926 33.15 -44.47 6.70
CA LYS B 926 33.65 -45.43 5.67
C LYS B 926 32.90 -45.11 4.38
N LYS B 927 32.45 -43.87 4.31
CA LYS B 927 31.74 -43.41 3.11
C LYS B 927 32.80 -42.73 2.25
N ALA B 928 33.06 -43.24 1.05
CA ALA B 928 34.16 -42.73 0.20
C ALA B 928 34.30 -41.22 0.25
N ARG B 929 35.42 -40.72 0.72
CA ARG B 929 35.65 -39.26 0.69
C ARG B 929 37.00 -39.07 0.00
N LEU B 930 37.30 -39.89 -1.01
CA LEU B 930 38.64 -39.86 -1.64
C LEU B 930 38.93 -38.44 -2.03
N LYS B 931 40.15 -37.95 -1.73
CA LYS B 931 40.53 -36.55 -2.01
C LYS B 931 42.06 -36.44 -1.91
N VAL B 932 42.71 -35.98 -2.98
CA VAL B 932 44.19 -35.74 -2.90
C VAL B 932 44.40 -34.57 -1.94
N GLN B 933 44.83 -34.86 -0.70
CA GLN B 933 45.14 -33.76 0.25
C GLN B 933 46.15 -32.85 -0.44
N ARG B 934 45.83 -31.56 -0.57
CA ARG B 934 46.74 -30.65 -1.34
C ARG B 934 47.28 -29.55 -0.42
N ASP B 935 48.12 -28.66 -0.97
CA ASP B 935 48.74 -27.58 -0.17
C ASP B 935 48.57 -26.25 -0.90
N ALA B 936 49.58 -25.38 -0.81
CA ALA B 936 49.52 -24.05 -1.49
C ALA B 936 49.35 -24.25 -2.99
N ALA B 937 48.47 -23.46 -3.63
CA ALA B 937 48.21 -23.56 -5.08
C ALA B 937 47.95 -25.03 -5.48
N LYS B 938 47.08 -25.72 -4.73
CA LYS B 938 46.71 -27.13 -5.04
C LYS B 938 47.97 -27.97 -5.33
N GLN B 939 48.84 -28.13 -4.33
CA GLN B 939 50.06 -28.97 -4.51
C GLN B 939 49.91 -30.27 -3.72
N PRO B 940 49.65 -31.43 -4.38
CA PRO B 940 49.44 -32.69 -3.66
C PRO B 940 50.47 -32.95 -2.56
N THR B 941 50.03 -33.06 -1.31
CA THR B 941 50.94 -33.36 -0.19
C THR B 941 51.53 -34.76 -0.39
N GLY B 942 50.77 -35.66 -1.01
CA GLY B 942 51.23 -37.05 -1.22
C GLY B 942 50.33 -38.03 -0.50
N ALA B 943 49.30 -37.52 0.18
CA ALA B 943 48.39 -38.40 0.94
C ALA B 943 46.98 -38.30 0.36
N VAL B 944 46.28 -39.44 0.25
CA VAL B 944 44.87 -39.43 -0.23
C VAL B 944 44.01 -40.11 0.84
N GLU B 945 43.14 -39.35 1.50
CA GLU B 945 42.23 -39.94 2.50
C GLU B 945 41.08 -40.63 1.75
N LEU B 946 41.32 -41.86 1.25
CA LEU B 946 40.27 -42.60 0.49
C LEU B 946 38.95 -42.55 1.27
N ASP B 947 38.99 -42.77 2.58
CA ASP B 947 37.78 -42.59 3.41
C ASP B 947 38.28 -42.01 4.73
N GLY B 948 37.39 -41.72 5.68
CA GLY B 948 37.85 -41.07 6.92
C GLY B 948 38.72 -41.99 7.76
N LEU B 949 38.68 -43.30 7.49
CA LEU B 949 39.42 -44.26 8.36
C LEU B 949 40.67 -44.79 7.65
N THR B 950 41.13 -44.12 6.59
CA THR B 950 42.29 -44.63 5.82
C THR B 950 42.95 -43.53 5.00
N THR B 951 44.27 -43.35 5.15
CA THR B 951 44.99 -42.36 4.29
C THR B 951 46.19 -43.04 3.63
N LEU B 952 46.19 -43.11 2.30
CA LEU B 952 47.34 -43.70 1.56
C LEU B 952 48.38 -42.61 1.34
N ALA B 953 49.51 -42.66 2.06
CA ALA B 953 50.49 -41.57 1.96
C ALA B 953 51.77 -42.02 1.24
N GLY B 954 52.45 -41.06 0.60
CA GLY B 954 53.73 -41.35 -0.09
C GLY B 954 53.70 -41.36 -1.62
N ILE B 955 52.64 -40.85 -2.24
CA ILE B 955 52.60 -40.76 -3.73
C ILE B 955 53.66 -39.74 -4.17
N PRO B 956 54.51 -40.02 -5.18
CA PRO B 956 55.61 -39.13 -5.53
C PRO B 956 55.28 -37.78 -6.17
N ALA B 957 56.26 -37.15 -6.82
CA ALA B 957 56.08 -35.77 -7.35
C ALA B 957 55.70 -35.78 -8.82
N ALA B 958 56.45 -36.49 -9.64
CA ALA B 958 56.05 -36.59 -11.05
C ALA B 958 54.60 -36.99 -11.03
N ALA B 959 54.21 -37.96 -10.20
CA ALA B 959 52.82 -38.50 -10.10
C ALA B 959 51.82 -37.68 -10.89
N TRP B 960 51.63 -36.43 -10.47
CA TRP B 960 50.62 -35.56 -11.13
C TRP B 960 51.20 -34.89 -12.39
N ALA B 961 51.36 -35.62 -13.50
CA ALA B 961 51.83 -34.99 -14.75
C ALA B 961 51.33 -35.70 -16.01
N TYR B 962 51.25 -37.04 -15.99
CA TYR B 962 50.71 -37.80 -17.15
C TYR B 962 49.30 -37.30 -17.48
N LYS B 963 48.70 -36.38 -16.70
CA LYS B 963 47.30 -35.88 -16.81
C LYS B 963 46.74 -36.28 -18.18
N LEU B 964 45.75 -37.17 -18.19
CA LEU B 964 45.09 -37.54 -19.48
C LEU B 964 44.00 -36.51 -19.79
N GLY B 965 44.39 -35.40 -20.43
CA GLY B 965 43.43 -34.33 -20.76
C GLY B 965 43.39 -33.26 -19.68
N ASN B 966 42.38 -33.30 -18.81
CA ASN B 966 42.24 -32.25 -17.76
C ASN B 966 42.34 -32.89 -16.37
N ARG B 967 42.30 -34.17 -16.20
CA ARG B 967 42.54 -34.72 -14.85
C ARG B 967 43.69 -35.67 -15.02
N SER B 968 44.16 -36.19 -13.95
CA SER B 968 45.33 -37.12 -13.94
C SER B 968 44.83 -38.57 -14.04
N ALA B 969 45.68 -39.47 -14.54
CA ALA B 969 45.31 -40.90 -14.65
C ALA B 969 44.83 -41.42 -13.29
N LEU B 970 45.59 -41.13 -12.23
CA LEU B 970 45.22 -41.58 -10.87
C LEU B 970 43.94 -40.86 -10.42
N GLU B 971 43.84 -39.54 -10.70
CA GLU B 971 42.62 -38.76 -10.34
C GLU B 971 41.40 -39.37 -11.03
N TRP B 972 41.56 -39.87 -12.27
CA TRP B 972 40.44 -40.54 -12.97
C TRP B 972 39.90 -41.67 -12.08
N VAL B 973 40.76 -42.62 -11.69
CA VAL B 973 40.29 -43.79 -10.88
C VAL B 973 39.75 -43.31 -9.53
N LEU B 974 40.27 -42.21 -8.98
CA LEU B 974 39.77 -41.67 -7.68
C LEU B 974 38.30 -41.27 -7.86
N GLU B 975 38.00 -40.45 -8.86
CA GLU B 975 36.61 -39.97 -9.07
C GLU B 975 35.72 -41.10 -9.56
N ARG B 976 36.30 -42.13 -10.18
CA ARG B 976 35.48 -43.23 -10.76
C ARG B 976 35.09 -44.24 -9.67
N HIS B 977 35.89 -44.34 -8.61
CA HIS B 977 35.60 -45.34 -7.55
C HIS B 977 34.85 -44.66 -6.38
N LYS B 978 34.60 -43.36 -6.56
CA LYS B 978 33.85 -42.55 -5.56
C LYS B 978 32.36 -42.77 -5.76
N GLU B 979 31.60 -42.93 -4.68
CA GLU B 979 30.15 -43.24 -4.77
C GLU B 979 29.42 -41.98 -5.21
N THR B 980 28.61 -42.09 -6.27
CA THR B 980 27.93 -40.90 -6.83
C THR B 980 26.50 -41.26 -7.17
N THR B 981 25.53 -40.78 -6.38
CA THR B 981 24.09 -41.10 -6.59
C THR B 981 23.72 -41.04 -8.08
N PRO B 982 23.24 -42.14 -8.71
CA PRO B 982 22.83 -42.07 -10.08
C PRO B 982 21.67 -41.09 -10.24
N LYS B 983 21.32 -40.79 -11.48
CA LYS B 983 20.28 -39.76 -11.70
C LYS B 983 18.95 -40.43 -12.06
N ASP B 984 19.00 -41.51 -12.82
CA ASP B 984 17.72 -42.12 -13.25
C ASP B 984 17.02 -42.54 -11.97
N ALA B 985 15.89 -41.91 -11.64
CA ALA B 985 15.26 -42.20 -10.34
C ALA B 985 15.28 -43.69 -10.06
N THR B 986 14.87 -44.51 -11.01
CA THR B 986 14.76 -45.95 -10.73
C THR B 986 16.11 -46.47 -10.27
N ILE B 987 17.20 -46.05 -10.87
CA ILE B 987 18.53 -46.62 -10.53
C ILE B 987 18.98 -46.12 -9.15
N ARG B 988 18.48 -44.97 -8.65
CA ARG B 988 18.86 -44.58 -7.28
C ARG B 988 18.07 -45.45 -6.32
N GLU B 989 16.80 -45.73 -6.61
CA GLU B 989 15.94 -46.50 -5.67
C GLU B 989 15.88 -48.00 -6.00
N LYS B 990 17.00 -48.59 -6.38
CA LYS B 990 16.98 -50.01 -6.77
C LYS B 990 18.38 -50.55 -7.05
N PHE B 991 19.21 -49.82 -7.81
CA PHE B 991 20.48 -50.44 -8.25
C PHE B 991 21.69 -49.71 -7.66
N ASN B 992 21.45 -48.81 -6.69
CA ASN B 992 22.57 -48.11 -6.02
C ASN B 992 23.02 -48.95 -4.82
N THR B 993 23.85 -49.96 -5.06
CA THR B 993 24.34 -50.84 -3.97
C THR B 993 25.86 -50.67 -3.84
N TYR B 994 26.45 -49.88 -4.74
CA TYR B 994 27.91 -49.62 -4.71
C TYR B 994 28.30 -49.04 -3.37
N ARG B 995 29.12 -49.75 -2.61
CA ARG B 995 29.56 -49.23 -1.29
C ARG B 995 31.07 -49.22 -1.28
N PHE B 996 31.68 -48.10 -0.95
CA PHE B 996 33.15 -48.01 -1.04
C PHE B 996 33.71 -49.08 -0.13
N ALA B 997 32.92 -49.48 0.85
CA ALA B 997 33.35 -50.52 1.80
C ALA B 997 33.82 -51.73 1.01
N ASP B 998 32.95 -52.33 0.20
CA ASP B 998 33.32 -53.50 -0.64
C ASP B 998 34.08 -53.03 -1.89
N HIS B 999 35.10 -52.18 -1.71
CA HIS B 999 35.92 -51.67 -2.86
C HIS B 999 37.23 -51.10 -2.32
N LYS B 1000 37.21 -50.52 -1.12
CA LYS B 1000 38.40 -49.86 -0.52
C LYS B 1000 39.67 -50.68 -0.72
N GLU B 1001 39.55 -51.99 -0.61
CA GLU B 1001 40.70 -52.90 -0.81
C GLU B 1001 41.30 -52.73 -2.20
N ARG B 1002 40.51 -52.90 -3.27
CA ARG B 1002 41.08 -52.87 -4.64
C ARG B 1002 41.55 -51.46 -5.03
N VAL B 1003 41.09 -50.41 -4.37
CA VAL B 1003 41.51 -49.06 -4.84
C VAL B 1003 42.98 -49.00 -4.56
N ILE B 1004 43.39 -49.57 -3.46
CA ILE B 1004 44.83 -49.45 -3.11
C ILE B 1004 45.60 -50.17 -4.20
N ASP B 1005 45.01 -51.25 -4.71
CA ASP B 1005 45.70 -52.04 -5.76
C ASP B 1005 45.84 -51.18 -7.01
N LEU B 1006 44.82 -50.42 -7.41
CA LEU B 1006 45.03 -49.53 -8.59
C LEU B 1006 45.87 -48.31 -8.22
N LEU B 1007 45.62 -47.67 -7.09
CA LEU B 1007 46.35 -46.42 -6.82
C LEU B 1007 47.84 -46.69 -6.95
N ALA B 1008 48.29 -47.85 -6.51
CA ALA B 1008 49.75 -48.09 -6.48
C ALA B 1008 50.21 -48.52 -7.87
N ARG B 1009 49.35 -49.25 -8.56
CA ARG B 1009 49.79 -49.77 -9.86
C ARG B 1009 49.75 -48.65 -10.89
N VAL B 1010 48.75 -47.79 -10.83
CA VAL B 1010 48.72 -46.62 -11.75
C VAL B 1010 49.83 -45.63 -11.36
N THR B 1011 50.17 -45.56 -10.07
CA THR B 1011 51.32 -44.68 -9.67
C THR B 1011 52.56 -45.14 -10.43
N THR B 1012 52.90 -46.43 -10.32
CA THR B 1012 54.06 -46.98 -11.07
C THR B 1012 53.92 -46.63 -12.55
N VAL B 1013 52.78 -47.00 -13.16
CA VAL B 1013 52.52 -46.68 -14.59
C VAL B 1013 52.86 -45.22 -14.86
N SER B 1014 52.18 -44.29 -14.17
CA SER B 1014 52.37 -42.84 -14.40
C SER B 1014 53.85 -42.44 -14.29
N VAL B 1015 54.51 -42.81 -13.19
CA VAL B 1015 55.94 -42.42 -12.96
C VAL B 1015 56.79 -42.81 -14.17
N GLU B 1016 56.64 -44.05 -14.65
CA GLU B 1016 57.47 -44.53 -15.80
C GLU B 1016 57.18 -43.67 -17.02
N THR B 1017 55.90 -43.49 -17.37
CA THR B 1017 55.54 -42.72 -18.59
C THR B 1017 56.06 -41.28 -18.47
N VAL B 1018 56.29 -40.77 -17.26
CA VAL B 1018 56.65 -39.34 -17.10
C VAL B 1018 58.11 -39.19 -17.54
N ARG B 1019 58.96 -40.15 -17.19
CA ARG B 1019 60.37 -40.05 -17.63
C ARG B 1019 60.54 -40.56 -19.07
N ILE B 1020 59.68 -41.43 -19.61
CA ILE B 1020 59.88 -41.81 -21.05
C ILE B 1020 59.47 -40.61 -21.89
N VAL B 1021 58.49 -39.86 -21.44
CA VAL B 1021 58.12 -38.59 -22.14
C VAL B 1021 59.27 -37.64 -21.91
N GLY B 1022 59.86 -37.66 -20.72
CA GLY B 1022 60.92 -36.70 -20.39
C GLY B 1022 62.19 -37.04 -21.11
N GLU B 1023 62.35 -38.31 -21.46
CA GLU B 1023 63.54 -38.59 -22.27
C GLU B 1023 63.19 -38.33 -23.72
N MET B 1024 61.88 -38.11 -24.05
CA MET B 1024 61.78 -37.87 -25.52
C MET B 1024 62.58 -36.58 -25.82
N PRO B 1025 63.13 -36.37 -27.03
CA PRO B 1025 63.86 -35.13 -27.40
C PRO B 1025 63.19 -33.80 -27.09
N ALA B 1026 63.87 -32.66 -27.32
CA ALA B 1026 63.21 -31.35 -27.12
C ALA B 1026 63.06 -30.65 -28.47
N GLU B 1027 63.71 -31.16 -29.51
CA GLU B 1027 63.54 -30.59 -30.86
C GLU B 1027 62.43 -31.40 -31.52
N THR B 1028 61.60 -30.74 -32.31
CA THR B 1028 60.47 -31.44 -32.96
C THR B 1028 60.40 -30.97 -34.41
N MET B 1029 60.42 -31.90 -35.37
CA MET B 1029 60.29 -31.52 -36.80
C MET B 1029 58.80 -31.48 -37.20
N SER C 2 9.03 36.93 -19.42
CA SER C 2 7.82 36.96 -20.27
C SER C 2 6.69 36.10 -19.68
N LEU C 3 6.21 35.11 -20.43
CA LEU C 3 5.06 34.28 -19.97
C LEU C 3 5.60 32.91 -19.53
N GLN C 4 6.74 32.50 -20.07
CA GLN C 4 7.29 31.15 -19.76
C GLN C 4 7.59 31.04 -18.27
N LEU C 5 8.40 31.96 -17.73
CA LEU C 5 8.76 31.94 -16.29
C LEU C 5 7.48 32.03 -15.46
N VAL C 6 6.49 32.81 -15.92
CA VAL C 6 5.24 32.98 -15.13
C VAL C 6 4.55 31.61 -14.99
N LYS C 7 4.44 30.87 -16.10
CA LYS C 7 3.81 29.53 -16.07
C LYS C 7 4.62 28.60 -15.17
N LYS C 8 5.95 28.71 -15.21
CA LYS C 8 6.83 27.83 -14.38
C LYS C 8 6.49 28.02 -12.89
N PHE C 9 6.32 29.27 -12.45
CA PHE C 9 5.95 29.54 -11.04
C PHE C 9 4.71 28.71 -10.66
N GLN C 10 3.66 28.78 -11.48
CA GLN C 10 2.40 28.06 -11.18
C GLN C 10 2.69 26.56 -11.03
N LYS C 11 3.42 25.98 -11.99
CA LYS C 11 3.79 24.55 -11.93
C LYS C 11 4.42 24.24 -10.57
N ARG C 12 5.46 25.00 -10.17
CA ARG C 12 6.16 24.74 -8.89
C ARG C 12 5.15 24.73 -7.73
N LEU C 13 4.28 25.75 -7.65
CA LEU C 13 3.30 25.85 -6.53
C LEU C 13 2.37 24.63 -6.52
N GLU C 14 1.99 24.12 -7.70
CA GLU C 14 1.07 22.95 -7.79
C GLU C 14 1.79 21.69 -7.29
N ASP C 15 3.11 21.62 -7.46
CA ASP C 15 3.88 20.46 -6.95
C ASP C 15 4.00 20.55 -5.42
N ILE C 16 4.09 21.77 -4.89
CA ILE C 16 4.19 21.96 -3.41
C ILE C 16 2.93 21.43 -2.74
N VAL C 17 1.75 21.70 -3.33
CA VAL C 17 0.46 21.30 -2.70
C VAL C 17 0.12 19.83 -3.05
N ALA C 18 1.05 19.10 -3.68
CA ALA C 18 0.82 17.68 -4.02
C ALA C 18 1.90 16.81 -3.37
N TYR C 19 3.18 17.15 -3.56
CA TYR C 19 4.32 16.37 -3.00
C TYR C 19 4.40 16.60 -1.50
N GLY C 20 3.87 17.73 -1.03
CA GLY C 20 3.86 18.02 0.42
C GLY C 20 2.43 18.16 0.92
N GLY C 21 1.51 18.56 0.04
CA GLY C 21 0.10 18.73 0.43
C GLY C 21 -0.12 20.03 1.20
N THR C 22 0.96 20.69 1.63
CA THR C 22 0.79 21.93 2.42
C THR C 22 0.50 23.10 1.50
N ARG C 23 -0.53 23.89 1.82
CA ARG C 23 -0.81 25.14 1.04
C ARG C 23 -0.41 26.32 1.93
N ASN C 24 0.47 26.08 2.91
CA ASN C 24 0.95 27.17 3.80
C ASN C 24 1.96 28.02 3.03
N GLU C 25 2.01 29.32 3.30
CA GLU C 25 2.92 30.16 2.50
C GLU C 25 4.32 29.66 2.73
N SER C 26 4.69 29.35 3.97
CA SER C 26 6.07 28.92 4.28
C SER C 26 6.65 28.06 3.15
N SER C 27 5.86 27.11 2.64
CA SER C 27 6.35 26.20 1.56
C SER C 27 6.01 26.78 0.18
N VAL C 28 4.87 27.46 0.05
CA VAL C 28 4.42 27.99 -1.27
C VAL C 28 5.33 29.12 -1.74
N ARG C 29 5.79 29.98 -0.82
CA ARG C 29 6.64 31.15 -1.18
C ARG C 29 7.83 30.76 -2.04
N ALA C 30 8.44 29.58 -1.79
CA ALA C 30 9.64 29.14 -2.54
C ALA C 30 9.42 29.29 -4.05
N ALA C 31 8.22 28.98 -4.56
CA ALA C 31 7.92 29.10 -6.00
C ALA C 31 8.09 30.56 -6.46
N PHE C 32 7.42 31.50 -5.78
CA PHE C 32 7.48 32.93 -6.20
C PHE C 32 8.88 33.48 -5.93
N GLN C 33 9.55 33.02 -4.88
CA GLN C 33 10.95 33.44 -4.61
C GLN C 33 11.77 33.18 -5.87
N GLN C 34 11.69 31.97 -6.42
CA GLN C 34 12.46 31.60 -7.63
C GLN C 34 12.08 32.51 -8.80
N LEU C 35 10.77 32.60 -9.12
CA LEU C 35 10.31 33.43 -10.26
C LEU C 35 10.88 34.85 -10.11
N LEU C 36 10.67 35.48 -8.96
CA LEU C 36 11.10 36.89 -8.78
C LEU C 36 12.62 36.97 -8.92
N SER C 37 13.36 36.05 -8.29
CA SER C 37 14.84 36.07 -8.34
C SER C 37 15.33 35.94 -9.79
N ASP C 38 14.70 35.07 -10.59
CA ASP C 38 15.17 34.84 -11.98
C ASP C 38 14.82 36.05 -12.85
N TRP C 39 13.57 36.52 -12.92
CA TRP C 39 13.25 37.66 -13.84
C TRP C 39 14.22 38.76 -13.49
N ALA C 40 14.50 38.89 -12.22
CA ALA C 40 15.47 39.90 -11.76
C ALA C 40 16.84 39.67 -12.36
N GLU C 41 17.44 38.51 -12.14
CA GLU C 41 18.82 38.36 -12.68
C GLU C 41 18.75 38.61 -14.18
N GLY C 42 17.67 38.18 -14.81
CA GLY C 42 17.52 38.34 -16.27
C GLY C 42 17.29 39.78 -16.65
N SER C 43 16.95 40.63 -15.69
CA SER C 43 16.83 42.08 -15.99
C SER C 43 17.79 42.83 -15.05
N GLY C 44 19.01 42.32 -14.92
CA GLY C 44 20.04 43.01 -14.10
C GLY C 44 19.57 43.39 -12.71
N LEU C 45 19.43 42.42 -11.79
CA LEU C 45 18.99 42.69 -10.40
C LEU C 45 19.26 41.47 -9.52
N ARG C 46 18.32 41.14 -8.62
CA ARG C 46 18.46 39.99 -7.70
C ARG C 46 17.21 39.94 -6.83
N LEU C 47 17.02 38.92 -6.00
CA LEU C 47 15.94 38.95 -4.98
C LEU C 47 16.55 38.47 -3.65
N ILE C 48 17.27 39.34 -2.92
CA ILE C 48 17.84 38.95 -1.62
C ILE C 48 16.63 38.78 -0.74
N THR C 49 16.60 37.73 0.08
CA THR C 49 15.37 37.45 0.86
C THR C 49 15.41 37.89 2.33
N GLU C 50 14.27 38.01 2.95
CA GLU C 50 14.06 38.56 4.33
C GLU C 50 15.20 39.48 4.79
N VAL C 51 15.39 40.62 4.14
CA VAL C 51 16.40 41.59 4.64
C VAL C 51 15.65 42.60 5.53
N THR C 52 16.00 42.66 6.82
CA THR C 52 15.24 43.52 7.76
C THR C 52 15.36 44.99 7.37
N GLN C 53 14.23 45.65 7.10
CA GLN C 53 14.24 47.11 6.80
C GLN C 53 13.82 47.83 8.08
N LYS C 54 14.14 49.07 8.28
CA LYS C 54 13.64 49.80 9.48
C LYS C 54 12.66 50.90 9.05
N ALA C 55 11.56 51.07 9.74
CA ALA C 55 10.51 52.03 9.33
C ALA C 55 10.85 53.43 9.86
N VAL C 56 10.04 54.43 9.50
CA VAL C 56 10.25 55.81 10.04
C VAL C 56 10.04 55.76 11.56
N ALA C 57 9.03 55.01 12.00
CA ALA C 57 8.68 54.95 13.44
C ALA C 57 9.73 54.14 14.20
N GLY C 58 10.62 53.47 13.45
CA GLY C 58 11.67 52.66 14.09
C GLY C 58 11.20 51.23 14.34
N ASN C 59 10.52 50.63 13.36
CA ASN C 59 10.12 49.21 13.50
C ASN C 59 10.93 48.37 12.52
N ASN C 60 11.65 47.36 13.02
CA ASN C 60 12.48 46.48 12.14
C ASN C 60 11.56 45.56 11.35
N VAL C 61 10.99 46.05 10.24
CA VAL C 61 10.07 45.23 9.41
C VAL C 61 10.87 44.21 8.61
N ARG C 62 10.22 43.12 8.17
CA ARG C 62 10.92 42.05 7.40
C ARG C 62 10.09 41.65 6.17
N PRO C 63 10.19 42.29 4.99
CA PRO C 63 9.48 41.81 3.79
C PRO C 63 10.04 40.46 3.33
N ASP C 64 9.20 39.64 2.70
CA ASP C 64 9.63 38.29 2.25
C ASP C 64 10.70 38.43 1.17
N GLY C 65 10.73 39.59 0.52
CA GLY C 65 11.74 39.87 -0.53
C GLY C 65 12.36 41.24 -0.42
N THR C 66 13.39 41.55 -1.20
CA THR C 66 14.01 42.89 -1.18
C THR C 66 14.85 43.12 -2.42
N LEU C 67 14.24 43.17 -3.60
CA LEU C 67 14.93 43.47 -4.85
C LEU C 67 15.94 44.55 -4.54
N LYS C 68 17.22 44.19 -4.54
CA LYS C 68 18.27 45.18 -4.28
C LYS C 68 19.16 45.28 -5.52
N ASP C 69 19.87 46.38 -5.68
CA ASP C 69 20.82 46.43 -6.82
C ASP C 69 22.27 46.62 -6.44
N SER C 70 23.16 46.62 -7.42
CA SER C 70 24.64 46.50 -7.29
C SER C 70 25.26 47.35 -6.18
N LEU C 71 24.81 48.58 -5.98
CA LEU C 71 25.45 49.48 -4.99
C LEU C 71 24.77 49.21 -3.64
N GLN C 72 24.10 48.06 -3.49
CA GLN C 72 23.48 47.63 -2.21
C GLN C 72 22.34 48.56 -1.80
N GLN C 73 21.53 49.03 -2.74
CA GLN C 73 20.37 49.86 -2.33
C GLN C 73 19.06 49.12 -2.62
N SER C 74 17.96 49.50 -2.10
CA SER C 74 16.69 48.73 -2.29
C SER C 74 15.88 49.38 -3.41
N ARG C 75 15.16 48.58 -4.20
CA ARG C 75 14.41 49.10 -5.37
C ARG C 75 12.95 48.65 -5.25
N GLY C 76 12.73 47.48 -4.66
CA GLY C 76 11.37 46.96 -4.48
C GLY C 76 11.30 46.11 -3.23
N TYR C 77 10.11 45.68 -2.83
CA TYR C 77 9.99 44.78 -1.67
C TYR C 77 8.83 43.84 -1.98
N TRP C 78 8.90 42.55 -1.63
CA TRP C 78 7.82 41.58 -1.94
C TRP C 78 7.21 41.09 -0.64
N GLU C 79 5.91 40.82 -0.57
CA GLU C 79 5.38 40.24 0.68
C GLU C 79 4.24 39.32 0.35
N SER C 80 4.43 38.04 0.60
CA SER C 80 3.41 37.04 0.20
C SER C 80 2.61 36.64 1.42
N LYS C 81 1.29 36.60 1.26
CA LYS C 81 0.42 36.24 2.38
C LYS C 81 -0.13 34.86 2.09
N ASP C 82 -0.70 34.21 3.10
CA ASP C 82 -1.17 32.81 2.93
C ASP C 82 -2.31 32.79 1.92
N GLU C 83 -2.54 31.69 1.19
CA GLU C 83 -3.71 31.65 0.27
C GLU C 83 -5.03 31.48 1.05
N ALA C 84 -5.03 31.73 2.36
CA ALA C 84 -6.24 31.49 3.16
C ALA C 84 -6.66 32.75 3.93
N ASP C 85 -6.75 33.89 3.24
CA ASP C 85 -7.19 35.16 3.90
C ASP C 85 -7.56 36.20 2.84
N THR C 86 -8.59 37.01 3.10
CA THR C 86 -8.92 38.12 2.17
C THR C 86 -7.65 38.97 2.06
N LEU C 87 -7.10 39.13 0.86
CA LEU C 87 -5.80 39.82 0.77
C LEU C 87 -5.94 41.26 1.24
N ASP C 88 -6.96 42.00 0.79
CA ASP C 88 -7.03 43.45 1.09
C ASP C 88 -7.15 43.67 2.60
N ASP C 89 -7.23 42.60 3.39
CA ASP C 89 -7.21 42.85 4.85
C ASP C 89 -5.76 42.81 5.35
N GLU C 90 -5.00 41.80 4.93
CA GLU C 90 -3.60 41.62 5.42
C GLU C 90 -2.70 42.74 4.89
N ILE C 91 -3.02 43.31 3.73
CA ILE C 91 -2.25 44.47 3.19
C ILE C 91 -2.25 45.57 4.25
N GLN C 92 -3.43 45.92 4.76
CA GLN C 92 -3.56 47.00 5.78
C GLN C 92 -2.69 46.66 7.01
N LYS C 93 -2.80 45.42 7.52
CA LYS C 93 -2.05 45.03 8.74
C LYS C 93 -0.55 45.24 8.52
N LYS C 94 -0.02 44.77 7.37
CA LYS C 94 1.42 44.93 7.06
C LYS C 94 1.78 46.42 7.05
N LEU C 95 1.05 47.23 6.28
CA LEU C 95 1.36 48.67 6.15
C LEU C 95 1.25 49.39 7.51
N ALA C 96 0.44 48.86 8.42
CA ALA C 96 0.23 49.52 9.74
C ALA C 96 1.39 49.19 10.69
N LYS C 97 2.40 48.44 10.22
CA LYS C 97 3.60 48.18 11.06
C LYS C 97 4.68 49.13 10.56
N GLY C 98 4.40 49.81 9.43
CA GLY C 98 5.40 50.71 8.83
C GLY C 98 6.00 50.08 7.59
N TYR C 99 5.27 49.15 6.97
CA TYR C 99 5.81 48.43 5.78
C TYR C 99 6.07 49.43 4.65
N PRO C 100 7.15 49.25 3.85
CA PRO C 100 7.50 50.17 2.77
C PRO C 100 6.35 50.47 1.79
N ARG C 101 6.21 51.68 1.28
CA ARG C 101 5.07 51.87 0.39
C ARG C 101 5.58 52.26 -0.99
N ASP C 102 6.89 52.16 -1.19
CA ASP C 102 7.50 52.62 -2.46
C ASP C 102 7.05 51.78 -3.63
N ASN C 103 7.30 50.48 -3.61
CA ASN C 103 6.96 49.58 -4.72
C ASN C 103 6.86 48.21 -4.07
N ILE C 104 5.70 47.87 -3.52
CA ILE C 104 5.60 46.58 -2.77
C ILE C 104 4.58 45.64 -3.43
N ILE C 105 4.96 44.38 -3.66
CA ILE C 105 3.99 43.39 -4.23
C ILE C 105 3.32 42.63 -3.09
N PHE C 106 2.13 43.08 -2.66
CA PHE C 106 1.37 42.30 -1.65
C PHE C 106 0.71 41.17 -2.44
N GLU C 107 1.19 39.94 -2.26
CA GLU C 107 0.70 38.85 -3.15
C GLU C 107 0.17 37.65 -2.37
N ASP C 108 -1.07 37.22 -2.65
CA ASP C 108 -1.55 35.94 -2.06
C ASP C 108 -1.51 34.94 -3.22
N SER C 109 -1.71 33.65 -2.97
CA SER C 109 -1.57 32.66 -4.07
C SER C 109 -2.53 32.96 -5.23
N ARG C 110 -3.65 33.65 -4.98
CA ARG C 110 -4.66 33.87 -6.04
C ARG C 110 -4.53 35.26 -6.68
N LEU C 111 -4.25 36.31 -5.88
CA LEU C 111 -4.23 37.70 -6.44
C LEU C 111 -2.88 38.36 -6.15
N ALA C 112 -2.43 39.24 -7.06
CA ALA C 112 -1.15 39.97 -6.83
C ALA C 112 -1.41 41.48 -6.92
N VAL C 113 -1.31 42.19 -5.79
CA VAL C 113 -1.59 43.66 -5.76
C VAL C 113 -0.26 44.41 -5.75
N LEU C 114 -0.11 45.42 -6.60
CA LEU C 114 1.13 46.25 -6.62
C LEU C 114 0.82 47.65 -6.06
N MET C 115 1.56 48.08 -5.03
CA MET C 115 1.39 49.45 -4.51
C MET C 115 2.62 50.26 -4.89
N GLN C 116 2.48 51.53 -5.23
CA GLN C 116 3.63 52.42 -5.52
C GLN C 116 3.40 53.83 -4.92
N ASN C 117 4.26 54.38 -4.02
CA ASN C 117 3.96 55.69 -3.36
C ASN C 117 2.83 55.50 -2.34
N GLY C 118 1.66 55.03 -2.77
CA GLY C 118 0.57 54.76 -1.82
C GLY C 118 -0.72 54.36 -2.50
N GLU C 119 -0.67 54.03 -3.79
CA GLU C 119 -1.91 53.71 -4.54
C GLU C 119 -1.83 52.30 -5.14
N GLU C 120 -2.95 51.60 -5.21
CA GLU C 120 -2.95 50.26 -5.88
C GLU C 120 -2.84 50.49 -7.38
N VAL C 121 -1.67 50.19 -7.95
CA VAL C 121 -1.45 50.40 -9.41
C VAL C 121 -2.23 49.32 -10.18
N GLN C 122 -2.21 48.07 -9.70
CA GLN C 122 -2.84 46.98 -10.46
C GLN C 122 -3.09 45.75 -9.62
N ARG C 123 -4.10 44.95 -9.96
CA ARG C 123 -4.41 43.68 -9.25
C ARG C 123 -4.72 42.64 -10.34
N VAL C 124 -4.02 41.50 -10.36
CA VAL C 124 -4.19 40.53 -11.49
C VAL C 124 -4.52 39.15 -10.96
N ASP C 125 -5.19 38.30 -11.71
CA ASP C 125 -5.37 36.93 -11.19
C ASP C 125 -4.03 36.29 -11.48
N MET C 126 -3.36 35.72 -10.48
CA MET C 126 -1.98 35.22 -10.74
C MET C 126 -2.04 34.00 -11.64
N GLY C 127 -3.25 33.51 -11.94
CA GLY C 127 -3.40 32.33 -12.81
C GLY C 127 -3.19 32.70 -14.26
N ASP C 128 -3.80 33.81 -14.69
CA ASP C 128 -3.61 34.28 -16.09
C ASP C 128 -2.12 34.57 -16.31
N ALA C 129 -1.49 33.82 -17.22
CA ALA C 129 -0.04 34.00 -17.50
C ALA C 129 0.21 35.40 -18.05
N GLY C 130 -0.48 35.78 -19.12
CA GLY C 130 -0.27 37.09 -19.75
C GLY C 130 -0.49 38.26 -18.79
N ALA C 131 -1.42 38.11 -17.84
CA ALA C 131 -1.76 39.26 -16.96
C ALA C 131 -0.66 39.49 -15.93
N LEU C 132 -0.27 38.45 -15.20
CA LEU C 132 0.83 38.57 -14.23
C LEU C 132 2.02 39.08 -15.00
N ALA C 133 2.30 38.49 -16.15
CA ALA C 133 3.51 38.86 -16.88
C ALA C 133 3.49 40.37 -16.99
N GLY C 134 2.32 40.97 -17.22
CA GLY C 134 2.21 42.44 -17.28
C GLY C 134 2.59 43.10 -15.96
N LEU C 135 1.92 42.73 -14.86
CA LEU C 135 2.17 43.36 -13.53
C LEU C 135 3.64 43.18 -13.11
N LEU C 136 4.18 41.96 -13.26
CA LEU C 136 5.57 41.69 -12.80
C LEU C 136 6.53 42.62 -13.56
N LYS C 137 6.38 42.71 -14.89
CA LYS C 137 7.24 43.60 -15.71
C LYS C 137 7.18 45.03 -15.14
N LEU C 138 5.98 45.53 -14.83
CA LEU C 138 5.83 46.92 -14.31
C LEU C 138 6.63 47.09 -13.01
N PHE C 139 6.54 46.12 -12.09
CA PHE C 139 7.27 46.19 -10.81
C PHE C 139 8.78 46.27 -11.07
N PHE C 140 9.29 45.46 -12.01
CA PHE C 140 10.74 45.41 -12.29
C PHE C 140 11.19 46.65 -13.08
N GLU C 141 10.25 47.44 -13.59
CA GLU C 141 10.62 48.61 -14.44
C GLU C 141 10.33 49.92 -13.71
N PHE C 142 9.70 49.86 -12.53
CA PHE C 142 9.40 51.08 -11.75
C PHE C 142 10.74 51.65 -11.27
N GLU C 143 11.18 52.70 -11.93
CA GLU C 143 12.49 53.28 -11.57
C GLU C 143 12.23 54.48 -10.63
N PRO C 144 13.06 54.81 -9.60
CA PRO C 144 12.87 56.04 -8.84
C PRO C 144 12.93 57.27 -9.75
N SER D 2 -5.32 -34.41 22.93
CA SER D 2 -4.79 -35.61 22.23
C SER D 2 -5.26 -35.57 20.78
N LEU D 3 -6.57 -35.52 20.54
CA LEU D 3 -7.08 -35.38 19.16
C LEU D 3 -7.45 -33.92 18.95
N GLN D 4 -8.19 -33.33 19.89
CA GLN D 4 -8.47 -31.87 19.77
C GLN D 4 -7.16 -31.10 19.94
N LEU D 5 -6.31 -31.52 20.88
CA LEU D 5 -5.00 -30.85 21.01
C LEU D 5 -4.20 -30.99 19.72
N VAL D 6 -4.09 -32.17 19.12
CA VAL D 6 -3.25 -32.22 17.89
C VAL D 6 -3.90 -31.32 16.85
N LYS D 7 -5.23 -31.27 16.83
CA LYS D 7 -5.94 -30.45 15.80
C LYS D 7 -5.79 -28.96 16.09
N LYS D 8 -4.97 -28.58 17.05
CA LYS D 8 -4.71 -27.14 17.25
C LYS D 8 -3.22 -26.91 17.04
N PHE D 9 -2.39 -27.96 17.15
CA PHE D 9 -0.95 -27.79 16.81
C PHE D 9 -0.92 -27.41 15.34
N GLN D 10 -1.82 -28.01 14.56
CA GLN D 10 -1.92 -27.64 13.13
C GLN D 10 -2.15 -26.13 13.03
N LYS D 11 -3.18 -25.60 13.67
CA LYS D 11 -3.49 -24.16 13.51
C LYS D 11 -2.24 -23.33 13.80
N ARG D 12 -1.56 -23.59 14.91
CA ARG D 12 -0.41 -22.73 15.27
C ARG D 12 0.82 -23.08 14.44
N LEU D 13 0.70 -23.99 13.47
CA LEU D 13 1.86 -24.24 12.58
C LEU D 13 1.71 -23.24 11.45
N GLU D 14 0.54 -23.27 10.83
CA GLU D 14 0.27 -22.33 9.72
C GLU D 14 0.46 -20.92 10.28
N ASP D 15 0.29 -20.76 11.58
CA ASP D 15 0.31 -19.37 12.10
C ASP D 15 1.74 -18.85 12.10
N ILE D 16 2.73 -19.69 12.42
CA ILE D 16 4.16 -19.26 12.36
C ILE D 16 4.44 -18.68 10.97
N VAL D 17 4.01 -19.36 9.90
CA VAL D 17 4.35 -18.90 8.53
C VAL D 17 3.43 -17.75 8.09
N ALA D 18 2.18 -17.73 8.55
CA ALA D 18 1.22 -16.69 8.10
C ALA D 18 1.59 -15.34 8.74
N TYR D 19 2.03 -15.37 10.01
CA TYR D 19 2.33 -14.11 10.73
C TYR D 19 3.81 -13.74 10.56
N GLY D 20 4.71 -14.70 10.74
CA GLY D 20 6.15 -14.43 10.64
C GLY D 20 6.62 -14.36 9.20
N GLY D 21 6.35 -15.42 8.42
CA GLY D 21 6.83 -15.47 7.03
C GLY D 21 8.21 -16.09 6.93
N THR D 22 8.46 -17.16 7.69
CA THR D 22 9.78 -17.83 7.69
C THR D 22 9.55 -19.32 7.90
N ARG D 23 10.45 -20.17 7.40
CA ARG D 23 10.34 -21.62 7.65
C ARG D 23 11.64 -22.09 8.29
N ASN D 24 12.46 -21.16 8.80
CA ASN D 24 13.70 -21.54 9.53
C ASN D 24 13.32 -22.33 10.78
N GLU D 25 14.13 -23.35 11.14
CA GLU D 25 13.83 -24.23 12.30
C GLU D 25 13.52 -23.40 13.56
N SER D 26 14.36 -22.42 13.89
CA SER D 26 14.20 -21.63 15.16
C SER D 26 12.77 -21.15 15.40
N SER D 27 12.06 -20.72 14.36
CA SER D 27 10.70 -20.13 14.58
C SER D 27 9.59 -21.18 14.46
N VAL D 28 9.75 -22.19 13.60
CA VAL D 28 8.66 -23.18 13.37
C VAL D 28 8.61 -24.21 14.50
N ARG D 29 9.55 -24.12 15.46
CA ARG D 29 9.61 -25.14 16.55
C ARG D 29 8.67 -24.75 17.69
N ALA D 30 8.05 -23.59 17.59
CA ALA D 30 7.23 -23.12 18.71
C ALA D 30 5.94 -23.89 18.75
N ALA D 31 5.48 -24.42 17.62
CA ALA D 31 4.19 -25.14 17.59
C ALA D 31 4.35 -26.50 18.29
N PHE D 32 5.33 -27.29 17.85
CA PHE D 32 5.52 -28.64 18.44
C PHE D 32 5.90 -28.51 19.92
N GLN D 33 6.75 -27.54 20.27
CA GLN D 33 7.08 -27.30 21.71
C GLN D 33 5.76 -27.21 22.49
N GLN D 34 4.90 -26.25 22.12
CA GLN D 34 3.60 -26.06 22.81
C GLN D 34 2.88 -27.40 22.90
N LEU D 35 2.65 -28.06 21.75
CA LEU D 35 1.88 -29.34 21.76
C LEU D 35 2.46 -30.29 22.82
N LEU D 36 3.76 -30.61 22.71
CA LEU D 36 4.39 -31.58 23.64
C LEU D 36 4.16 -31.14 25.08
N SER D 37 4.52 -29.90 25.42
CA SER D 37 4.39 -29.43 26.83
C SER D 37 2.95 -29.63 27.30
N ASP D 38 1.96 -29.17 26.52
CA ASP D 38 0.54 -29.26 26.94
C ASP D 38 0.16 -30.72 27.19
N TRP D 39 0.48 -31.61 26.23
CA TRP D 39 0.16 -33.05 26.39
C TRP D 39 0.78 -33.57 27.69
N ALA D 40 2.07 -33.31 27.91
CA ALA D 40 2.77 -33.81 29.11
C ALA D 40 2.12 -33.29 30.40
N GLU D 41 1.68 -32.03 30.42
CA GLU D 41 1.13 -31.41 31.66
C GLU D 41 0.03 -32.30 32.27
N GLY D 42 -1.05 -32.57 31.53
CA GLY D 42 -2.14 -33.43 32.03
C GLY D 42 -1.63 -34.80 32.47
N SER D 43 -0.74 -35.42 31.68
CA SER D 43 -0.21 -36.76 32.01
C SER D 43 0.62 -36.70 33.28
N GLY D 44 1.12 -35.52 33.66
CA GLY D 44 2.03 -35.49 34.82
C GLY D 44 3.44 -34.99 34.53
N LEU D 45 4.02 -35.37 33.40
CA LEU D 45 5.42 -34.95 33.05
C LEU D 45 5.48 -33.49 32.56
N ARG D 46 6.64 -33.05 32.08
CA ARG D 46 6.79 -31.67 31.56
C ARG D 46 7.96 -31.62 30.57
N LEU D 47 7.77 -31.01 29.39
CA LEU D 47 8.90 -30.87 28.44
C LEU D 47 9.70 -29.61 28.80
N ILE D 48 10.84 -29.78 29.47
CA ILE D 48 11.74 -28.62 29.75
C ILE D 48 12.65 -28.47 28.53
N THR D 49 12.46 -27.41 27.75
CA THR D 49 13.21 -27.28 26.46
C THR D 49 14.71 -27.05 26.67
N GLU D 50 15.53 -27.55 25.74
CA GLU D 50 17.01 -27.31 25.74
C GLU D 50 17.67 -27.53 27.10
N VAL D 51 17.73 -28.78 27.57
CA VAL D 51 18.49 -29.06 28.81
C VAL D 51 19.79 -29.74 28.36
N THR D 52 20.92 -29.00 28.39
CA THR D 52 22.22 -29.55 27.91
C THR D 52 22.45 -30.95 28.49
N GLN D 53 22.45 -31.97 27.63
CA GLN D 53 22.59 -33.36 28.12
C GLN D 53 24.00 -33.86 27.77
N LYS D 54 24.62 -34.69 28.63
CA LYS D 54 26.03 -35.11 28.41
C LYS D 54 26.10 -36.20 27.35
N ALA D 55 27.30 -36.71 27.10
CA ALA D 55 27.47 -37.69 26.02
C ALA D 55 28.48 -38.74 26.43
N VAL D 56 28.49 -39.89 25.75
CA VAL D 56 29.53 -40.92 26.00
C VAL D 56 30.86 -40.32 25.52
N ALA D 57 30.94 -40.00 24.22
CA ALA D 57 32.15 -39.35 23.67
C ALA D 57 31.90 -37.85 23.42
N GLY D 58 32.23 -36.99 24.39
CA GLY D 58 32.09 -35.55 24.11
C GLY D 58 32.25 -34.66 25.33
N ASN D 59 32.31 -33.35 25.11
CA ASN D 59 32.34 -32.39 26.23
C ASN D 59 30.90 -32.20 26.67
N ASN D 60 29.97 -32.01 25.74
CA ASN D 60 28.53 -31.92 26.11
C ASN D 60 27.70 -31.80 24.84
N VAL D 61 26.42 -32.24 24.86
CA VAL D 61 25.53 -32.01 23.68
C VAL D 61 24.29 -31.24 24.15
N ARG D 62 23.36 -30.88 23.27
CA ARG D 62 22.24 -30.04 23.73
C ARG D 62 20.95 -30.37 22.97
N PRO D 63 20.08 -31.28 23.47
CA PRO D 63 18.80 -31.52 22.82
C PRO D 63 17.88 -30.29 22.89
N ASP D 64 16.75 -30.25 22.17
CA ASP D 64 15.88 -29.03 22.11
C ASP D 64 14.62 -29.30 22.90
N GLY D 65 14.44 -30.51 23.38
CA GLY D 65 13.32 -31.00 24.22
C GLY D 65 13.79 -32.04 25.21
N THR D 66 13.46 -31.98 26.52
CA THR D 66 14.02 -33.01 27.44
C THR D 66 12.99 -33.40 28.49
N LEU D 67 12.02 -34.25 28.16
CA LEU D 67 10.96 -34.56 29.16
C LEU D 67 11.73 -34.92 30.44
N LYS D 68 11.59 -34.11 31.49
CA LYS D 68 12.24 -34.37 32.80
C LYS D 68 11.11 -34.58 33.80
N ASP D 69 11.06 -35.72 34.49
CA ASP D 69 9.92 -36.00 35.40
C ASP D 69 9.98 -35.16 36.67
N SER D 70 9.03 -35.38 37.59
CA SER D 70 8.96 -34.58 38.84
C SER D 70 10.24 -34.74 39.66
N LEU D 71 10.97 -35.82 39.43
CA LEU D 71 12.21 -36.06 40.18
C LEU D 71 13.41 -35.87 39.25
N GLN D 72 13.42 -34.79 38.48
CA GLN D 72 14.61 -34.46 37.66
C GLN D 72 15.29 -35.69 37.07
N GLN D 73 14.56 -36.51 36.33
CA GLN D 73 15.20 -37.65 35.63
C GLN D 73 14.74 -37.60 34.17
N SER D 74 15.68 -37.63 33.22
CA SER D 74 15.32 -37.48 31.78
C SER D 74 14.66 -38.74 31.25
N ARG D 75 13.43 -38.68 30.71
CA ARG D 75 12.86 -39.96 30.21
C ARG D 75 12.24 -39.73 28.82
N GLY D 76 13.04 -39.20 27.89
CA GLY D 76 12.50 -38.88 26.55
C GLY D 76 13.03 -37.56 26.06
N TYR D 77 13.10 -37.35 24.75
CA TYR D 77 13.70 -36.12 24.19
C TYR D 77 13.05 -35.77 22.84
N TRP D 78 13.43 -34.65 22.20
CA TRP D 78 12.92 -34.32 20.84
C TRP D 78 13.96 -33.43 20.15
N GLU D 79 14.33 -33.77 18.90
CA GLU D 79 15.26 -32.91 18.13
C GLU D 79 14.50 -32.42 16.90
N SER D 80 14.27 -31.11 16.80
CA SER D 80 13.49 -30.55 15.65
C SER D 80 14.35 -30.58 14.38
N LYS D 81 13.73 -30.34 13.23
CA LYS D 81 14.47 -30.33 11.93
C LYS D 81 13.86 -29.26 11.03
N ASP D 82 14.69 -28.52 10.28
CA ASP D 82 14.15 -27.54 9.30
C ASP D 82 13.75 -28.29 8.03
N GLU D 83 12.83 -27.74 7.24
CA GLU D 83 12.34 -28.50 6.06
C GLU D 83 13.50 -28.78 5.10
N ALA D 84 14.47 -27.86 5.04
CA ALA D 84 15.63 -28.01 4.13
C ALA D 84 16.29 -29.38 4.27
N ASP D 85 16.68 -29.76 5.48
CA ASP D 85 17.45 -31.03 5.64
C ASP D 85 16.61 -32.26 5.31
N THR D 86 17.25 -33.31 4.81
CA THR D 86 16.53 -34.60 4.62
C THR D 86 16.46 -35.24 5.99
N LEU D 87 15.28 -35.36 6.61
CA LEU D 87 15.23 -35.86 8.00
C LEU D 87 16.09 -37.12 8.17
N ASP D 88 15.94 -38.12 7.30
CA ASP D 88 16.66 -39.39 7.53
C ASP D 88 18.16 -39.16 7.70
N ASP D 89 18.75 -38.26 6.93
CA ASP D 89 20.23 -38.11 7.00
C ASP D 89 20.55 -37.15 8.14
N GLU D 90 19.54 -36.42 8.59
CA GLU D 90 19.80 -35.59 9.78
C GLU D 90 19.79 -36.53 10.98
N ILE D 91 19.03 -37.63 10.91
CA ILE D 91 19.00 -38.63 12.03
C ILE D 91 20.42 -39.19 12.19
N GLN D 92 20.99 -39.81 11.16
CA GLN D 92 22.32 -40.44 11.36
C GLN D 92 23.34 -39.38 11.77
N LYS D 93 23.25 -38.17 11.21
CA LYS D 93 24.17 -37.09 11.62
C LYS D 93 24.00 -36.89 13.12
N LYS D 94 22.76 -36.85 13.59
CA LYS D 94 22.50 -36.58 15.03
C LYS D 94 23.01 -37.76 15.88
N LEU D 95 22.51 -38.97 15.64
CA LEU D 95 22.87 -40.13 16.48
C LEU D 95 24.31 -40.57 16.24
N ALA D 96 25.19 -39.70 15.72
CA ALA D 96 26.60 -40.08 15.60
C ALA D 96 27.44 -39.14 16.47
N LYS D 97 27.15 -37.86 16.38
CA LYS D 97 27.85 -36.88 17.27
C LYS D 97 27.80 -37.36 18.72
N GLY D 98 26.67 -37.94 19.14
CA GLY D 98 26.51 -38.43 20.53
C GLY D 98 25.14 -38.09 21.06
N TYR D 99 24.09 -38.31 20.26
CA TYR D 99 22.71 -37.97 20.69
C TYR D 99 22.06 -39.20 21.31
N PRO D 100 21.19 -39.04 22.33
CA PRO D 100 20.55 -40.17 23.00
C PRO D 100 19.63 -40.98 22.08
N ARG D 101 19.33 -42.22 22.45
CA ARG D 101 18.40 -43.06 21.65
C ARG D 101 17.41 -43.73 22.61
N ASP D 102 17.51 -43.42 23.91
CA ASP D 102 16.63 -44.07 24.93
C ASP D 102 15.17 -43.69 24.66
N ASN D 103 14.94 -42.52 24.07
CA ASN D 103 13.56 -42.06 23.70
C ASN D 103 13.71 -40.67 23.09
N ILE D 104 13.53 -40.49 21.78
CA ILE D 104 13.77 -39.16 21.18
C ILE D 104 12.77 -39.00 20.04
N ILE D 105 12.12 -37.85 19.88
CA ILE D 105 11.22 -37.72 18.70
C ILE D 105 11.97 -36.97 17.60
N PHE D 106 12.15 -37.61 16.45
CA PHE D 106 12.79 -36.89 15.32
C PHE D 106 11.64 -36.41 14.45
N GLU D 107 11.37 -35.10 14.53
CA GLU D 107 10.23 -34.50 13.79
C GLU D 107 10.78 -33.45 12.82
N ASP D 108 10.29 -33.44 11.58
CA ASP D 108 10.71 -32.37 10.64
C ASP D 108 9.64 -31.26 10.74
N SER D 109 8.56 -31.40 9.98
CA SER D 109 7.43 -30.42 10.06
C SER D 109 6.17 -31.09 9.50
N ARG D 110 6.35 -32.21 8.79
CA ARG D 110 5.20 -32.90 8.15
C ARG D 110 5.38 -34.42 8.26
N LEU D 111 6.35 -34.88 9.05
CA LEU D 111 6.62 -36.34 9.20
C LEU D 111 7.43 -36.49 10.47
N ALA D 112 7.20 -37.55 11.25
CA ALA D 112 7.88 -37.69 12.55
C ALA D 112 8.13 -39.16 12.87
N VAL D 113 9.33 -39.47 13.39
CA VAL D 113 9.63 -40.87 13.79
C VAL D 113 9.83 -40.86 15.31
N LEU D 114 9.71 -42.00 15.99
CA LEU D 114 10.03 -42.06 17.45
C LEU D 114 11.15 -43.08 17.66
N MET D 115 12.41 -42.68 17.55
CA MET D 115 13.47 -43.67 17.85
C MET D 115 13.38 -43.97 19.34
N GLN D 116 12.82 -45.13 19.74
CA GLN D 116 12.59 -45.43 21.18
C GLN D 116 13.54 -46.50 21.74
N ASN D 117 14.34 -46.15 22.75
CA ASN D 117 15.20 -47.14 23.45
C ASN D 117 15.93 -48.12 22.51
N GLY D 118 16.70 -47.61 21.55
CA GLY D 118 17.53 -48.52 20.73
C GLY D 118 16.92 -48.96 19.41
N GLU D 119 15.76 -48.45 19.01
CA GLU D 119 15.19 -48.80 17.68
C GLU D 119 14.01 -47.89 17.30
N GLU D 120 13.82 -47.63 16.01
CA GLU D 120 12.61 -46.87 15.59
C GLU D 120 11.32 -47.67 15.83
N VAL D 121 10.24 -47.00 16.27
CA VAL D 121 8.94 -47.71 16.41
C VAL D 121 8.19 -47.60 15.08
N GLN D 122 7.42 -46.52 14.89
CA GLN D 122 6.63 -46.35 13.65
C GLN D 122 6.79 -44.92 13.15
N ARG D 123 6.76 -44.72 11.84
CA ARG D 123 6.98 -43.37 11.26
C ARG D 123 5.63 -42.81 10.87
N VAL D 124 5.27 -41.64 11.39
CA VAL D 124 3.92 -41.10 11.10
C VAL D 124 4.06 -39.72 10.47
N ASP D 125 3.07 -39.31 9.69
CA ASP D 125 3.10 -37.97 9.07
C ASP D 125 2.39 -37.02 10.04
N MET D 126 2.83 -35.77 10.11
CA MET D 126 2.20 -34.87 11.12
C MET D 126 0.90 -34.26 10.57
N GLY D 127 0.70 -34.31 9.25
CA GLY D 127 -0.57 -33.81 8.69
C GLY D 127 -1.75 -34.61 9.22
N ASP D 128 -1.56 -35.90 9.48
CA ASP D 128 -2.68 -36.77 9.94
C ASP D 128 -2.81 -36.68 11.46
N ALA D 129 -3.92 -36.11 11.94
CA ALA D 129 -4.11 -35.94 13.40
C ALA D 129 -4.08 -37.30 14.09
N GLY D 130 -4.82 -38.28 13.57
CA GLY D 130 -4.91 -39.59 14.22
C GLY D 130 -3.57 -40.28 14.33
N ALA D 131 -2.71 -40.07 13.33
CA ALA D 131 -1.37 -40.68 13.32
C ALA D 131 -0.51 -40.04 14.40
N LEU D 132 -0.32 -38.72 14.35
CA LEU D 132 0.59 -38.04 15.31
C LEU D 132 0.08 -38.32 16.72
N ALA D 133 -1.24 -38.39 16.90
CA ALA D 133 -1.78 -38.74 18.22
C ALA D 133 -1.20 -40.09 18.65
N GLY D 134 -1.44 -41.17 17.91
CA GLY D 134 -0.96 -42.49 18.34
C GLY D 134 0.50 -42.45 18.73
N LEU D 135 1.35 -41.79 17.95
CA LEU D 135 2.81 -41.83 18.22
C LEU D 135 3.15 -41.04 19.48
N LEU D 136 2.61 -39.84 19.64
CA LEU D 136 3.00 -39.02 20.80
C LEU D 136 2.53 -39.76 22.06
N LYS D 137 1.38 -40.44 21.99
CA LYS D 137 0.93 -41.26 23.13
C LYS D 137 2.09 -42.15 23.58
N LEU D 138 2.75 -42.86 22.65
CA LEU D 138 3.82 -43.81 23.03
C LEU D 138 5.02 -43.04 23.57
N PHE D 139 5.32 -41.87 23.01
CA PHE D 139 6.41 -41.07 23.61
C PHE D 139 6.04 -40.79 25.06
N PHE D 140 4.73 -40.82 25.37
CA PHE D 140 4.38 -40.42 26.75
C PHE D 140 4.01 -41.66 27.57
N GLU D 141 3.64 -42.76 26.90
CA GLU D 141 3.28 -44.00 27.62
C GLU D 141 4.48 -44.95 27.65
N PHE D 142 5.65 -44.50 27.22
CA PHE D 142 6.88 -45.33 27.32
C PHE D 142 7.33 -45.16 28.75
N GLU D 143 7.50 -46.26 29.49
CA GLU D 143 8.04 -46.14 30.86
C GLU D 143 9.23 -47.06 30.95
N PRO D 144 10.25 -46.74 31.77
CA PRO D 144 11.39 -47.65 31.96
C PRO D 144 11.02 -49.08 32.45
N PRO D 145 11.91 -50.12 32.40
CA PRO D 145 11.54 -51.50 32.74
C PRO D 145 11.14 -51.72 34.20
N GLN D 146 11.78 -51.01 35.13
CA GLN D 146 11.46 -51.14 36.58
C GLN D 146 9.98 -50.84 36.80
N VAL D 147 9.50 -49.75 36.21
CA VAL D 147 8.06 -49.36 36.35
C VAL D 147 7.18 -50.51 35.87
#